data_1E3D
#
_entry.id   1E3D
#
_cell.length_a   64.090
_cell.length_b   169.980
_cell.length_c   72.620
_cell.angle_alpha   90.00
_cell.angle_beta   92.80
_cell.angle_gamma   90.00
#
_symmetry.space_group_name_H-M   'P 1 21 1'
#
loop_
_entity.id
_entity.type
_entity.pdbx_description
1 polymer '[NiFe] hydrogenase small subunit'
2 polymer '[NiFe] hydrogenase large subunit'
3 non-polymer 'FE3-S4 CLUSTER'
4 non-polymer 'IRON/SULFUR CLUSTER'
5 non-polymer 'BIS-(MU-2-OXO),[(MU-3--SULFIDO)-BIS(MU-2--SULFIDO)-TRIS(CYS-S)-TRI-IRON] (AQUA)(GLU-O)IRON(II)'
6 non-polymer 'HYDROSULFURIC ACID'
7 non-polymer (MU-SULPHIDO)-BIS(MU-CYS,S)-[TRICARBONYLIRON-DI-(CYS,S)NICKEL(II)](FE-NI)
8 non-polymer 'MAGNESIUM ION'
9 water water
#
loop_
_entity_poly.entity_id
_entity_poly.type
_entity_poly.pdbx_seq_one_letter_code
_entity_poly.pdbx_strand_id
1 'polypeptide(L)'
;ALTGSRPSVVYLHAAECTGCSEALLRTYQPFIDTLILDTISLDYHETIMAAAGEAAEEALQAAVNGPDGFICLVEGAIPT
GMDNKYGYIAGHTMYDICKNILPKAKAVVSIGTCACYGGIQAAKPNPTAAKGINDCYADLGVKAINVPGCPPNPLNMVGT
LVAFLKGQKIELDEVGRPVMFFGQSVHDLCERRKHFDAGEFAPSFNSEEARKGWCLYDVGCKGPETYNNCPKVLFNETNW
PVAAGHPCIGCSEPNFWDDMTPFYQN
;
A,C
2 'polypeptide(L)'
;SQVTKTPRSNYTGPIVVDPLTRIEGHLRIEVEVEGGVIKEARSCATLFRGIETILKGRDPRDAQHFTQRTCGVCTYTHAL
ASTRCLEDAINKPIPANATYIRNLVLGNQFMHDHLVHFYHLHALDFVDVTSALLADPAKAAKLANSISPRKATTEEFAAV
QAKLKTFVASGQLGPFTNAYFLGGHEGYYMDPEANLVCTAHYLQALRAQVEVAKGMAVFGAKNPHTQFTVAGGVTCYEAL
TPERIKQFRELYVKARAFIEEVYIPDLLLVASYYKDWGKIGGTNNFMAFGEFPAPGGERDLNSRWYKPGVIYDRKVGSVQ
PFDPSKIEEHVRHSWYEGKARAPFEGETNPHFTFMGDTDKYSWNKAPRYDGHAVETGPLAQMLVAYGHNHKTIKPTIDAV
LGKLNLGPEALFSTLGRTAARGIQTLVIAQQMENWLNEYENNIVKDKQIVEDYAVPTSARGVGFADVSRGGLSHWMTIED
GKIDNFQLVVPTTWNLGPRDDKGVPSAAEAALVGTPVADPKRPVEILRTIHSFDPCIACSTH
;
B,D
#
loop_
_chem_comp.id
_chem_comp.type
_chem_comp.name
_chem_comp.formula
F3S non-polymer 'FE3-S4 CLUSTER' 'Fe3 S4'
FNE non-polymer (MU-SULPHIDO)-BIS(MU-CYS,S)-[TRICARBONYLIRON-DI-(CYS,S)NICKEL(II)](FE-NI) 'C3 Fe Ni O3 S'
FSX non-polymer 'BIS-(MU-2-OXO),[(MU-3--SULFIDO)-BIS(MU-2--SULFIDO)-TRIS(CYS-S)-TRI-IRON] (AQUA)(GLU-O)IRON(II)' 'Fe4 O3 S3'
H2S non-polymer 'HYDROSULFURIC ACID' 'H2 S'
MG non-polymer 'MAGNESIUM ION' 'Mg 2'
SF4 non-polymer 'IRON/SULFUR CLUSTER' 'Fe4 S4'
#
# COMPACT_ATOMS: atom_id res chain seq x y z
N SER A 5 1.71 -0.48 -27.11
CA SER A 5 2.53 0.02 -26.01
C SER A 5 2.20 -0.70 -24.70
N ARG A 6 0.92 -0.77 -24.33
CA ARG A 6 0.60 -1.57 -23.13
C ARG A 6 0.72 -3.04 -23.48
N PRO A 7 1.23 -3.84 -22.54
CA PRO A 7 1.41 -5.28 -22.79
C PRO A 7 0.08 -6.00 -23.05
N SER A 8 0.08 -6.85 -24.07
CA SER A 8 -1.07 -7.59 -24.55
C SER A 8 -1.33 -8.82 -23.67
N VAL A 9 -2.57 -8.97 -23.25
CA VAL A 9 -3.05 -10.08 -22.45
C VAL A 9 -4.26 -10.69 -23.16
N VAL A 10 -4.18 -11.99 -23.39
CA VAL A 10 -5.29 -12.76 -23.95
C VAL A 10 -5.82 -13.64 -22.83
N TYR A 11 -7.13 -13.57 -22.60
CA TYR A 11 -7.76 -14.39 -21.56
C TYR A 11 -8.71 -15.39 -22.23
N LEU A 12 -8.44 -16.66 -22.02
CA LEU A 12 -9.23 -17.73 -22.59
C LEU A 12 -10.05 -18.47 -21.54
N HIS A 13 -11.25 -18.88 -21.94
CA HIS A 13 -12.13 -19.70 -21.16
C HIS A 13 -12.35 -21.06 -21.81
N ALA A 14 -12.05 -22.10 -21.08
CA ALA A 14 -12.28 -23.47 -21.50
C ALA A 14 -13.45 -24.06 -20.71
N ALA A 15 -13.24 -25.14 -19.97
CA ALA A 15 -14.31 -25.69 -19.12
C ALA A 15 -14.21 -25.10 -17.71
N GLU A 16 -15.05 -24.10 -17.45
CA GLU A 16 -15.03 -23.29 -16.26
C GLU A 16 -16.41 -22.76 -15.89
N CYS A 17 -16.50 -22.19 -14.69
CA CYS A 17 -17.74 -21.65 -14.16
C CYS A 17 -17.73 -20.13 -14.14
N THR A 18 -16.64 -19.54 -14.60
CA THR A 18 -16.44 -18.10 -14.72
C THR A 18 -16.20 -17.47 -13.36
N GLY A 19 -15.99 -18.30 -12.34
CA GLY A 19 -15.62 -17.83 -11.01
C GLY A 19 -14.33 -17.03 -11.00
N CYS A 20 -13.38 -17.41 -11.86
CA CYS A 20 -12.08 -16.76 -11.86
C CYS A 20 -12.19 -15.39 -12.50
N SER A 21 -13.02 -15.29 -13.55
CA SER A 21 -13.19 -13.98 -14.16
C SER A 21 -13.84 -13.02 -13.19
N GLU A 22 -14.80 -13.57 -12.45
CA GLU A 22 -15.48 -12.73 -11.45
C GLU A 22 -14.46 -12.32 -10.38
N ALA A 23 -13.65 -13.24 -9.88
CA ALA A 23 -12.59 -12.88 -8.93
C ALA A 23 -11.72 -11.74 -9.47
N LEU A 24 -11.28 -11.87 -10.73
CA LEU A 24 -10.44 -10.83 -11.33
C LEU A 24 -11.12 -9.47 -11.22
N LEU A 25 -12.44 -9.50 -11.43
CA LEU A 25 -13.19 -8.25 -11.38
C LEU A 25 -13.20 -7.65 -9.98
N ARG A 26 -12.83 -8.43 -8.97
CA ARG A 26 -12.80 -7.90 -7.60
C ARG A 26 -11.43 -7.32 -7.26
N THR A 27 -10.53 -7.23 -8.24
CA THR A 27 -9.19 -6.73 -7.97
C THR A 27 -9.22 -5.31 -7.43
N TYR A 28 -8.36 -5.06 -6.44
CA TYR A 28 -8.31 -3.70 -5.89
C TYR A 28 -6.87 -3.19 -5.77
N GLN A 29 -5.88 -3.92 -6.24
CA GLN A 29 -4.50 -3.45 -6.27
C GLN A 29 -3.85 -3.74 -7.61
N PRO A 30 -4.18 -3.00 -8.67
CA PRO A 30 -5.18 -1.95 -8.67
C PRO A 30 -6.57 -2.43 -9.09
N PHE A 31 -7.48 -1.47 -9.21
CA PHE A 31 -8.82 -1.75 -9.68
C PHE A 31 -8.77 -2.19 -11.15
N ILE A 32 -9.81 -2.88 -11.62
CA ILE A 32 -9.85 -3.42 -12.97
C ILE A 32 -9.84 -2.31 -14.02
N ASP A 33 -10.47 -1.17 -13.76
CA ASP A 33 -10.43 -0.13 -14.80
C ASP A 33 -9.00 0.38 -14.97
N THR A 34 -8.30 0.58 -13.86
CA THR A 34 -6.89 0.93 -13.96
C THR A 34 -6.12 -0.12 -14.72
N LEU A 35 -6.33 -1.39 -14.40
CA LEU A 35 -5.58 -2.46 -15.07
C LEU A 35 -5.76 -2.43 -16.58
N ILE A 36 -6.99 -2.30 -17.09
CA ILE A 36 -7.11 -2.47 -18.54
C ILE A 36 -6.97 -1.18 -19.32
N LEU A 37 -7.04 -0.02 -18.69
CA LEU A 37 -6.75 1.22 -19.41
C LEU A 37 -5.28 1.61 -19.34
N ASP A 38 -4.62 1.26 -18.25
CA ASP A 38 -3.26 1.74 -18.03
C ASP A 38 -2.20 0.66 -18.02
N THR A 39 -2.49 -0.43 -17.31
CA THR A 39 -1.41 -1.38 -17.06
C THR A 39 -1.29 -2.41 -18.17
N ILE A 40 -2.43 -2.90 -18.68
CA ILE A 40 -2.34 -3.90 -19.73
C ILE A 40 -3.25 -3.51 -20.88
N SER A 41 -3.23 -4.30 -21.93
CA SER A 41 -4.22 -4.21 -22.99
C SER A 41 -4.92 -5.57 -22.98
N LEU A 42 -6.16 -5.59 -22.52
CA LEU A 42 -6.92 -6.85 -22.51
C LEU A 42 -7.60 -7.07 -23.85
N ASP A 43 -6.95 -7.84 -24.71
CA ASP A 43 -7.32 -7.88 -26.12
C ASP A 43 -8.33 -8.94 -26.46
N TYR A 44 -8.68 -9.81 -25.52
CA TYR A 44 -9.68 -10.85 -25.69
C TYR A 44 -10.12 -11.34 -24.30
N HIS A 45 -11.44 -11.32 -24.10
CA HIS A 45 -12.09 -11.77 -22.89
C HIS A 45 -13.58 -11.96 -23.19
N GLU A 46 -14.01 -13.21 -23.32
CA GLU A 46 -15.39 -13.41 -23.80
C GLU A 46 -16.46 -12.84 -22.88
N THR A 47 -16.23 -12.64 -21.59
CA THR A 47 -17.23 -12.14 -20.65
C THR A 47 -17.57 -10.67 -20.84
N ILE A 48 -16.61 -9.83 -21.23
CA ILE A 48 -16.85 -8.39 -21.32
C ILE A 48 -16.57 -7.79 -22.68
N MET A 49 -15.93 -8.50 -23.59
CA MET A 49 -15.62 -7.87 -24.87
C MET A 49 -16.80 -7.51 -25.75
N ALA A 50 -16.61 -6.41 -26.50
CA ALA A 50 -17.64 -5.87 -27.38
C ALA A 50 -17.97 -6.80 -28.56
N ALA A 51 -16.92 -7.34 -29.15
CA ALA A 51 -17.13 -8.12 -30.36
C ALA A 51 -17.62 -9.53 -30.04
N ALA A 52 -18.37 -10.03 -31.01
CA ALA A 52 -18.87 -11.40 -31.00
C ALA A 52 -18.55 -12.13 -32.31
N GLY A 53 -18.75 -13.44 -32.31
CA GLY A 53 -18.67 -14.22 -33.52
C GLY A 53 -17.37 -13.97 -34.28
N GLU A 54 -17.51 -13.83 -35.60
CA GLU A 54 -16.32 -13.64 -36.44
C GLU A 54 -15.50 -12.43 -36.02
N ALA A 55 -16.12 -11.31 -35.63
CA ALA A 55 -15.36 -10.16 -35.17
C ALA A 55 -14.57 -10.49 -33.91
N ALA A 56 -15.09 -11.42 -33.10
CA ALA A 56 -14.34 -11.73 -31.87
C ALA A 56 -13.12 -12.59 -32.22
N GLU A 57 -13.37 -13.54 -33.12
CA GLU A 57 -12.32 -14.43 -33.59
C GLU A 57 -11.20 -13.63 -34.25
N GLU A 58 -11.57 -12.64 -35.05
CA GLU A 58 -10.56 -11.79 -35.67
C GLU A 58 -9.79 -11.01 -34.62
N ALA A 59 -10.48 -10.46 -33.61
CA ALA A 59 -9.74 -9.78 -32.54
C ALA A 59 -8.75 -10.74 -31.89
N LEU A 60 -9.17 -11.98 -31.64
CA LEU A 60 -8.28 -12.94 -31.01
C LEU A 60 -7.06 -13.23 -31.88
N GLN A 61 -7.26 -13.35 -33.18
CA GLN A 61 -6.12 -13.70 -34.04
C GLN A 61 -5.16 -12.52 -34.18
N ALA A 62 -5.70 -11.31 -34.19
CA ALA A 62 -4.86 -10.12 -34.27
C ALA A 62 -3.93 -10.05 -33.07
N ALA A 63 -4.51 -10.39 -31.91
CA ALA A 63 -3.81 -10.32 -30.65
C ALA A 63 -2.71 -11.38 -30.61
N VAL A 64 -3.09 -12.58 -31.05
CA VAL A 64 -2.17 -13.70 -30.96
C VAL A 64 -1.07 -13.60 -32.01
N ASN A 65 -1.37 -13.05 -33.17
CA ASN A 65 -0.29 -12.85 -34.16
C ASN A 65 0.25 -11.44 -34.10
N GLY A 66 0.08 -10.79 -32.95
CA GLY A 66 0.52 -9.44 -32.74
C GLY A 66 2.03 -9.29 -32.63
N PRO A 67 2.46 -8.04 -32.78
CA PRO A 67 3.87 -7.69 -32.74
C PRO A 67 4.55 -7.94 -31.39
N ASP A 68 4.11 -7.28 -30.33
CA ASP A 68 4.80 -7.41 -29.05
C ASP A 68 4.65 -8.77 -28.39
N GLY A 69 3.99 -9.74 -29.00
CA GLY A 69 3.76 -11.00 -28.28
C GLY A 69 2.57 -10.84 -27.35
N PHE A 70 2.25 -11.83 -26.54
CA PHE A 70 1.15 -11.68 -25.59
C PHE A 70 1.32 -12.67 -24.44
N ILE A 71 0.73 -12.35 -23.32
CA ILE A 71 0.62 -13.19 -22.13
C ILE A 71 -0.76 -13.83 -22.14
N CYS A 72 -0.84 -15.13 -21.87
CA CYS A 72 -2.12 -15.84 -21.90
C CYS A 72 -2.49 -16.27 -20.48
N LEU A 73 -3.69 -15.86 -20.10
CA LEU A 73 -4.31 -16.30 -18.86
C LEU A 73 -5.38 -17.30 -19.29
N VAL A 74 -5.36 -18.52 -18.75
CA VAL A 74 -6.36 -19.47 -19.21
C VAL A 74 -7.13 -19.96 -17.98
N GLU A 75 -8.46 -19.89 -18.12
CA GLU A 75 -9.37 -20.35 -17.10
C GLU A 75 -10.11 -21.61 -17.58
N GLY A 76 -10.18 -22.60 -16.72
CA GLY A 76 -10.91 -23.82 -17.01
C GLY A 76 -10.01 -24.95 -17.50
N ALA A 77 -10.60 -26.13 -17.46
CA ALA A 77 -9.92 -27.35 -17.90
C ALA A 77 -10.21 -27.64 -19.37
N ILE A 78 -9.42 -28.54 -19.96
CA ILE A 78 -9.66 -28.97 -21.33
C ILE A 78 -10.38 -30.32 -21.34
N PRO A 79 -11.55 -30.39 -21.96
CA PRO A 79 -12.26 -31.68 -22.04
C PRO A 79 -11.70 -32.44 -23.25
N THR A 80 -11.15 -33.61 -23.01
CA THR A 80 -10.47 -34.37 -24.06
C THR A 80 -11.21 -35.65 -24.44
N GLY A 81 -12.27 -35.98 -23.72
CA GLY A 81 -13.09 -37.15 -24.00
C GLY A 81 -13.82 -37.03 -25.33
N MET A 82 -14.21 -38.13 -25.96
CA MET A 82 -14.97 -38.06 -27.22
C MET A 82 -14.28 -37.19 -28.26
N ASP A 83 -12.99 -37.39 -28.50
CA ASP A 83 -12.23 -36.60 -29.46
C ASP A 83 -12.35 -35.08 -29.29
N ASN A 84 -12.40 -34.66 -28.05
CA ASN A 84 -12.35 -33.30 -27.54
C ASN A 84 -13.65 -32.53 -27.80
N LYS A 85 -14.70 -33.26 -28.18
CA LYS A 85 -15.95 -32.68 -28.65
C LYS A 85 -16.94 -32.26 -27.56
N TYR A 86 -16.63 -32.40 -26.27
CA TYR A 86 -17.55 -31.96 -25.22
C TYR A 86 -17.45 -30.44 -25.07
N GLY A 87 -16.44 -29.87 -25.73
CA GLY A 87 -16.26 -28.43 -25.67
C GLY A 87 -15.81 -27.81 -26.98
N TYR A 88 -16.62 -26.94 -27.55
CA TYR A 88 -16.40 -26.19 -28.75
C TYR A 88 -16.56 -24.68 -28.55
N ILE A 89 -15.81 -23.95 -29.36
CA ILE A 89 -15.98 -22.52 -29.59
C ILE A 89 -15.78 -22.20 -31.06
N ALA A 90 -16.73 -21.54 -31.69
CA ALA A 90 -16.58 -21.10 -33.08
C ALA A 90 -16.22 -22.26 -34.01
N GLY A 91 -16.78 -23.43 -33.71
CA GLY A 91 -16.63 -24.63 -34.50
C GLY A 91 -15.31 -25.36 -34.31
N HIS A 92 -14.47 -24.92 -33.40
CA HIS A 92 -13.22 -25.58 -33.03
C HIS A 92 -13.30 -26.23 -31.66
N THR A 93 -12.73 -27.41 -31.47
CA THR A 93 -12.69 -27.93 -30.08
C THR A 93 -11.78 -27.06 -29.22
N MET A 94 -12.07 -27.02 -27.92
CA MET A 94 -11.22 -26.29 -26.99
C MET A 94 -9.78 -26.81 -26.98
N TYR A 95 -9.60 -28.11 -27.05
CA TYR A 95 -8.26 -28.68 -27.18
C TYR A 95 -7.45 -28.06 -28.31
N ASP A 96 -8.08 -27.94 -29.46
CA ASP A 96 -7.46 -27.50 -30.71
C ASP A 96 -7.13 -26.02 -30.61
N ILE A 97 -8.01 -25.30 -29.91
CA ILE A 97 -7.79 -23.87 -29.79
C ILE A 97 -6.59 -23.54 -28.91
N CYS A 98 -6.49 -24.27 -27.81
CA CYS A 98 -5.39 -24.00 -26.88
C CYS A 98 -4.11 -24.61 -27.42
N LYS A 99 -4.21 -25.71 -28.15
CA LYS A 99 -3.01 -26.27 -28.77
C LYS A 99 -2.40 -25.28 -29.76
N ASN A 100 -3.28 -24.53 -30.42
CA ASN A 100 -2.85 -23.55 -31.39
C ASN A 100 -2.25 -22.33 -30.71
N ILE A 101 -2.92 -21.81 -29.70
CA ILE A 101 -2.57 -20.50 -29.13
C ILE A 101 -1.54 -20.57 -28.03
N LEU A 102 -1.60 -21.50 -27.09
CA LEU A 102 -0.75 -21.51 -25.90
C LEU A 102 0.74 -21.53 -26.22
N PRO A 103 1.22 -22.36 -27.14
CA PRO A 103 2.60 -22.24 -27.61
C PRO A 103 2.99 -20.89 -28.18
N LYS A 104 2.05 -20.04 -28.61
CA LYS A 104 2.46 -18.75 -29.18
C LYS A 104 2.70 -17.67 -28.13
N ALA A 105 2.30 -17.92 -26.89
CA ALA A 105 2.35 -16.92 -25.83
C ALA A 105 3.75 -16.73 -25.24
N LYS A 106 4.11 -15.51 -24.87
CA LYS A 106 5.42 -15.37 -24.22
C LYS A 106 5.36 -15.99 -22.83
N ALA A 107 4.15 -16.18 -22.32
CA ALA A 107 3.94 -16.82 -21.03
C ALA A 107 2.47 -17.20 -20.87
N VAL A 108 2.25 -18.27 -20.12
CA VAL A 108 0.91 -18.75 -19.79
C VAL A 108 0.71 -18.81 -18.28
N VAL A 109 -0.39 -18.27 -17.78
CA VAL A 109 -0.82 -18.37 -16.40
C VAL A 109 -2.14 -19.15 -16.32
N SER A 110 -2.12 -20.25 -15.57
CA SER A 110 -3.29 -21.09 -15.34
C SER A 110 -4.04 -20.52 -14.15
N ILE A 111 -5.25 -19.98 -14.42
CA ILE A 111 -5.94 -19.40 -13.26
C ILE A 111 -7.14 -20.25 -12.88
N GLY A 112 -7.19 -20.58 -11.59
CA GLY A 112 -8.20 -21.41 -10.98
C GLY A 112 -7.76 -22.87 -10.95
N THR A 113 -8.29 -23.60 -10.00
CA THR A 113 -7.95 -25.00 -9.82
C THR A 113 -8.27 -25.83 -11.05
N CYS A 114 -9.24 -25.41 -11.86
CA CYS A 114 -9.54 -26.20 -13.05
C CYS A 114 -8.42 -26.12 -14.09
N ALA A 115 -7.97 -24.92 -14.42
CA ALA A 115 -6.89 -24.85 -15.43
C ALA A 115 -5.62 -25.43 -14.86
N CYS A 116 -5.47 -25.32 -13.53
CA CYS A 116 -4.25 -25.86 -12.94
C CYS A 116 -4.26 -27.38 -12.94
N TYR A 117 -5.30 -28.03 -12.45
CA TYR A 117 -5.23 -29.45 -12.14
C TYR A 117 -6.42 -30.25 -12.64
N GLY A 118 -7.42 -29.59 -13.25
CA GLY A 118 -8.56 -30.34 -13.73
C GLY A 118 -9.86 -29.85 -13.13
N GLY A 119 -9.85 -29.58 -11.83
CA GLY A 119 -11.00 -29.01 -11.18
C GLY A 119 -12.25 -29.87 -11.19
N ILE A 120 -13.39 -29.19 -11.10
CA ILE A 120 -14.68 -29.77 -10.79
C ILE A 120 -15.08 -30.80 -11.84
N GLN A 121 -14.81 -30.48 -13.11
CA GLN A 121 -15.28 -31.41 -14.13
C GLN A 121 -14.39 -32.67 -14.17
N ALA A 122 -13.24 -32.63 -13.52
CA ALA A 122 -12.30 -33.76 -13.50
C ALA A 122 -12.58 -34.70 -12.33
N ALA A 123 -13.39 -34.24 -11.38
CA ALA A 123 -13.82 -35.05 -10.26
C ALA A 123 -14.46 -36.36 -10.74
N LYS A 124 -14.33 -37.40 -9.90
CA LYS A 124 -14.89 -38.69 -10.28
C LYS A 124 -16.36 -38.59 -10.68
N PRO A 125 -16.82 -39.23 -11.75
CA PRO A 125 -16.04 -40.05 -12.68
C PRO A 125 -15.45 -39.34 -13.90
N ASN A 126 -15.27 -38.03 -13.87
CA ASN A 126 -14.68 -37.26 -14.96
C ASN A 126 -15.29 -37.61 -16.32
N PRO A 127 -16.59 -37.34 -16.46
CA PRO A 127 -17.33 -37.66 -17.67
C PRO A 127 -16.69 -37.15 -18.95
N THR A 128 -15.97 -36.03 -18.92
CA THR A 128 -15.50 -35.46 -20.19
C THR A 128 -14.00 -35.62 -20.36
N ALA A 129 -13.36 -36.37 -19.45
CA ALA A 129 -11.92 -36.58 -19.49
C ALA A 129 -11.21 -35.24 -19.49
N ALA A 130 -11.65 -34.39 -18.59
CA ALA A 130 -11.04 -33.07 -18.43
C ALA A 130 -9.65 -33.15 -17.81
N LYS A 131 -8.77 -32.30 -18.30
CA LYS A 131 -7.38 -32.17 -17.92
C LYS A 131 -6.96 -30.73 -17.67
N GLY A 132 -6.11 -30.52 -16.66
CA GLY A 132 -5.53 -29.19 -16.49
C GLY A 132 -4.59 -28.85 -17.63
N ILE A 133 -4.24 -27.60 -17.76
CA ILE A 133 -3.46 -27.13 -18.90
C ILE A 133 -2.08 -27.80 -18.95
N ASN A 134 -1.34 -27.77 -17.85
CA ASN A 134 0.00 -28.37 -17.90
C ASN A 134 -0.09 -29.88 -18.15
N ASP A 135 -1.07 -30.58 -17.62
CA ASP A 135 -1.21 -32.00 -17.98
C ASP A 135 -1.40 -32.18 -19.48
N CYS A 136 -2.34 -31.39 -19.98
CA CYS A 136 -2.80 -31.55 -21.36
C CYS A 136 -1.75 -31.13 -22.37
N TYR A 137 -0.96 -30.09 -22.13
CA TYR A 137 -0.06 -29.57 -23.15
C TYR A 137 1.43 -29.69 -22.82
N ALA A 138 1.73 -30.56 -21.87
CA ALA A 138 3.09 -30.91 -21.48
C ALA A 138 3.97 -31.15 -22.71
N ASP A 139 3.49 -32.07 -23.52
CA ASP A 139 4.02 -32.54 -24.79
C ASP A 139 4.21 -31.44 -25.81
N LEU A 140 3.66 -30.24 -25.55
CA LEU A 140 3.83 -29.14 -26.47
C LEU A 140 4.87 -28.17 -25.89
N GLY A 141 5.38 -28.50 -24.72
CA GLY A 141 6.36 -27.61 -24.11
C GLY A 141 5.71 -26.43 -23.41
N VAL A 142 4.38 -26.52 -23.28
CA VAL A 142 3.69 -25.45 -22.55
C VAL A 142 4.01 -25.63 -21.06
N LYS A 143 4.44 -24.56 -20.40
CA LYS A 143 4.65 -24.67 -18.96
C LYS A 143 4.08 -23.47 -18.21
N ALA A 144 2.78 -23.54 -17.95
CA ALA A 144 2.09 -22.49 -17.23
C ALA A 144 2.46 -22.44 -15.75
N ILE A 145 2.42 -21.23 -15.23
CA ILE A 145 2.37 -20.89 -13.81
C ILE A 145 0.96 -21.15 -13.30
N ASN A 146 0.87 -21.88 -12.20
CA ASN A 146 -0.39 -22.30 -11.62
C ASN A 146 -0.83 -21.35 -10.52
N VAL A 147 -1.99 -20.72 -10.71
CA VAL A 147 -2.58 -19.90 -9.66
C VAL A 147 -3.96 -20.47 -9.31
N PRO A 148 -3.94 -21.48 -8.46
CA PRO A 148 -5.17 -22.15 -8.07
C PRO A 148 -5.91 -21.48 -6.92
N GLY A 149 -6.98 -22.11 -6.54
CA GLY A 149 -8.14 -21.78 -5.74
C GLY A 149 -9.41 -21.79 -6.58
N CYS A 150 -10.55 -21.85 -5.92
CA CYS A 150 -11.84 -22.05 -6.59
C CYS A 150 -12.86 -21.02 -6.14
N PRO A 151 -12.70 -19.75 -6.52
CA PRO A 151 -11.64 -19.22 -7.36
C PRO A 151 -10.45 -18.69 -6.56
N PRO A 152 -9.38 -18.37 -7.29
CA PRO A 152 -8.20 -17.79 -6.65
C PRO A 152 -8.52 -16.40 -6.13
N ASN A 153 -7.73 -15.96 -5.15
CA ASN A 153 -7.74 -14.59 -4.71
C ASN A 153 -7.28 -13.69 -5.84
N PRO A 154 -7.99 -12.62 -6.15
CA PRO A 154 -7.50 -11.70 -7.19
C PRO A 154 -6.10 -11.19 -6.84
N LEU A 155 -5.74 -11.12 -5.56
CA LEU A 155 -4.43 -10.64 -5.18
C LEU A 155 -3.32 -11.56 -5.68
N ASN A 156 -3.61 -12.84 -5.78
CA ASN A 156 -2.66 -13.83 -6.30
C ASN A 156 -2.57 -13.83 -7.82
N MET A 157 -3.72 -13.67 -8.48
CA MET A 157 -3.76 -13.64 -9.93
C MET A 157 -3.07 -12.41 -10.48
N VAL A 158 -3.55 -11.26 -10.04
CA VAL A 158 -2.98 -10.00 -10.53
C VAL A 158 -1.54 -9.89 -10.07
N GLY A 159 -1.27 -10.34 -8.85
CA GLY A 159 0.07 -10.28 -8.28
C GLY A 159 1.11 -11.02 -9.10
N THR A 160 0.77 -12.22 -9.55
CA THR A 160 1.59 -13.06 -10.40
C THR A 160 1.85 -12.37 -11.72
N LEU A 161 0.78 -11.79 -12.28
CA LEU A 161 0.92 -11.12 -13.58
C LEU A 161 1.88 -9.95 -13.52
N VAL A 162 1.69 -9.17 -12.45
CA VAL A 162 2.38 -7.91 -12.26
C VAL A 162 3.87 -8.17 -12.03
N ALA A 163 4.12 -9.26 -11.31
CA ALA A 163 5.52 -9.61 -11.05
C ALA A 163 6.17 -10.01 -12.36
N PHE A 164 5.45 -10.75 -13.21
CA PHE A 164 5.97 -11.09 -14.52
C PHE A 164 6.18 -9.84 -15.37
N LEU A 165 5.24 -8.89 -15.34
CA LEU A 165 5.45 -7.68 -16.13
C LEU A 165 6.68 -6.90 -15.64
N LYS A 166 7.03 -7.06 -14.39
CA LYS A 166 8.16 -6.39 -13.78
C LYS A 166 9.45 -7.19 -13.93
N GLY A 167 9.40 -8.29 -14.68
CA GLY A 167 10.57 -9.12 -14.95
C GLY A 167 11.08 -9.71 -13.65
N GLN A 168 10.18 -9.78 -12.68
CA GLN A 168 10.49 -10.27 -11.35
C GLN A 168 10.67 -11.79 -11.34
N LYS A 169 11.36 -12.24 -10.32
CA LYS A 169 11.62 -13.63 -9.95
C LYS A 169 10.35 -14.28 -9.40
N ILE A 170 9.87 -15.33 -10.05
CA ILE A 170 8.67 -16.02 -9.56
C ILE A 170 8.96 -17.49 -9.28
N GLU A 171 9.42 -17.75 -8.06
CA GLU A 171 9.68 -19.09 -7.58
C GLU A 171 8.40 -19.91 -7.46
N LEU A 172 8.42 -21.12 -7.97
CA LEU A 172 7.30 -22.05 -7.91
C LEU A 172 7.56 -23.23 -6.99
N ASP A 173 6.46 -23.76 -6.45
CA ASP A 173 6.53 -24.94 -5.61
C ASP A 173 6.42 -26.20 -6.48
N GLU A 174 6.22 -27.35 -5.86
CA GLU A 174 6.29 -28.61 -6.59
C GLU A 174 5.07 -28.84 -7.47
N VAL A 175 4.03 -28.02 -7.31
CA VAL A 175 2.89 -28.21 -8.19
C VAL A 175 2.55 -26.90 -8.89
N GLY A 176 3.59 -26.13 -9.11
CA GLY A 176 3.63 -25.02 -10.01
C GLY A 176 3.15 -23.67 -9.54
N ARG A 177 2.98 -23.55 -8.24
CA ARG A 177 2.39 -22.37 -7.61
C ARG A 177 3.38 -21.36 -7.07
N PRO A 178 3.17 -20.08 -7.35
CA PRO A 178 4.01 -19.06 -6.71
C PRO A 178 4.13 -19.21 -5.21
N VAL A 179 5.33 -19.57 -4.75
CA VAL A 179 5.58 -19.63 -3.32
C VAL A 179 5.27 -18.30 -2.65
N MET A 180 5.38 -17.17 -3.35
CA MET A 180 5.03 -15.93 -2.64
C MET A 180 3.59 -15.89 -2.17
N PHE A 181 2.66 -16.66 -2.74
CA PHE A 181 1.26 -16.64 -2.29
C PHE A 181 0.80 -17.96 -1.69
N PHE A 182 1.41 -19.03 -2.15
CA PHE A 182 1.05 -20.37 -1.74
C PHE A 182 2.15 -21.07 -0.95
N GLY A 183 3.11 -20.32 -0.40
CA GLY A 183 4.24 -20.97 0.25
C GLY A 183 3.93 -21.44 1.66
N GLN A 184 2.83 -20.99 2.24
CA GLN A 184 2.42 -21.47 3.54
C GLN A 184 1.00 -22.05 3.53
N SER A 185 0.80 -22.97 4.47
CA SER A 185 -0.53 -23.55 4.62
C SER A 185 -1.48 -22.51 5.21
N VAL A 186 -2.75 -22.62 4.83
CA VAL A 186 -3.85 -21.92 5.47
C VAL A 186 -3.79 -22.05 6.99
N HIS A 187 -3.58 -23.27 7.47
CA HIS A 187 -3.54 -23.56 8.90
C HIS A 187 -2.42 -22.77 9.58
N ASP A 188 -1.24 -22.72 8.97
CA ASP A 188 -0.18 -21.96 9.67
C ASP A 188 -0.57 -20.51 9.83
N LEU A 189 -1.39 -20.01 8.91
CA LEU A 189 -1.76 -18.60 8.89
C LEU A 189 -3.01 -18.35 9.74
N CYS A 190 -3.67 -19.41 10.19
CA CYS A 190 -4.99 -19.31 10.78
C CYS A 190 -4.97 -18.72 12.19
N GLU A 191 -5.85 -17.77 12.45
CA GLU A 191 -6.07 -17.18 13.75
C GLU A 191 -6.65 -18.15 14.77
N ARG A 192 -7.18 -19.31 14.38
CA ARG A 192 -7.68 -20.24 15.38
C ARG A 192 -6.64 -21.32 15.67
N ARG A 193 -5.44 -21.19 15.16
CA ARG A 193 -4.38 -22.17 15.37
C ARG A 193 -4.09 -22.37 16.85
N LYS A 194 -4.18 -21.30 17.64
CA LYS A 194 -3.96 -21.43 19.08
C LYS A 194 -4.94 -22.43 19.66
N HIS A 195 -6.16 -22.47 19.12
CA HIS A 195 -7.15 -23.38 19.69
C HIS A 195 -6.82 -24.81 19.29
N PHE A 196 -6.40 -24.99 18.06
CA PHE A 196 -5.98 -26.30 17.55
C PHE A 196 -4.94 -26.92 18.49
N ASP A 197 -3.94 -26.11 18.76
CA ASP A 197 -2.75 -26.51 19.50
C ASP A 197 -3.12 -26.78 20.95
N ALA A 198 -4.15 -26.08 21.40
CA ALA A 198 -4.65 -26.21 22.76
C ALA A 198 -5.68 -27.33 22.87
N GLY A 199 -5.92 -27.97 21.72
CA GLY A 199 -6.91 -29.01 21.58
C GLY A 199 -8.33 -28.53 21.73
N GLU A 200 -8.59 -27.27 21.35
CA GLU A 200 -9.95 -26.75 21.57
C GLU A 200 -10.78 -26.79 20.28
N PHE A 201 -11.68 -27.74 20.14
CA PHE A 201 -12.38 -27.98 18.87
C PHE A 201 -13.89 -27.86 18.99
N ALA A 202 -14.53 -27.33 17.93
CA ALA A 202 -15.99 -27.36 17.88
C ALA A 202 -16.42 -28.77 17.47
N PRO A 203 -17.30 -29.40 18.23
CA PRO A 203 -17.80 -30.72 17.88
C PRO A 203 -18.95 -30.74 16.88
N SER A 204 -19.60 -29.61 16.66
CA SER A 204 -20.74 -29.46 15.79
C SER A 204 -20.91 -27.95 15.55
N PHE A 205 -21.74 -27.56 14.58
CA PHE A 205 -21.90 -26.14 14.28
C PHE A 205 -22.79 -25.49 15.32
N ASN A 206 -23.80 -26.20 15.85
CA ASN A 206 -24.60 -25.65 16.92
C ASN A 206 -24.06 -26.09 18.28
N SER A 207 -22.93 -25.49 18.64
CA SER A 207 -22.29 -25.85 19.89
C SER A 207 -21.62 -24.62 20.48
N GLU A 208 -21.33 -24.60 21.76
CA GLU A 208 -20.70 -23.44 22.38
C GLU A 208 -19.30 -23.17 21.85
N GLU A 209 -18.57 -24.24 21.54
CA GLU A 209 -17.20 -24.12 21.09
C GLU A 209 -17.13 -23.38 19.77
N ALA A 210 -18.06 -23.70 18.88
CA ALA A 210 -18.14 -23.05 17.57
C ALA A 210 -18.55 -21.60 17.77
N ARG A 211 -19.49 -21.40 18.69
CA ARG A 211 -19.92 -20.04 19.03
C ARG A 211 -18.77 -19.19 19.55
N LYS A 212 -17.86 -19.76 20.33
CA LYS A 212 -16.73 -18.99 20.85
C LYS A 212 -15.57 -18.95 19.88
N GLY A 213 -15.78 -19.56 18.69
CA GLY A 213 -14.77 -19.48 17.67
C GLY A 213 -13.66 -20.49 17.72
N TRP A 214 -13.92 -21.69 18.25
CA TRP A 214 -12.83 -22.70 18.33
C TRP A 214 -12.53 -23.34 16.98
N CYS A 215 -11.52 -24.19 16.96
CA CYS A 215 -10.96 -24.75 15.74
C CYS A 215 -11.98 -25.65 15.05
N LEU A 216 -11.95 -25.69 13.72
CA LEU A 216 -12.97 -26.38 12.92
C LEU A 216 -12.52 -27.73 12.40
N TYR A 217 -11.37 -28.21 12.89
CA TYR A 217 -10.80 -29.44 12.38
C TYR A 217 -11.75 -30.62 12.46
N ASP A 218 -12.47 -30.70 13.58
CA ASP A 218 -13.33 -31.86 13.82
C ASP A 218 -14.59 -31.76 12.96
N VAL A 219 -14.85 -30.58 12.37
CA VAL A 219 -16.01 -30.54 11.48
C VAL A 219 -15.59 -30.46 10.02
N GLY A 220 -14.36 -30.88 9.76
CA GLY A 220 -13.81 -31.08 8.45
C GLY A 220 -12.70 -30.22 7.97
N CYS A 221 -12.25 -29.22 8.69
CA CYS A 221 -11.31 -28.26 8.12
C CYS A 221 -10.02 -28.88 7.60
N LYS A 222 -9.71 -28.49 6.35
CA LYS A 222 -8.58 -29.04 5.60
C LYS A 222 -7.41 -28.05 5.56
N GLY A 223 -7.53 -26.97 6.32
CA GLY A 223 -6.51 -25.96 6.49
C GLY A 223 -5.11 -26.51 6.59
N PRO A 224 -4.90 -27.52 7.44
CA PRO A 224 -3.56 -28.12 7.55
C PRO A 224 -3.02 -28.79 6.31
N GLU A 225 -3.82 -29.18 5.32
CA GLU A 225 -3.35 -29.78 4.10
C GLU A 225 -3.39 -28.83 2.92
N THR A 226 -3.75 -27.57 3.14
CA THR A 226 -4.09 -26.68 2.04
C THR A 226 -3.20 -25.44 1.99
N TYR A 227 -2.66 -25.16 0.81
CA TYR A 227 -1.72 -24.06 0.61
C TYR A 227 -2.37 -22.89 -0.13
N ASN A 228 -2.43 -21.77 0.56
CA ASN A 228 -3.08 -20.55 0.10
C ASN A 228 -2.89 -19.47 1.16
N ASN A 229 -3.23 -18.22 0.86
CA ASN A 229 -2.91 -17.18 1.85
C ASN A 229 -4.14 -16.56 2.49
N CYS A 230 -5.30 -17.23 2.36
CA CYS A 230 -6.60 -16.70 2.73
C CYS A 230 -6.63 -16.03 4.10
N PRO A 231 -6.11 -16.57 5.18
CA PRO A 231 -6.31 -15.90 6.50
C PRO A 231 -5.48 -14.63 6.63
N LYS A 232 -4.41 -14.57 5.85
CA LYS A 232 -3.53 -13.43 5.85
C LYS A 232 -4.05 -12.29 4.98
N VAL A 233 -4.42 -12.59 3.73
CA VAL A 233 -4.78 -11.46 2.86
C VAL A 233 -6.28 -11.18 2.83
N LEU A 234 -7.07 -12.16 3.23
CA LEU A 234 -8.53 -12.12 3.25
C LEU A 234 -9.09 -12.04 1.84
N PHE A 235 -10.41 -12.24 1.77
CA PHE A 235 -11.18 -12.02 0.57
C PHE A 235 -11.97 -10.72 0.76
N ASN A 236 -12.07 -9.97 -0.32
CA ASN A 236 -12.88 -8.75 -0.31
C ASN A 236 -12.45 -7.82 0.82
N GLU A 237 -11.14 -7.84 1.09
CA GLU A 237 -10.57 -7.09 2.20
C GLU A 237 -11.26 -7.35 3.53
N THR A 238 -12.01 -8.45 3.72
CA THR A 238 -12.73 -8.42 5.01
C THR A 238 -13.05 -9.75 5.63
N ASN A 239 -12.91 -10.88 4.96
CA ASN A 239 -13.28 -12.15 5.60
C ASN A 239 -12.66 -13.36 4.94
N TRP A 240 -12.80 -14.52 5.61
CA TRP A 240 -12.44 -15.79 4.95
C TRP A 240 -13.26 -16.91 5.54
N PRO A 241 -13.32 -18.09 4.93
CA PRO A 241 -14.28 -19.11 5.36
C PRO A 241 -14.21 -19.43 6.85
N VAL A 242 -13.03 -19.66 7.42
CA VAL A 242 -13.00 -20.09 8.82
C VAL A 242 -13.49 -18.97 9.74
N ALA A 243 -13.18 -17.73 9.34
CA ALA A 243 -13.65 -16.60 10.15
C ALA A 243 -15.17 -16.48 10.07
N ALA A 244 -15.73 -17.04 9.00
CA ALA A 244 -17.18 -17.06 8.86
C ALA A 244 -17.75 -18.33 9.48
N GLY A 245 -16.89 -19.05 10.22
CA GLY A 245 -17.30 -20.24 10.93
C GLY A 245 -17.43 -21.54 10.16
N HIS A 246 -16.97 -21.59 8.92
CA HIS A 246 -17.05 -22.79 8.09
C HIS A 246 -15.65 -23.30 7.78
N PRO A 247 -15.46 -24.62 7.80
CA PRO A 247 -14.15 -25.18 7.50
C PRO A 247 -13.70 -24.89 6.07
N CYS A 248 -12.38 -24.90 5.91
CA CYS A 248 -11.69 -24.86 4.63
C CYS A 248 -11.97 -26.19 3.92
N ILE A 249 -12.24 -26.11 2.63
CA ILE A 249 -12.56 -27.34 1.88
C ILE A 249 -11.40 -27.76 0.97
N GLY A 250 -10.29 -27.06 1.08
CA GLY A 250 -9.00 -27.18 0.44
C GLY A 250 -8.95 -26.87 -1.03
N CYS A 251 -9.60 -25.78 -1.45
CA CYS A 251 -9.94 -25.57 -2.86
C CYS A 251 -8.78 -25.17 -3.73
N SER A 252 -7.59 -24.96 -3.17
CA SER A 252 -6.45 -24.65 -4.01
C SER A 252 -5.53 -25.87 -4.16
N GLU A 253 -5.99 -27.02 -3.74
CA GLU A 253 -5.25 -28.27 -3.78
C GLU A 253 -5.66 -29.17 -4.95
N PRO A 254 -4.69 -29.79 -5.62
CA PRO A 254 -5.00 -30.74 -6.67
C PRO A 254 -5.97 -31.82 -6.20
N ASN A 255 -6.96 -32.17 -7.00
CA ASN A 255 -7.92 -33.21 -6.74
C ASN A 255 -8.66 -33.02 -5.42
N PHE A 256 -8.88 -31.77 -5.00
CA PHE A 256 -9.48 -31.63 -3.67
C PHE A 256 -10.90 -32.20 -3.65
N TRP A 257 -11.57 -32.17 -4.79
CA TRP A 257 -12.94 -32.67 -4.87
C TRP A 257 -13.04 -34.10 -4.38
N ASP A 258 -12.02 -34.86 -4.76
CA ASP A 258 -12.01 -36.26 -4.37
C ASP A 258 -11.17 -36.51 -3.13
N ASP A 259 -10.11 -35.77 -2.90
CA ASP A 259 -9.26 -36.03 -1.75
C ASP A 259 -9.72 -35.35 -0.47
N MET A 260 -10.56 -34.31 -0.55
CA MET A 260 -10.92 -33.63 0.71
C MET A 260 -12.34 -33.96 1.15
N THR A 261 -13.02 -34.79 0.35
CA THR A 261 -14.37 -35.21 0.67
C THR A 261 -14.34 -36.46 1.54
N PRO A 262 -15.31 -36.65 2.43
CA PRO A 262 -16.38 -35.68 2.68
C PRO A 262 -15.86 -34.45 3.41
N PHE A 263 -16.40 -33.31 3.00
CA PHE A 263 -15.93 -32.03 3.53
C PHE A 263 -16.16 -31.86 5.03
N TYR A 264 -17.16 -32.48 5.64
CA TYR A 264 -17.45 -32.18 7.05
C TYR A 264 -16.81 -33.15 8.02
N GLN A 265 -15.79 -33.86 7.56
CA GLN A 265 -15.03 -34.83 8.34
C GLN A 265 -13.53 -34.75 8.13
N ASN A 266 -12.77 -35.11 9.16
CA ASN A 266 -11.34 -35.32 9.02
C ASN A 266 -11.01 -36.76 9.46
N THR B 6 -37.36 1.25 -37.45
CA THR B 6 -36.27 0.38 -37.00
C THR B 6 -35.50 -0.10 -38.23
N PRO B 7 -34.22 0.24 -38.34
CA PRO B 7 -33.48 -0.09 -39.57
C PRO B 7 -33.45 -1.59 -39.83
N ARG B 8 -33.37 -1.93 -41.11
CA ARG B 8 -33.43 -3.32 -41.52
C ARG B 8 -32.96 -3.48 -42.97
N SER B 9 -32.14 -4.49 -43.19
CA SER B 9 -31.63 -4.82 -44.51
C SER B 9 -32.64 -5.68 -45.27
N ASN B 10 -32.25 -6.17 -46.43
CA ASN B 10 -33.05 -7.11 -47.20
C ASN B 10 -32.35 -8.46 -47.35
N TYR B 11 -31.50 -8.77 -46.40
CA TYR B 11 -30.75 -10.00 -46.29
C TYR B 11 -31.62 -11.23 -46.13
N THR B 12 -31.35 -12.21 -47.00
CA THR B 12 -31.94 -13.53 -47.00
C THR B 12 -30.80 -14.54 -46.93
N GLY B 13 -30.73 -15.24 -45.81
CA GLY B 13 -29.69 -16.24 -45.62
C GLY B 13 -29.46 -16.45 -44.12
N PRO B 14 -28.56 -17.37 -43.82
CA PRO B 14 -28.18 -17.66 -42.44
C PRO B 14 -27.27 -16.62 -41.84
N ILE B 15 -27.26 -16.60 -40.50
CA ILE B 15 -26.34 -15.84 -39.66
C ILE B 15 -26.04 -16.75 -38.46
N VAL B 16 -24.77 -16.85 -38.13
CA VAL B 16 -24.23 -17.61 -37.03
C VAL B 16 -23.42 -16.66 -36.15
N VAL B 17 -23.66 -16.70 -34.84
CA VAL B 17 -22.88 -15.91 -33.91
C VAL B 17 -22.21 -16.87 -32.93
N ASP B 18 -20.92 -17.13 -33.08
CA ASP B 18 -20.21 -18.08 -32.22
C ASP B 18 -18.75 -17.69 -32.12
N PRO B 19 -18.23 -17.20 -31.01
CA PRO B 19 -18.93 -17.13 -29.72
C PRO B 19 -19.89 -15.95 -29.56
N LEU B 20 -21.03 -16.23 -28.94
CA LEU B 20 -21.87 -15.12 -28.50
C LEU B 20 -21.34 -14.67 -27.13
N THR B 21 -20.68 -13.54 -27.15
CA THR B 21 -19.91 -13.00 -26.04
C THR B 21 -20.80 -12.15 -25.15
N ARG B 22 -20.22 -11.57 -24.11
CA ARG B 22 -20.89 -10.81 -23.05
C ARG B 22 -22.09 -11.56 -22.49
N ILE B 23 -21.81 -12.82 -22.21
CA ILE B 23 -22.63 -13.77 -21.47
C ILE B 23 -21.71 -14.54 -20.54
N GLU B 24 -22.24 -15.44 -19.73
CA GLU B 24 -21.39 -16.44 -19.10
C GLU B 24 -21.46 -17.69 -19.97
N GLY B 25 -20.29 -18.30 -20.13
CA GLY B 25 -20.19 -19.57 -20.80
C GLY B 25 -20.22 -19.50 -22.32
N HIS B 26 -20.44 -20.65 -22.94
CA HIS B 26 -20.19 -20.85 -24.36
C HIS B 26 -21.45 -21.10 -25.18
N LEU B 27 -21.84 -20.12 -25.96
CA LEU B 27 -23.11 -20.17 -26.70
C LEU B 27 -22.93 -19.81 -28.17
N ARG B 28 -23.54 -20.63 -29.00
CA ARG B 28 -23.62 -20.44 -30.44
C ARG B 28 -25.08 -20.18 -30.83
N ILE B 29 -25.27 -19.12 -31.58
CA ILE B 29 -26.61 -18.85 -32.10
C ILE B 29 -26.61 -18.98 -33.63
N GLU B 30 -27.56 -19.75 -34.17
CA GLU B 30 -27.77 -19.85 -35.61
C GLU B 30 -29.17 -19.32 -35.92
N VAL B 31 -29.28 -18.45 -36.93
CA VAL B 31 -30.60 -17.99 -37.33
C VAL B 31 -30.74 -18.07 -38.86
N GLU B 32 -31.99 -18.11 -39.31
CA GLU B 32 -32.35 -17.96 -40.72
C GLU B 32 -33.05 -16.62 -40.90
N VAL B 33 -32.63 -15.85 -41.89
CA VAL B 33 -33.18 -14.53 -42.15
C VAL B 33 -33.81 -14.44 -43.55
N GLU B 34 -34.91 -13.74 -43.64
CA GLU B 34 -35.63 -13.53 -44.89
C GLU B 34 -36.04 -12.07 -45.00
N GLY B 35 -35.59 -11.36 -46.02
CA GLY B 35 -35.95 -9.97 -46.14
C GLY B 35 -35.45 -9.14 -44.96
N GLY B 36 -34.34 -9.57 -44.38
CA GLY B 36 -33.76 -8.82 -43.27
C GLY B 36 -34.45 -9.02 -41.93
N VAL B 37 -35.33 -9.98 -41.86
CA VAL B 37 -36.15 -10.36 -40.71
C VAL B 37 -35.87 -11.79 -40.31
N ILE B 38 -35.58 -12.00 -39.02
CA ILE B 38 -35.29 -13.38 -38.58
C ILE B 38 -36.53 -14.24 -38.54
N LYS B 39 -36.47 -15.38 -39.23
CA LYS B 39 -37.61 -16.28 -39.30
C LYS B 39 -37.44 -17.51 -38.42
N GLU B 40 -36.20 -17.83 -38.07
CA GLU B 40 -35.98 -19.04 -37.30
C GLU B 40 -34.65 -18.99 -36.55
N ALA B 41 -34.66 -19.57 -35.35
CA ALA B 41 -33.44 -19.54 -34.53
C ALA B 41 -33.20 -20.82 -33.76
N ARG B 42 -31.94 -21.18 -33.59
CA ARG B 42 -31.48 -22.31 -32.79
C ARG B 42 -30.50 -21.83 -31.72
N SER B 43 -30.73 -22.20 -30.45
CA SER B 43 -29.79 -21.94 -29.37
C SER B 43 -28.88 -23.14 -29.12
N CYS B 44 -27.56 -22.96 -29.29
CA CYS B 44 -26.62 -24.07 -29.18
C CYS B 44 -25.64 -23.89 -28.02
N ALA B 45 -25.86 -24.59 -26.91
CA ALA B 45 -24.89 -24.56 -25.80
C ALA B 45 -23.73 -25.48 -26.17
N THR B 46 -22.48 -25.05 -26.16
CA THR B 46 -21.40 -25.87 -26.73
C THR B 46 -20.36 -26.41 -25.76
N LEU B 47 -20.59 -26.41 -24.46
CA LEU B 47 -19.78 -27.08 -23.46
C LEU B 47 -20.64 -27.88 -22.48
N PHE B 48 -20.18 -29.10 -22.21
CA PHE B 48 -20.73 -29.98 -21.19
C PHE B 48 -19.61 -30.31 -20.17
N ARG B 49 -19.99 -30.41 -18.91
CA ARG B 49 -19.13 -30.73 -17.79
C ARG B 49 -19.66 -31.95 -17.02
N GLY B 50 -20.97 -32.08 -16.81
CA GLY B 50 -21.51 -33.25 -16.18
C GLY B 50 -21.58 -33.32 -14.66
N ILE B 51 -21.91 -32.21 -14.00
CA ILE B 51 -21.90 -32.18 -12.55
C ILE B 51 -22.94 -33.09 -11.93
N GLU B 52 -24.07 -33.31 -12.59
CA GLU B 52 -25.04 -34.26 -12.02
C GLU B 52 -24.44 -35.65 -11.84
N THR B 53 -23.72 -36.14 -12.84
CA THR B 53 -23.09 -37.46 -12.80
C THR B 53 -22.01 -37.53 -11.74
N ILE B 54 -21.24 -36.45 -11.66
CA ILE B 54 -20.17 -36.38 -10.66
C ILE B 54 -20.71 -36.50 -9.26
N LEU B 55 -21.91 -36.00 -8.98
CA LEU B 55 -22.50 -36.02 -7.65
C LEU B 55 -22.94 -37.38 -7.16
N LYS B 56 -23.35 -38.28 -8.06
CA LYS B 56 -23.80 -39.62 -7.68
C LYS B 56 -22.85 -40.35 -6.75
N GLY B 57 -23.41 -40.85 -5.64
CA GLY B 57 -22.67 -41.67 -4.71
C GLY B 57 -22.06 -40.87 -3.58
N ARG B 58 -22.04 -39.54 -3.70
CA ARG B 58 -21.36 -38.74 -2.68
C ARG B 58 -22.25 -38.43 -1.48
N ASP B 59 -21.66 -37.76 -0.50
CA ASP B 59 -22.35 -37.36 0.74
C ASP B 59 -23.23 -36.16 0.42
N PRO B 60 -24.53 -36.26 0.64
CA PRO B 60 -25.44 -35.15 0.35
C PRO B 60 -24.99 -33.87 1.02
N ARG B 61 -24.24 -33.93 2.12
CA ARG B 61 -23.80 -32.66 2.69
C ARG B 61 -22.81 -31.93 1.78
N ASP B 62 -22.14 -32.64 0.87
CA ASP B 62 -21.13 -31.99 0.05
C ASP B 62 -21.73 -31.39 -1.22
N ALA B 63 -22.98 -31.74 -1.52
CA ALA B 63 -23.57 -31.34 -2.80
C ALA B 63 -23.44 -29.84 -3.02
N GLN B 64 -23.79 -29.03 -2.03
CA GLN B 64 -23.79 -27.58 -2.18
C GLN B 64 -22.42 -27.05 -2.63
N HIS B 65 -21.33 -27.67 -2.20
CA HIS B 65 -20.01 -27.23 -2.55
C HIS B 65 -19.70 -27.57 -4.01
N PHE B 66 -20.20 -28.72 -4.46
CA PHE B 66 -20.01 -29.06 -5.87
C PHE B 66 -20.91 -28.19 -6.76
N THR B 67 -22.20 -28.07 -6.39
CA THR B 67 -23.12 -27.38 -7.31
C THR B 67 -22.85 -25.89 -7.38
N GLN B 68 -22.26 -25.31 -6.33
CA GLN B 68 -21.93 -23.89 -6.38
C GLN B 68 -21.00 -23.67 -7.57
N ARG B 69 -20.18 -24.66 -7.92
CA ARG B 69 -19.27 -24.57 -9.06
C ARG B 69 -19.94 -24.80 -10.40
N THR B 70 -21.25 -24.91 -10.40
CA THR B 70 -22.02 -24.74 -11.63
C THR B 70 -21.77 -23.39 -12.27
N CYS B 71 -21.70 -22.34 -11.44
CA CYS B 71 -21.54 -20.98 -11.96
C CYS B 71 -21.02 -19.98 -10.94
N GLY B 72 -20.09 -19.11 -11.34
CA GLY B 72 -19.54 -18.12 -10.46
C GLY B 72 -20.04 -16.70 -10.71
N VAL B 73 -20.79 -16.48 -11.77
CA VAL B 73 -21.52 -15.21 -11.96
C VAL B 73 -22.69 -15.21 -10.99
N CYS B 74 -23.57 -16.21 -11.11
CA CYS B 74 -24.63 -16.47 -10.14
C CYS B 74 -24.05 -17.35 -9.03
N THR B 75 -22.93 -16.90 -8.48
CA THR B 75 -22.35 -17.51 -7.28
C THR B 75 -23.35 -17.51 -6.13
N TYR B 76 -23.21 -18.39 -5.15
CA TYR B 76 -24.07 -18.60 -3.99
C TYR B 76 -25.40 -19.28 -4.33
N THR B 77 -26.08 -18.87 -5.40
CA THR B 77 -27.39 -19.37 -5.75
C THR B 77 -27.48 -20.90 -5.67
N HIS B 78 -26.51 -21.62 -6.21
CA HIS B 78 -26.58 -23.09 -6.29
C HIS B 78 -26.33 -23.70 -4.92
N ALA B 79 -25.45 -23.09 -4.13
CA ALA B 79 -25.22 -23.53 -2.75
C ALA B 79 -26.52 -23.42 -1.96
N LEU B 80 -27.23 -22.33 -2.25
CA LEU B 80 -28.49 -22.07 -1.56
C LEU B 80 -29.54 -23.08 -1.98
N ALA B 81 -29.64 -23.33 -3.29
CA ALA B 81 -30.60 -24.29 -3.78
C ALA B 81 -30.30 -25.72 -3.33
N SER B 82 -29.04 -26.11 -3.24
CA SER B 82 -28.69 -27.44 -2.75
C SER B 82 -28.98 -27.54 -1.25
N THR B 83 -28.70 -26.47 -0.53
CA THR B 83 -28.94 -26.54 0.93
C THR B 83 -30.42 -26.65 1.22
N ARG B 84 -31.20 -25.85 0.50
CA ARG B 84 -32.64 -25.91 0.53
C ARG B 84 -33.14 -27.30 0.16
N CYS B 85 -32.48 -27.95 -0.81
CA CYS B 85 -32.86 -29.29 -1.26
C CYS B 85 -32.66 -30.31 -0.15
N LEU B 86 -31.46 -30.33 0.45
CA LEU B 86 -31.15 -31.23 1.54
C LEU B 86 -32.05 -30.98 2.75
N GLU B 87 -32.36 -29.72 3.01
CA GLU B 87 -33.24 -29.34 4.11
C GLU B 87 -34.67 -29.76 3.85
N ASP B 88 -35.12 -29.79 2.62
CA ASP B 88 -36.46 -30.35 2.34
C ASP B 88 -36.51 -31.83 2.64
N ALA B 89 -35.46 -32.56 2.32
CA ALA B 89 -35.34 -34.00 2.52
C ALA B 89 -35.24 -34.36 4.01
N ILE B 90 -34.57 -33.53 4.79
CA ILE B 90 -34.46 -33.74 6.23
C ILE B 90 -35.75 -33.38 6.95
N ASN B 91 -36.36 -32.33 6.44
CA ASN B 91 -37.66 -31.82 6.81
C ASN B 91 -37.77 -31.55 8.31
N LYS B 92 -36.80 -30.84 8.83
CA LYS B 92 -36.75 -30.39 10.23
C LYS B 92 -36.63 -28.88 10.25
N PRO B 93 -37.01 -28.19 11.31
CA PRO B 93 -37.03 -26.73 11.31
C PRO B 93 -35.68 -26.06 11.09
N ILE B 94 -35.74 -24.99 10.29
CA ILE B 94 -34.60 -24.17 9.96
C ILE B 94 -34.64 -22.89 10.81
N PRO B 95 -33.57 -22.57 11.52
CA PRO B 95 -33.57 -21.36 12.35
C PRO B 95 -33.96 -20.11 11.57
N ALA B 96 -34.78 -19.28 12.21
CA ALA B 96 -35.19 -18.01 11.65
C ALA B 96 -33.99 -17.17 11.23
N ASN B 97 -32.90 -17.14 12.00
CA ASN B 97 -31.78 -16.27 11.62
C ASN B 97 -31.06 -16.77 10.38
N ALA B 98 -31.13 -18.07 10.11
CA ALA B 98 -30.51 -18.61 8.91
C ALA B 98 -31.24 -18.09 7.67
N THR B 99 -32.58 -18.09 7.74
CA THR B 99 -33.44 -17.51 6.71
C THR B 99 -33.11 -16.05 6.48
N TYR B 100 -33.06 -15.24 7.52
CA TYR B 100 -32.72 -13.83 7.45
C TYR B 100 -31.38 -13.57 6.77
N ILE B 101 -30.35 -14.22 7.30
CA ILE B 101 -29.00 -14.02 6.77
C ILE B 101 -28.90 -14.54 5.33
N ARG B 102 -29.50 -15.68 5.03
CA ARG B 102 -29.51 -16.19 3.66
C ARG B 102 -30.23 -15.23 2.71
N ASN B 103 -31.36 -14.69 3.14
CA ASN B 103 -32.12 -13.74 2.32
C ASN B 103 -31.31 -12.47 2.06
N LEU B 104 -30.60 -11.99 3.08
CA LEU B 104 -29.83 -10.76 2.95
C LEU B 104 -28.67 -10.95 1.97
N VAL B 105 -27.99 -12.08 2.09
CA VAL B 105 -26.87 -12.39 1.19
C VAL B 105 -27.41 -12.53 -0.23
N LEU B 106 -28.58 -13.14 -0.37
CA LEU B 106 -29.16 -13.33 -1.71
C LEU B 106 -29.53 -11.98 -2.30
N GLY B 107 -30.10 -11.08 -1.48
CA GLY B 107 -30.47 -9.76 -2.00
C GLY B 107 -29.25 -9.02 -2.50
N ASN B 108 -28.17 -9.14 -1.74
CA ASN B 108 -26.90 -8.51 -2.16
C ASN B 108 -26.43 -9.13 -3.46
N GLN B 109 -26.66 -10.42 -3.67
CA GLN B 109 -26.23 -11.07 -4.92
C GLN B 109 -26.98 -10.50 -6.10
N PHE B 110 -28.28 -10.28 -5.95
CA PHE B 110 -29.11 -9.64 -6.96
C PHE B 110 -28.57 -8.26 -7.32
N MET B 111 -28.29 -7.45 -6.30
CA MET B 111 -27.75 -6.11 -6.52
C MET B 111 -26.46 -6.18 -7.31
N HIS B 112 -25.56 -7.08 -6.95
CA HIS B 112 -24.32 -7.19 -7.70
C HIS B 112 -24.51 -7.64 -9.13
N ASP B 113 -25.16 -8.79 -9.27
CA ASP B 113 -25.29 -9.43 -10.57
C ASP B 113 -25.99 -8.54 -11.57
N HIS B 114 -27.13 -7.95 -11.18
CA HIS B 114 -27.87 -7.16 -12.18
C HIS B 114 -27.10 -5.91 -12.55
N LEU B 115 -26.38 -5.30 -11.59
CA LEU B 115 -25.63 -4.08 -11.91
C LEU B 115 -24.57 -4.36 -12.94
N VAL B 116 -23.83 -5.46 -12.75
CA VAL B 116 -22.78 -5.82 -13.71
C VAL B 116 -23.37 -6.25 -15.03
N HIS B 117 -24.50 -6.98 -14.99
CA HIS B 117 -25.09 -7.32 -16.27
C HIS B 117 -25.45 -6.11 -17.12
N PHE B 118 -26.17 -5.16 -16.53
CA PHE B 118 -26.58 -3.99 -17.31
C PHE B 118 -25.37 -3.25 -17.86
N TYR B 119 -24.38 -2.87 -17.05
CA TYR B 119 -23.28 -2.07 -17.57
C TYR B 119 -22.31 -2.90 -18.41
N HIS B 120 -21.75 -3.96 -17.84
CA HIS B 120 -20.62 -4.65 -18.45
C HIS B 120 -20.98 -5.78 -19.40
N LEU B 121 -22.20 -6.32 -19.41
CA LEU B 121 -22.58 -7.30 -20.42
C LEU B 121 -23.57 -6.74 -21.42
N HIS B 122 -24.52 -5.89 -21.04
CA HIS B 122 -25.56 -5.46 -21.99
C HIS B 122 -25.36 -4.09 -22.62
N ALA B 123 -24.83 -3.10 -21.91
CA ALA B 123 -24.83 -1.72 -22.39
C ALA B 123 -24.14 -1.50 -23.72
N LEU B 124 -23.07 -2.23 -24.01
CA LEU B 124 -22.41 -2.00 -25.31
C LEU B 124 -23.28 -2.33 -26.51
N ASP B 125 -24.43 -2.98 -26.27
CA ASP B 125 -25.40 -3.21 -27.31
C ASP B 125 -26.23 -1.95 -27.63
N PHE B 126 -26.19 -0.94 -26.78
CA PHE B 126 -26.97 0.27 -26.89
C PHE B 126 -26.14 1.56 -26.88
N VAL B 127 -24.93 1.50 -26.34
CA VAL B 127 -24.05 2.62 -26.10
C VAL B 127 -22.88 2.58 -27.10
N ASP B 128 -22.66 3.68 -27.80
CA ASP B 128 -21.58 3.82 -28.76
C ASP B 128 -20.44 4.55 -28.06
N VAL B 129 -19.45 3.78 -27.63
CA VAL B 129 -18.36 4.37 -26.85
C VAL B 129 -17.57 5.38 -27.64
N THR B 130 -17.44 5.16 -28.95
CA THR B 130 -16.67 6.17 -29.70
C THR B 130 -17.48 7.45 -29.88
N SER B 131 -18.80 7.32 -30.01
CA SER B 131 -19.68 8.48 -30.06
C SER B 131 -19.54 9.32 -28.80
N ALA B 132 -19.23 8.68 -27.66
CA ALA B 132 -18.99 9.42 -26.43
C ALA B 132 -17.85 10.42 -26.57
N LEU B 133 -16.94 10.18 -27.52
CA LEU B 133 -15.78 11.06 -27.64
C LEU B 133 -16.17 12.36 -28.35
N LEU B 134 -17.31 12.33 -29.04
CA LEU B 134 -17.77 13.50 -29.77
C LEU B 134 -18.63 14.44 -28.93
N ALA B 135 -18.87 14.08 -27.68
CA ALA B 135 -19.79 14.79 -26.80
C ALA B 135 -19.25 16.13 -26.27
N ASP B 136 -20.20 17.00 -25.99
CA ASP B 136 -19.97 18.22 -25.25
C ASP B 136 -20.03 17.91 -23.75
N PRO B 137 -18.89 17.95 -23.08
CA PRO B 137 -18.81 17.47 -21.71
C PRO B 137 -19.74 18.26 -20.79
N ALA B 138 -20.02 19.50 -21.18
CA ALA B 138 -20.87 20.36 -20.37
C ALA B 138 -22.33 19.93 -20.53
N LYS B 139 -22.64 19.55 -21.76
CA LYS B 139 -23.96 19.03 -22.10
C LYS B 139 -24.16 17.65 -21.48
N ALA B 140 -23.06 16.91 -21.33
CA ALA B 140 -23.23 15.56 -20.80
C ALA B 140 -23.50 15.62 -19.29
N ALA B 141 -22.76 16.51 -18.64
CA ALA B 141 -23.00 16.79 -17.22
C ALA B 141 -24.44 17.20 -16.93
N LYS B 142 -24.98 18.11 -17.75
CA LYS B 142 -26.33 18.59 -17.54
C LYS B 142 -27.37 17.49 -17.79
N LEU B 143 -27.04 16.59 -18.71
CA LEU B 143 -27.91 15.44 -18.96
C LEU B 143 -27.87 14.51 -17.76
N ALA B 144 -26.64 14.21 -17.33
CA ALA B 144 -26.49 13.38 -16.13
C ALA B 144 -27.21 13.98 -14.93
N ASN B 145 -27.00 15.26 -14.65
CA ASN B 145 -27.60 15.93 -13.51
C ASN B 145 -29.12 16.00 -13.62
N SER B 146 -29.67 16.02 -14.82
CA SER B 146 -31.12 16.11 -14.96
C SER B 146 -31.83 14.82 -14.69
N ILE B 147 -31.12 13.70 -14.59
CA ILE B 147 -31.79 12.41 -14.45
C ILE B 147 -31.51 11.75 -13.11
N SER B 148 -30.62 12.34 -12.33
CA SER B 148 -30.20 11.80 -11.04
C SER B 148 -29.91 12.88 -9.98
N PRO B 149 -30.10 12.57 -8.70
CA PRO B 149 -29.73 13.51 -7.63
C PRO B 149 -28.25 13.54 -7.30
N ARG B 150 -27.49 12.56 -7.77
CA ARG B 150 -26.04 12.49 -7.70
C ARG B 150 -25.51 13.39 -8.81
N LYS B 151 -24.73 14.40 -8.46
CA LYS B 151 -24.36 15.42 -9.44
C LYS B 151 -22.93 15.29 -9.92
N ALA B 152 -22.71 15.78 -11.15
CA ALA B 152 -21.39 15.77 -11.78
C ALA B 152 -21.01 17.13 -12.36
N THR B 153 -19.69 17.31 -12.59
CA THR B 153 -19.33 18.60 -13.19
C THR B 153 -18.84 18.44 -14.61
N THR B 154 -18.74 19.58 -15.28
CA THR B 154 -18.21 19.59 -16.65
C THR B 154 -16.80 19.02 -16.68
N GLU B 155 -16.04 19.38 -15.64
CA GLU B 155 -14.64 18.98 -15.59
C GLU B 155 -14.45 17.48 -15.47
N GLU B 156 -15.39 16.82 -14.77
CA GLU B 156 -15.24 15.39 -14.52
C GLU B 156 -15.49 14.65 -15.83
N PHE B 157 -16.48 15.12 -16.59
CA PHE B 157 -16.84 14.50 -17.85
C PHE B 157 -15.77 14.78 -18.91
N ALA B 158 -15.20 15.98 -18.91
CA ALA B 158 -14.05 16.29 -19.75
C ALA B 158 -12.89 15.37 -19.44
N ALA B 159 -12.70 15.09 -18.15
CA ALA B 159 -11.59 14.22 -17.77
C ALA B 159 -11.82 12.80 -18.26
N VAL B 160 -13.07 12.34 -18.22
CA VAL B 160 -13.39 11.01 -18.72
C VAL B 160 -13.13 10.93 -20.22
N GLN B 161 -13.66 11.89 -20.97
CA GLN B 161 -13.39 11.94 -22.39
C GLN B 161 -11.90 11.96 -22.71
N ALA B 162 -11.11 12.70 -21.95
CA ALA B 162 -9.70 12.77 -22.32
C ALA B 162 -9.05 11.41 -22.13
N LYS B 163 -9.39 10.72 -21.04
CA LYS B 163 -8.77 9.42 -20.79
C LYS B 163 -9.21 8.47 -21.89
N LEU B 164 -10.51 8.53 -22.16
CA LEU B 164 -11.01 7.74 -23.29
C LEU B 164 -10.29 8.07 -24.58
N LYS B 165 -10.06 9.36 -24.81
CA LYS B 165 -9.44 9.72 -26.10
C LYS B 165 -8.05 9.13 -26.22
N THR B 166 -7.28 9.21 -25.13
CA THR B 166 -5.94 8.65 -25.06
C THR B 166 -5.97 7.15 -25.34
N PHE B 167 -6.98 6.51 -24.78
CA PHE B 167 -7.12 5.06 -24.95
C PHE B 167 -7.37 4.74 -26.42
N VAL B 168 -8.38 5.38 -27.00
CA VAL B 168 -8.76 5.04 -28.37
C VAL B 168 -7.65 5.43 -29.35
N ALA B 169 -7.04 6.58 -29.08
CA ALA B 169 -6.00 7.09 -29.97
C ALA B 169 -4.80 6.15 -29.99
N SER B 170 -4.68 5.37 -28.91
CA SER B 170 -3.58 4.43 -28.81
C SER B 170 -3.69 3.30 -29.81
N GLY B 171 -4.88 3.03 -30.33
CA GLY B 171 -5.06 1.97 -31.30
C GLY B 171 -5.20 0.61 -30.65
N GLN B 172 -4.89 0.55 -29.35
CA GLN B 172 -5.10 -0.68 -28.59
C GLN B 172 -6.48 -0.57 -27.93
N LEU B 173 -7.55 -0.94 -28.62
CA LEU B 173 -8.89 -0.77 -28.09
C LEU B 173 -9.29 -1.84 -27.09
N GLY B 174 -8.51 -2.90 -26.95
CA GLY B 174 -8.77 -3.88 -25.90
C GLY B 174 -10.15 -4.49 -26.00
N PRO B 175 -10.93 -4.50 -24.92
CA PRO B 175 -12.27 -5.09 -24.99
C PRO B 175 -13.20 -4.34 -25.94
N PHE B 176 -12.86 -3.16 -26.48
CA PHE B 176 -13.77 -2.51 -27.42
C PHE B 176 -13.38 -2.82 -28.87
N THR B 177 -12.34 -3.63 -29.04
CA THR B 177 -11.91 -4.03 -30.38
C THR B 177 -13.02 -4.63 -31.24
N ASN B 178 -13.11 -4.11 -32.46
CA ASN B 178 -14.07 -4.59 -33.43
C ASN B 178 -15.52 -4.45 -32.97
N ALA B 179 -15.77 -3.57 -32.01
CA ALA B 179 -17.17 -3.34 -31.60
C ALA B 179 -18.06 -3.02 -32.79
N TYR B 180 -19.29 -3.50 -32.73
CA TYR B 180 -20.24 -3.32 -33.83
C TYR B 180 -20.54 -1.84 -34.09
N PHE B 181 -20.35 -0.97 -33.11
CA PHE B 181 -20.68 0.44 -33.33
C PHE B 181 -19.55 1.19 -34.04
N LEU B 182 -18.37 0.58 -34.17
CA LEU B 182 -17.27 1.35 -34.77
C LEU B 182 -17.58 1.63 -36.24
N GLY B 183 -17.33 2.88 -36.64
CA GLY B 183 -17.54 3.33 -38.02
C GLY B 183 -18.98 3.73 -38.28
N GLY B 184 -19.82 3.56 -37.27
CA GLY B 184 -21.22 3.87 -37.29
C GLY B 184 -22.08 2.67 -37.61
N HIS B 185 -23.26 2.64 -36.99
CA HIS B 185 -24.23 1.55 -37.11
C HIS B 185 -25.61 2.16 -36.95
N GLU B 186 -26.51 2.01 -37.92
CA GLU B 186 -27.82 2.64 -37.91
C GLU B 186 -28.69 2.20 -36.72
N GLY B 187 -28.43 1.01 -36.21
CA GLY B 187 -29.03 0.44 -35.04
C GLY B 187 -28.67 1.12 -33.74
N TYR B 188 -27.64 1.96 -33.71
CA TYR B 188 -27.28 2.71 -32.51
C TYR B 188 -27.88 4.12 -32.64
N TYR B 189 -28.68 4.54 -31.67
CA TYR B 189 -29.58 5.67 -31.77
C TYR B 189 -29.24 6.85 -30.86
N MET B 190 -28.47 6.59 -29.81
CA MET B 190 -28.28 7.63 -28.80
C MET B 190 -27.33 8.72 -29.27
N ASP B 191 -27.55 9.89 -28.69
CA ASP B 191 -26.69 11.04 -28.97
C ASP B 191 -25.38 10.91 -28.19
N PRO B 192 -24.35 11.63 -28.60
CA PRO B 192 -23.04 11.57 -27.96
C PRO B 192 -23.06 11.90 -26.48
N GLU B 193 -23.93 12.81 -26.04
CA GLU B 193 -23.93 13.17 -24.61
C GLU B 193 -24.48 12.00 -23.79
N ALA B 194 -25.49 11.32 -24.35
CA ALA B 194 -26.06 10.15 -23.66
C ALA B 194 -25.03 9.03 -23.65
N ASN B 195 -24.29 8.91 -24.76
CA ASN B 195 -23.26 7.89 -24.84
C ASN B 195 -22.16 8.12 -23.82
N LEU B 196 -21.77 9.39 -23.63
CA LEU B 196 -20.75 9.72 -22.64
C LEU B 196 -21.22 9.51 -21.21
N VAL B 197 -22.48 9.81 -20.95
CA VAL B 197 -23.05 9.62 -19.62
C VAL B 197 -22.99 8.13 -19.26
N CYS B 198 -23.52 7.29 -20.13
CA CYS B 198 -23.48 5.84 -19.93
C CYS B 198 -22.06 5.29 -19.86
N THR B 199 -21.13 5.81 -20.67
CA THR B 199 -19.75 5.36 -20.69
C THR B 199 -19.03 5.73 -19.39
N ALA B 200 -19.23 6.95 -18.90
CA ALA B 200 -18.68 7.34 -17.62
C ALA B 200 -19.19 6.40 -16.51
N HIS B 201 -20.48 6.07 -16.58
CA HIS B 201 -21.08 5.25 -15.51
C HIS B 201 -20.60 3.81 -15.60
N TYR B 202 -20.43 3.32 -16.82
CA TYR B 202 -19.84 2.00 -17.08
C TYR B 202 -18.54 1.91 -16.28
N LEU B 203 -17.73 2.95 -16.41
CA LEU B 203 -16.43 2.89 -15.77
C LEU B 203 -16.55 2.97 -14.26
N GLN B 204 -17.44 3.85 -13.80
CA GLN B 204 -17.63 3.95 -12.35
C GLN B 204 -18.12 2.62 -11.76
N ALA B 205 -19.03 2.02 -12.52
CA ALA B 205 -19.68 0.77 -12.07
C ALA B 205 -18.66 -0.35 -12.00
N LEU B 206 -17.57 -0.27 -12.78
CA LEU B 206 -16.48 -1.23 -12.65
C LEU B 206 -15.88 -1.24 -11.26
N ARG B 207 -15.76 -0.09 -10.61
CA ARG B 207 -15.28 -0.02 -9.24
C ARG B 207 -16.39 -0.28 -8.22
N ALA B 208 -17.56 0.27 -8.50
CA ALA B 208 -18.70 0.16 -7.60
C ALA B 208 -19.06 -1.30 -7.34
N GLN B 209 -18.97 -2.14 -8.36
CA GLN B 209 -19.43 -3.52 -8.20
C GLN B 209 -18.55 -4.24 -7.20
N VAL B 210 -17.30 -3.79 -7.06
CA VAL B 210 -16.37 -4.42 -6.10
C VAL B 210 -16.91 -4.28 -4.68
N GLU B 211 -17.41 -3.08 -4.38
CA GLU B 211 -17.95 -2.76 -3.05
C GLU B 211 -19.30 -3.44 -2.81
N VAL B 212 -20.09 -3.60 -3.87
CA VAL B 212 -21.35 -4.30 -3.74
C VAL B 212 -21.08 -5.75 -3.35
N ALA B 213 -20.17 -6.37 -4.09
CA ALA B 213 -19.80 -7.75 -3.83
C ALA B 213 -19.20 -7.89 -2.45
N LYS B 214 -18.46 -6.90 -1.98
CA LYS B 214 -17.84 -7.00 -0.65
C LYS B 214 -18.88 -7.29 0.42
N GLY B 215 -20.09 -6.75 0.25
CA GLY B 215 -21.20 -6.98 1.14
C GLY B 215 -21.54 -8.42 1.41
N MET B 216 -21.44 -9.29 0.40
CA MET B 216 -21.72 -10.70 0.62
C MET B 216 -20.64 -11.36 1.45
N ALA B 217 -19.42 -10.88 1.46
CA ALA B 217 -18.32 -11.42 2.26
C ALA B 217 -18.48 -11.15 3.75
N VAL B 218 -19.22 -10.10 4.11
CA VAL B 218 -19.40 -9.78 5.54
C VAL B 218 -20.00 -10.95 6.31
N PHE B 219 -21.08 -11.57 5.85
CA PHE B 219 -21.62 -12.77 6.49
C PHE B 219 -21.21 -14.05 5.76
N GLY B 220 -20.98 -13.96 4.45
CA GLY B 220 -20.77 -15.14 3.62
C GLY B 220 -19.36 -15.57 3.32
N ALA B 221 -18.39 -14.96 3.98
CA ALA B 221 -16.98 -15.29 3.98
C ALA B 221 -16.18 -14.70 2.83
N LYS B 222 -16.67 -14.83 1.60
CA LYS B 222 -15.94 -14.39 0.43
C LYS B 222 -16.88 -14.30 -0.77
N ASN B 223 -16.48 -13.47 -1.72
CA ASN B 223 -17.11 -13.41 -3.03
C ASN B 223 -16.05 -13.34 -4.11
N PRO B 224 -16.06 -14.22 -5.10
CA PRO B 224 -17.05 -15.27 -5.29
C PRO B 224 -16.90 -16.56 -4.46
N HIS B 225 -17.96 -17.34 -4.50
CA HIS B 225 -18.23 -18.64 -3.92
C HIS B 225 -18.26 -18.54 -2.39
N THR B 226 -19.46 -18.33 -1.87
CA THR B 226 -19.60 -18.07 -0.44
C THR B 226 -19.37 -19.36 0.34
N GLN B 227 -19.15 -19.22 1.64
CA GLN B 227 -18.82 -20.41 2.46
C GLN B 227 -19.28 -20.18 3.89
N PHE B 228 -20.58 -20.24 4.05
CA PHE B 228 -21.22 -20.01 5.33
C PHE B 228 -22.48 -20.83 5.55
N THR B 229 -22.84 -21.75 4.66
CA THR B 229 -24.12 -22.45 4.76
C THR B 229 -23.91 -23.92 5.13
N VAL B 230 -24.83 -24.50 5.86
CA VAL B 230 -24.89 -25.94 6.09
C VAL B 230 -26.36 -26.35 6.09
N ALA B 231 -26.62 -27.63 5.90
CA ALA B 231 -28.01 -28.09 5.99
C ALA B 231 -28.42 -28.10 7.47
N GLY B 232 -29.18 -27.08 7.88
CA GLY B 232 -29.49 -26.81 9.27
C GLY B 232 -29.35 -25.35 9.62
N GLY B 233 -28.71 -24.57 8.74
CA GLY B 233 -28.60 -23.13 8.97
C GLY B 233 -27.40 -22.45 8.37
N VAL B 234 -26.76 -21.60 9.16
CA VAL B 234 -25.51 -20.95 8.76
C VAL B 234 -24.48 -21.01 9.88
N THR B 235 -23.21 -20.83 9.57
CA THR B 235 -22.06 -20.96 10.43
C THR B 235 -21.45 -19.68 10.96
N CYS B 236 -21.86 -18.53 10.42
CA CYS B 236 -21.24 -17.26 10.75
C CYS B 236 -21.73 -16.66 12.06
N TYR B 237 -21.27 -17.18 13.21
CA TYR B 237 -21.58 -16.51 14.49
C TYR B 237 -21.20 -15.04 14.51
N GLU B 238 -20.20 -14.58 13.75
CA GLU B 238 -19.84 -13.17 13.72
C GLU B 238 -20.95 -12.29 13.16
N ALA B 239 -21.86 -12.88 12.39
CA ALA B 239 -22.96 -12.10 11.83
C ALA B 239 -23.90 -11.62 12.93
N LEU B 240 -23.75 -12.19 14.13
CA LEU B 240 -24.54 -11.77 15.27
C LEU B 240 -23.96 -10.52 15.92
N THR B 241 -22.77 -10.10 15.48
CA THR B 241 -22.15 -8.98 16.19
C THR B 241 -22.52 -7.63 15.59
N PRO B 242 -22.56 -6.57 16.42
CA PRO B 242 -22.98 -5.27 15.89
C PRO B 242 -22.00 -4.78 14.83
N GLU B 243 -20.74 -5.16 14.97
CA GLU B 243 -19.71 -4.64 14.08
C GLU B 243 -19.88 -5.14 12.65
N ARG B 244 -20.22 -6.41 12.50
CA ARG B 244 -20.43 -7.03 11.19
C ARG B 244 -21.75 -6.50 10.64
N ILE B 245 -22.75 -6.30 11.50
CA ILE B 245 -24.04 -5.84 10.99
C ILE B 245 -23.95 -4.41 10.47
N LYS B 246 -23.22 -3.58 11.22
CA LYS B 246 -22.98 -2.21 10.80
C LYS B 246 -22.24 -2.14 9.47
N GLN B 247 -21.20 -2.94 9.34
CA GLN B 247 -20.44 -3.00 8.09
C GLN B 247 -21.35 -3.42 6.94
N PHE B 248 -22.14 -4.46 7.19
CA PHE B 248 -23.04 -4.93 6.13
C PHE B 248 -24.01 -3.82 5.73
N ARG B 249 -24.51 -3.11 6.74
CA ARG B 249 -25.51 -2.06 6.48
C ARG B 249 -24.90 -0.90 5.70
N GLU B 250 -23.69 -0.51 6.09
CA GLU B 250 -22.99 0.60 5.42
C GLU B 250 -22.72 0.25 3.97
N LEU B 251 -22.31 -0.98 3.69
CA LEU B 251 -22.10 -1.37 2.30
C LEU B 251 -23.40 -1.50 1.53
N TYR B 252 -24.45 -2.04 2.14
CA TYR B 252 -25.75 -2.09 1.50
C TYR B 252 -26.25 -0.71 1.10
N VAL B 253 -26.16 0.25 2.03
CA VAL B 253 -26.66 1.59 1.74
C VAL B 253 -25.98 2.17 0.51
N LYS B 254 -24.67 1.93 0.46
CA LYS B 254 -23.84 2.50 -0.63
C LYS B 254 -24.20 1.88 -1.97
N ALA B 255 -24.54 0.59 -1.87
CA ALA B 255 -24.89 -0.23 -3.03
C ALA B 255 -26.25 0.17 -3.57
N ARG B 256 -27.15 0.33 -2.62
CA ARG B 256 -28.46 0.87 -2.93
C ARG B 256 -28.37 2.24 -3.57
N ALA B 257 -27.54 3.14 -3.03
CA ALA B 257 -27.46 4.46 -3.66
C ALA B 257 -27.00 4.38 -5.11
N PHE B 258 -25.99 3.55 -5.39
CA PHE B 258 -25.49 3.42 -6.76
C PHE B 258 -26.58 2.89 -7.67
N ILE B 259 -27.34 1.92 -7.17
CA ILE B 259 -28.39 1.36 -8.00
C ILE B 259 -29.45 2.43 -8.29
N GLU B 260 -29.84 3.15 -7.24
CA GLU B 260 -30.94 4.08 -7.39
C GLU B 260 -30.53 5.32 -8.18
N GLU B 261 -29.28 5.74 -8.01
CA GLU B 261 -28.85 7.03 -8.55
C GLU B 261 -28.09 6.91 -9.86
N VAL B 262 -27.64 5.69 -10.17
CA VAL B 262 -26.85 5.60 -11.40
C VAL B 262 -27.47 4.59 -12.34
N TYR B 263 -27.50 3.33 -11.92
CA TYR B 263 -28.08 2.29 -12.79
C TYR B 263 -29.50 2.63 -13.20
N ILE B 264 -30.41 2.79 -12.24
CA ILE B 264 -31.80 2.90 -12.73
C ILE B 264 -32.03 4.07 -13.64
N PRO B 265 -31.51 5.27 -13.42
CA PRO B 265 -31.76 6.33 -14.41
C PRO B 265 -31.06 6.06 -15.73
N ASP B 266 -29.88 5.42 -15.75
CA ASP B 266 -29.29 5.11 -17.07
C ASP B 266 -30.15 4.12 -17.84
N LEU B 267 -30.74 3.17 -17.12
CA LEU B 267 -31.62 2.21 -17.78
C LEU B 267 -32.82 2.91 -18.41
N LEU B 268 -33.35 3.89 -17.70
CA LEU B 268 -34.48 4.68 -18.21
C LEU B 268 -34.06 5.59 -19.37
N LEU B 269 -32.88 6.18 -19.28
CA LEU B 269 -32.30 6.95 -20.40
C LEU B 269 -32.22 6.08 -21.64
N VAL B 270 -31.59 4.91 -21.51
CA VAL B 270 -31.47 4.00 -22.64
C VAL B 270 -32.84 3.58 -23.17
N ALA B 271 -33.76 3.20 -22.29
CA ALA B 271 -35.09 2.82 -22.77
C ALA B 271 -35.78 3.92 -23.55
N SER B 272 -35.54 5.16 -23.17
CA SER B 272 -36.19 6.30 -23.85
C SER B 272 -35.72 6.45 -25.30
N TYR B 273 -34.53 5.99 -25.63
CA TYR B 273 -34.03 6.01 -27.01
C TYR B 273 -34.46 4.76 -27.78
N TYR B 274 -34.83 3.69 -27.11
CA TYR B 274 -35.09 2.43 -27.81
C TYR B 274 -36.49 1.87 -27.63
N LYS B 275 -37.48 2.75 -27.69
CA LYS B 275 -38.87 2.35 -27.52
C LYS B 275 -39.33 1.44 -28.63
N ASP B 276 -38.71 1.56 -29.80
CA ASP B 276 -39.09 0.58 -30.83
C ASP B 276 -38.74 -0.84 -30.39
N TRP B 277 -37.81 -1.00 -29.45
CA TRP B 277 -37.50 -2.35 -29.02
C TRP B 277 -38.53 -2.91 -28.05
N GLY B 278 -39.55 -2.10 -27.75
CA GLY B 278 -40.72 -2.52 -27.03
C GLY B 278 -41.63 -3.39 -27.86
N LYS B 279 -41.31 -3.51 -29.15
CA LYS B 279 -42.11 -4.31 -30.07
C LYS B 279 -41.31 -5.48 -30.65
N ILE B 280 -40.13 -5.71 -30.11
CA ILE B 280 -39.24 -6.76 -30.59
C ILE B 280 -38.88 -7.72 -29.45
N GLY B 281 -38.92 -9.01 -29.69
CA GLY B 281 -38.48 -10.07 -28.80
C GLY B 281 -39.40 -10.46 -27.69
N GLY B 282 -40.71 -10.34 -27.96
CA GLY B 282 -41.73 -10.73 -27.01
C GLY B 282 -41.92 -12.24 -26.98
N THR B 283 -42.55 -12.69 -25.90
CA THR B 283 -42.92 -14.06 -25.62
C THR B 283 -44.29 -14.06 -24.95
N ASN B 284 -44.85 -15.22 -24.73
CA ASN B 284 -46.22 -15.30 -24.23
C ASN B 284 -46.41 -15.90 -22.85
N ASN B 285 -45.63 -16.90 -22.46
CA ASN B 285 -45.84 -17.64 -21.22
C ASN B 285 -44.64 -17.45 -20.29
N PHE B 286 -44.94 -17.41 -19.00
CA PHE B 286 -44.00 -17.06 -17.95
C PHE B 286 -44.14 -17.95 -16.72
N MET B 287 -43.02 -18.24 -16.08
CA MET B 287 -42.94 -19.08 -14.90
C MET B 287 -41.87 -18.50 -13.96
N ALA B 288 -42.24 -18.32 -12.71
CA ALA B 288 -41.42 -17.86 -11.60
C ALA B 288 -41.67 -18.70 -10.36
N PHE B 289 -40.64 -18.82 -9.52
CA PHE B 289 -40.71 -19.70 -8.37
C PHE B 289 -40.86 -18.94 -7.05
N GLY B 290 -40.87 -17.60 -7.11
CA GLY B 290 -40.83 -16.77 -5.95
C GLY B 290 -39.56 -16.83 -5.12
N GLU B 291 -39.36 -15.87 -4.21
CA GLU B 291 -38.10 -15.87 -3.46
C GLU B 291 -38.26 -15.12 -2.14
N PHE B 292 -37.33 -15.37 -1.25
CA PHE B 292 -37.14 -14.78 0.05
C PHE B 292 -38.22 -15.28 1.02
N PRO B 293 -38.09 -16.53 1.44
CA PRO B 293 -39.00 -17.13 2.41
C PRO B 293 -39.03 -16.36 3.73
N ALA B 294 -40.21 -16.42 4.35
CA ALA B 294 -40.35 -15.85 5.68
C ALA B 294 -39.75 -16.83 6.70
N PRO B 295 -39.29 -16.32 7.83
CA PRO B 295 -38.83 -17.20 8.91
C PRO B 295 -39.91 -18.23 9.19
N GLY B 296 -39.52 -19.49 9.30
CA GLY B 296 -40.45 -20.56 9.54
C GLY B 296 -41.11 -21.06 8.28
N GLY B 297 -40.94 -20.36 7.17
CA GLY B 297 -41.62 -20.61 5.93
C GLY B 297 -40.78 -21.24 4.84
N GLU B 298 -39.61 -21.78 5.17
CA GLU B 298 -38.74 -22.32 4.13
C GLU B 298 -39.41 -23.40 3.29
N ARG B 299 -40.27 -24.23 3.88
CA ARG B 299 -40.88 -25.32 3.16
C ARG B 299 -42.11 -24.87 2.34
N ASP B 300 -42.57 -23.65 2.50
CA ASP B 300 -43.76 -23.15 1.82
C ASP B 300 -43.45 -22.05 0.81
N LEU B 301 -43.51 -22.35 -0.48
CA LEU B 301 -43.23 -21.34 -1.50
C LEU B 301 -44.09 -20.09 -1.33
N ASN B 302 -45.32 -20.27 -0.85
CA ASN B 302 -46.16 -19.08 -0.76
C ASN B 302 -45.86 -18.22 0.45
N SER B 303 -44.83 -18.58 1.24
CA SER B 303 -44.42 -17.67 2.30
C SER B 303 -43.48 -16.58 1.84
N ARG B 304 -43.12 -16.61 0.55
CA ARG B 304 -42.03 -15.81 0.03
C ARG B 304 -42.45 -14.37 -0.21
N TRP B 305 -41.50 -13.44 -0.14
CA TRP B 305 -41.77 -12.02 -0.23
C TRP B 305 -42.46 -11.72 -1.55
N TYR B 306 -42.04 -12.45 -2.58
CA TYR B 306 -42.92 -12.57 -3.76
C TYR B 306 -43.07 -14.05 -4.10
N LYS B 307 -44.22 -14.42 -4.62
CA LYS B 307 -44.66 -15.80 -4.75
C LYS B 307 -44.45 -16.38 -6.14
N PRO B 308 -44.45 -17.69 -6.26
CA PRO B 308 -44.32 -18.31 -7.58
C PRO B 308 -45.62 -18.18 -8.37
N GLY B 309 -45.54 -18.49 -9.67
CA GLY B 309 -46.68 -18.46 -10.53
C GLY B 309 -46.39 -18.77 -11.98
N VAL B 310 -47.46 -19.09 -12.71
CA VAL B 310 -47.43 -19.35 -14.15
C VAL B 310 -48.43 -18.46 -14.87
N ILE B 311 -47.99 -17.88 -15.98
CA ILE B 311 -48.82 -17.00 -16.80
C ILE B 311 -48.76 -17.53 -18.23
N TYR B 312 -49.95 -17.74 -18.80
CA TYR B 312 -50.12 -18.23 -20.17
C TYR B 312 -50.72 -17.14 -21.06
N ASP B 313 -50.27 -17.09 -22.30
CA ASP B 313 -50.74 -16.13 -23.28
C ASP B 313 -50.86 -14.72 -22.73
N ARG B 314 -49.86 -14.27 -22.01
CA ARG B 314 -49.77 -12.92 -21.45
C ARG B 314 -50.96 -12.56 -20.57
N LYS B 315 -51.67 -13.54 -20.04
CA LYS B 315 -52.81 -13.22 -19.17
C LYS B 315 -52.30 -13.02 -17.73
N VAL B 316 -51.73 -11.84 -17.50
CA VAL B 316 -51.15 -11.50 -16.21
C VAL B 316 -52.23 -11.43 -15.14
N GLY B 317 -53.45 -11.05 -15.54
CA GLY B 317 -54.48 -11.00 -14.51
C GLY B 317 -54.99 -12.37 -14.13
N SER B 318 -54.42 -13.41 -14.74
CA SER B 318 -54.92 -14.77 -14.45
C SER B 318 -53.78 -15.69 -14.07
N VAL B 319 -52.93 -15.18 -13.17
CA VAL B 319 -51.82 -16.00 -12.69
C VAL B 319 -52.32 -17.32 -12.14
N GLN B 320 -51.72 -18.40 -12.61
CA GLN B 320 -52.00 -19.74 -12.19
C GLN B 320 -51.02 -20.20 -11.12
N PRO B 321 -51.42 -21.20 -10.35
CA PRO B 321 -50.51 -21.78 -9.38
C PRO B 321 -49.37 -22.50 -10.08
N PHE B 322 -48.28 -22.54 -9.34
CA PHE B 322 -47.09 -23.29 -9.69
C PHE B 322 -47.10 -24.61 -8.93
N ASP B 323 -47.08 -25.72 -9.60
CA ASP B 323 -47.07 -27.14 -9.42
C ASP B 323 -45.80 -27.76 -10.03
N PRO B 324 -44.85 -27.95 -9.12
CA PRO B 324 -43.53 -28.44 -9.45
C PRO B 324 -43.57 -29.78 -10.19
N SER B 325 -44.64 -30.56 -9.97
CA SER B 325 -44.74 -31.87 -10.60
C SER B 325 -44.98 -31.72 -12.11
N LYS B 326 -45.29 -30.51 -12.56
CA LYS B 326 -45.54 -30.31 -13.99
C LYS B 326 -44.25 -30.04 -14.76
N ILE B 327 -43.09 -30.08 -14.09
CA ILE B 327 -41.81 -29.86 -14.76
C ILE B 327 -41.26 -31.13 -15.39
N GLU B 328 -40.99 -31.06 -16.70
CA GLU B 328 -40.35 -32.17 -17.40
C GLU B 328 -39.25 -31.64 -18.32
N GLU B 329 -38.17 -32.40 -18.51
CA GLU B 329 -37.11 -31.97 -19.42
C GLU B 329 -37.03 -32.84 -20.67
N HIS B 330 -37.25 -32.22 -21.82
CA HIS B 330 -37.11 -32.94 -23.09
C HIS B 330 -35.67 -33.00 -23.56
N VAL B 331 -35.37 -34.02 -24.39
CA VAL B 331 -34.06 -34.15 -25.02
C VAL B 331 -34.10 -34.43 -26.53
N ARG B 332 -35.25 -34.36 -27.18
CA ARG B 332 -35.33 -34.69 -28.60
C ARG B 332 -34.32 -33.93 -29.43
N HIS B 333 -34.10 -32.66 -29.11
CA HIS B 333 -33.19 -31.82 -29.89
C HIS B 333 -31.91 -31.47 -29.14
N SER B 334 -31.69 -32.17 -28.04
CA SER B 334 -30.55 -32.01 -27.14
C SER B 334 -29.56 -33.16 -27.30
N TRP B 335 -28.31 -32.98 -26.88
CA TRP B 335 -27.31 -34.04 -27.07
C TRP B 335 -27.35 -35.05 -25.94
N TYR B 336 -28.53 -35.64 -25.70
CA TYR B 336 -28.62 -36.70 -24.71
C TYR B 336 -29.54 -37.81 -25.24
N GLU B 337 -29.44 -38.99 -24.65
CA GLU B 337 -30.29 -40.11 -25.05
C GLU B 337 -31.57 -40.17 -24.25
N GLY B 338 -32.56 -40.84 -24.85
CA GLY B 338 -33.80 -41.08 -24.16
C GLY B 338 -34.90 -40.12 -24.53
N LYS B 339 -35.87 -40.03 -23.64
CA LYS B 339 -37.03 -39.19 -23.82
C LYS B 339 -37.20 -38.31 -22.58
N ALA B 340 -38.28 -37.56 -22.59
CA ALA B 340 -38.59 -36.56 -21.59
C ALA B 340 -38.70 -37.23 -20.21
N ARG B 341 -38.20 -36.51 -19.21
CA ARG B 341 -38.24 -36.96 -17.84
C ARG B 341 -38.49 -35.84 -16.83
N ALA B 342 -39.26 -36.21 -15.82
CA ALA B 342 -39.39 -35.47 -14.58
C ALA B 342 -38.07 -35.51 -13.82
N PRO B 343 -37.64 -34.43 -13.18
CA PRO B 343 -36.28 -34.44 -12.60
C PRO B 343 -36.04 -35.46 -11.49
N PHE B 344 -36.99 -35.94 -10.71
CA PHE B 344 -36.66 -36.96 -9.70
C PHE B 344 -36.23 -38.25 -10.40
N GLU B 345 -36.65 -38.38 -11.65
CA GLU B 345 -36.29 -39.48 -12.54
C GLU B 345 -35.40 -39.02 -13.69
N GLY B 346 -34.65 -37.94 -13.49
CA GLY B 346 -33.81 -37.45 -14.57
C GLY B 346 -32.63 -38.32 -14.92
N GLU B 347 -32.16 -38.15 -16.15
CA GLU B 347 -30.98 -38.82 -16.69
C GLU B 347 -30.15 -37.92 -17.58
N THR B 348 -28.82 -38.07 -17.52
CA THR B 348 -27.94 -37.21 -18.28
C THR B 348 -26.85 -38.04 -18.95
N ASN B 349 -27.34 -38.83 -19.92
CA ASN B 349 -26.41 -39.64 -20.73
C ASN B 349 -26.12 -38.95 -22.04
N PRO B 350 -24.90 -38.48 -22.24
CA PRO B 350 -24.58 -37.72 -23.45
C PRO B 350 -24.80 -38.55 -24.73
N HIS B 351 -25.21 -37.82 -25.74
CA HIS B 351 -25.48 -38.28 -27.08
C HIS B 351 -25.20 -37.16 -28.08
N PHE B 352 -23.92 -37.01 -28.41
CA PHE B 352 -23.46 -35.95 -29.27
C PHE B 352 -23.57 -36.33 -30.75
N THR B 353 -23.96 -35.39 -31.59
CA THR B 353 -24.00 -35.69 -33.04
C THR B 353 -22.76 -35.07 -33.69
N PHE B 354 -22.80 -33.81 -34.06
CA PHE B 354 -21.76 -33.00 -34.65
C PHE B 354 -22.15 -31.53 -34.47
N MET B 355 -21.13 -30.71 -34.32
CA MET B 355 -21.31 -29.26 -34.16
C MET B 355 -21.82 -28.73 -35.49
N GLY B 356 -22.95 -28.02 -35.47
CA GLY B 356 -23.57 -27.50 -36.69
C GLY B 356 -24.78 -28.33 -37.09
N ASP B 357 -25.01 -29.45 -36.38
CA ASP B 357 -26.22 -30.25 -36.63
C ASP B 357 -27.48 -29.44 -36.34
N THR B 358 -28.57 -29.72 -37.07
CA THR B 358 -29.81 -29.02 -36.79
C THR B 358 -30.84 -29.98 -36.19
N ASP B 359 -30.54 -31.28 -36.16
CA ASP B 359 -31.43 -32.23 -35.53
C ASP B 359 -31.29 -32.21 -34.00
N LYS B 360 -30.10 -32.54 -33.56
CA LYS B 360 -29.68 -32.38 -32.16
C LYS B 360 -28.57 -31.32 -32.16
N TYR B 361 -28.85 -30.24 -31.39
CA TYR B 361 -28.00 -29.08 -31.55
C TYR B 361 -27.60 -28.37 -30.26
N SER B 362 -27.81 -28.97 -29.10
CA SER B 362 -27.42 -28.27 -27.87
C SER B 362 -27.18 -29.21 -26.69
N TRP B 363 -26.30 -28.82 -25.76
CA TRP B 363 -26.11 -29.54 -24.51
C TRP B 363 -27.11 -29.14 -23.42
N ASN B 364 -28.01 -28.22 -23.70
CA ASN B 364 -29.13 -27.81 -22.88
C ASN B 364 -30.28 -28.77 -23.15
N LYS B 365 -30.82 -29.30 -22.04
CA LYS B 365 -32.11 -29.97 -22.11
C LYS B 365 -33.18 -28.92 -22.40
N ALA B 366 -34.35 -29.34 -22.85
CA ALA B 366 -35.46 -28.43 -23.04
C ALA B 366 -36.53 -28.67 -21.98
N PRO B 367 -36.50 -27.91 -20.89
CA PRO B 367 -37.52 -28.01 -19.86
C PRO B 367 -38.84 -27.38 -20.33
N ARG B 368 -39.93 -28.02 -19.94
CA ARG B 368 -41.29 -27.63 -20.28
C ARG B 368 -42.17 -27.71 -19.04
N TYR B 369 -43.08 -26.75 -18.95
CA TYR B 369 -44.02 -26.70 -17.85
C TYR B 369 -45.40 -27.14 -18.34
N ASP B 370 -45.78 -28.33 -17.90
CA ASP B 370 -47.08 -28.89 -18.28
C ASP B 370 -47.17 -28.93 -19.80
N GLY B 371 -46.04 -29.24 -20.43
CA GLY B 371 -45.95 -29.32 -21.88
C GLY B 371 -45.76 -28.04 -22.65
N HIS B 372 -45.77 -26.88 -22.02
CA HIS B 372 -45.61 -25.59 -22.63
C HIS B 372 -44.21 -24.99 -22.39
N ALA B 373 -43.85 -24.16 -23.36
CA ALA B 373 -42.64 -23.37 -23.32
C ALA B 373 -42.93 -22.08 -22.56
N VAL B 374 -42.04 -21.82 -21.60
CA VAL B 374 -42.17 -20.67 -20.73
C VAL B 374 -40.83 -19.93 -20.62
N GLU B 375 -40.91 -18.63 -20.43
CA GLU B 375 -39.79 -17.78 -20.06
C GLU B 375 -39.73 -17.63 -18.53
N THR B 376 -38.53 -17.63 -17.98
CA THR B 376 -38.33 -17.40 -16.54
C THR B 376 -37.34 -16.24 -16.40
N GLY B 377 -37.20 -15.67 -15.22
CA GLY B 377 -36.28 -14.57 -14.98
C GLY B 377 -37.02 -13.36 -14.44
N PRO B 378 -36.30 -12.24 -14.34
CA PRO B 378 -36.88 -11.03 -13.75
C PRO B 378 -38.21 -10.64 -14.38
N LEU B 379 -38.30 -10.60 -15.71
CA LEU B 379 -39.58 -10.26 -16.34
C LEU B 379 -40.70 -11.21 -15.90
N ALA B 380 -40.48 -12.51 -15.96
CA ALA B 380 -41.43 -13.51 -15.47
C ALA B 380 -41.83 -13.26 -14.03
N GLN B 381 -40.84 -13.16 -13.13
CA GLN B 381 -41.16 -12.97 -11.71
C GLN B 381 -41.86 -11.64 -11.45
N MET B 382 -41.53 -10.57 -12.16
CA MET B 382 -42.20 -9.28 -11.94
C MET B 382 -43.62 -9.28 -12.51
N LEU B 383 -43.90 -9.92 -13.63
CA LEU B 383 -45.26 -10.07 -14.12
C LEU B 383 -46.11 -10.90 -13.18
N VAL B 384 -45.54 -11.98 -12.63
CA VAL B 384 -46.29 -12.85 -11.74
C VAL B 384 -46.64 -12.05 -10.48
N ALA B 385 -45.69 -11.27 -9.97
CA ALA B 385 -45.91 -10.43 -8.81
C ALA B 385 -47.01 -9.39 -9.10
N TYR B 386 -46.93 -8.84 -10.30
CA TYR B 386 -47.90 -7.84 -10.71
C TYR B 386 -49.31 -8.43 -10.62
N GLY B 387 -49.45 -9.61 -11.21
CA GLY B 387 -50.73 -10.30 -11.18
C GLY B 387 -51.13 -10.71 -9.78
N HIS B 388 -50.21 -10.76 -8.83
CA HIS B 388 -50.56 -11.10 -7.46
C HIS B 388 -50.75 -9.80 -6.65
N ASN B 389 -50.80 -8.69 -7.39
CA ASN B 389 -50.94 -7.38 -6.80
C ASN B 389 -49.88 -7.06 -5.75
N HIS B 390 -48.61 -7.39 -5.97
CA HIS B 390 -47.52 -7.12 -5.02
C HIS B 390 -47.40 -5.63 -4.70
N LYS B 391 -47.22 -5.31 -3.43
CA LYS B 391 -47.24 -4.01 -2.79
C LYS B 391 -46.28 -2.99 -3.39
N THR B 392 -45.08 -3.39 -3.75
CA THR B 392 -44.15 -2.48 -4.43
C THR B 392 -43.96 -2.76 -5.91
N ILE B 393 -44.05 -3.98 -6.44
CA ILE B 393 -43.77 -4.32 -7.82
C ILE B 393 -44.90 -3.82 -8.71
N LYS B 394 -46.17 -3.93 -8.33
CA LYS B 394 -47.21 -3.41 -9.25
C LYS B 394 -47.12 -1.91 -9.43
N PRO B 395 -47.09 -1.09 -8.39
CA PRO B 395 -46.90 0.35 -8.63
C PRO B 395 -45.59 0.69 -9.30
N THR B 396 -44.51 -0.06 -9.04
CA THR B 396 -43.24 0.30 -9.67
C THR B 396 -43.32 0.08 -11.17
N ILE B 397 -43.92 -1.04 -11.58
CA ILE B 397 -44.10 -1.29 -13.00
C ILE B 397 -44.99 -0.21 -13.60
N ASP B 398 -46.10 0.12 -12.92
CA ASP B 398 -47.01 1.14 -13.44
C ASP B 398 -46.31 2.48 -13.63
N ALA B 399 -45.36 2.77 -12.75
CA ALA B 399 -44.65 4.04 -12.81
C ALA B 399 -43.63 4.04 -13.95
N VAL B 400 -43.03 2.88 -14.23
CA VAL B 400 -42.04 2.86 -15.31
C VAL B 400 -42.73 3.19 -16.63
N LEU B 401 -43.81 2.46 -16.88
CA LEU B 401 -44.58 2.58 -18.12
C LEU B 401 -45.08 4.01 -18.32
N GLY B 402 -45.48 4.62 -17.20
CA GLY B 402 -45.84 6.02 -17.18
C GLY B 402 -44.66 6.89 -17.57
N LYS B 403 -43.49 6.60 -16.98
CA LYS B 403 -42.33 7.44 -17.28
C LYS B 403 -42.00 7.45 -18.77
N LEU B 404 -42.01 6.25 -19.35
CA LEU B 404 -41.61 6.05 -20.75
C LEU B 404 -42.77 6.24 -21.71
N ASN B 405 -43.95 6.50 -21.15
CA ASN B 405 -45.16 6.66 -21.94
C ASN B 405 -45.42 5.43 -22.79
N LEU B 406 -45.36 4.28 -22.15
CA LEU B 406 -45.58 3.04 -22.87
C LEU B 406 -46.84 2.32 -22.40
N GLY B 407 -47.43 1.56 -23.30
CA GLY B 407 -48.49 0.63 -22.98
C GLY B 407 -47.91 -0.62 -22.34
N PRO B 408 -48.75 -1.34 -21.61
CA PRO B 408 -48.28 -2.57 -20.99
C PRO B 408 -47.80 -3.60 -22.01
N GLU B 409 -48.23 -3.49 -23.27
CA GLU B 409 -47.85 -4.48 -24.28
C GLU B 409 -46.34 -4.47 -24.52
N ALA B 410 -45.71 -3.36 -24.22
CA ALA B 410 -44.29 -3.08 -24.22
C ALA B 410 -43.50 -3.89 -23.19
N LEU B 411 -44.15 -4.36 -22.14
CA LEU B 411 -43.50 -5.27 -21.19
C LEU B 411 -43.04 -6.56 -21.85
N PHE B 412 -43.83 -7.06 -22.80
CA PHE B 412 -43.57 -8.33 -23.46
C PHE B 412 -42.66 -8.12 -24.66
N SER B 413 -41.40 -7.86 -24.32
CA SER B 413 -40.41 -7.55 -25.33
C SER B 413 -39.01 -7.57 -24.75
N THR B 414 -38.01 -7.42 -25.63
CA THR B 414 -36.62 -7.24 -25.18
C THR B 414 -36.44 -5.99 -24.35
N LEU B 415 -37.10 -4.88 -24.74
CA LEU B 415 -37.05 -3.70 -23.88
C LEU B 415 -37.59 -3.94 -22.48
N GLY B 416 -38.78 -4.49 -22.33
CA GLY B 416 -39.47 -4.81 -21.09
C GLY B 416 -38.65 -5.79 -20.27
N ARG B 417 -38.09 -6.82 -20.90
CA ARG B 417 -37.23 -7.77 -20.21
C ARG B 417 -36.08 -7.05 -19.51
N THR B 418 -35.46 -6.14 -20.26
CA THR B 418 -34.33 -5.36 -19.76
C THR B 418 -34.75 -4.42 -18.65
N ALA B 419 -35.93 -3.82 -18.81
CA ALA B 419 -36.46 -2.94 -17.77
C ALA B 419 -36.82 -3.70 -16.51
N ALA B 420 -37.36 -4.90 -16.70
CA ALA B 420 -37.82 -5.69 -15.55
C ALA B 420 -36.64 -6.09 -14.66
N ARG B 421 -35.49 -6.37 -15.26
CA ARG B 421 -34.26 -6.65 -14.52
C ARG B 421 -33.92 -5.46 -13.63
N GLY B 422 -34.09 -4.24 -14.13
CA GLY B 422 -33.84 -3.06 -13.31
C GLY B 422 -34.89 -2.95 -12.21
N ILE B 423 -36.14 -3.24 -12.54
CA ILE B 423 -37.17 -3.10 -11.50
C ILE B 423 -36.95 -4.08 -10.38
N GLN B 424 -36.59 -5.33 -10.71
CA GLN B 424 -36.34 -6.31 -9.67
C GLN B 424 -35.19 -5.89 -8.77
N THR B 425 -34.15 -5.31 -9.35
CA THR B 425 -33.02 -4.82 -8.61
C THR B 425 -33.42 -3.74 -7.60
N LEU B 426 -34.24 -2.80 -8.09
CA LEU B 426 -34.71 -1.69 -7.26
C LEU B 426 -35.59 -2.14 -6.10
N VAL B 427 -36.58 -3.00 -6.35
CA VAL B 427 -37.48 -3.35 -5.25
C VAL B 427 -36.78 -4.23 -4.24
N ILE B 428 -35.90 -5.12 -4.71
CA ILE B 428 -35.15 -5.92 -3.73
C ILE B 428 -34.22 -5.05 -2.90
N ALA B 429 -33.47 -4.16 -3.53
CA ALA B 429 -32.64 -3.20 -2.84
C ALA B 429 -33.41 -2.42 -1.78
N GLN B 430 -34.64 -1.99 -2.06
CA GLN B 430 -35.35 -1.24 -1.01
C GLN B 430 -35.87 -2.16 0.08
N GLN B 431 -36.36 -3.35 -0.26
CA GLN B 431 -36.87 -4.28 0.76
C GLN B 431 -35.77 -4.74 1.70
N MET B 432 -34.51 -4.71 1.27
CA MET B 432 -33.41 -5.19 2.11
C MET B 432 -33.32 -4.46 3.45
N GLU B 433 -33.64 -3.18 3.41
CA GLU B 433 -33.72 -2.35 4.60
C GLU B 433 -34.63 -2.98 5.65
N ASN B 434 -35.79 -3.49 5.22
CA ASN B 434 -36.71 -4.08 6.18
C ASN B 434 -36.24 -5.42 6.72
N TRP B 435 -35.73 -6.27 5.83
CA TRP B 435 -35.16 -7.54 6.25
C TRP B 435 -34.03 -7.31 7.25
N LEU B 436 -33.19 -6.33 6.97
CA LEU B 436 -32.04 -6.07 7.85
C LEU B 436 -32.52 -5.65 9.24
N ASN B 437 -33.55 -4.79 9.27
CA ASN B 437 -34.07 -4.32 10.55
C ASN B 437 -34.74 -5.46 11.31
N GLU B 438 -35.40 -6.33 10.57
CA GLU B 438 -36.12 -7.48 11.13
C GLU B 438 -35.12 -8.47 11.72
N TYR B 439 -34.04 -8.73 10.98
CA TYR B 439 -32.96 -9.60 11.47
C TYR B 439 -32.34 -9.04 12.73
N GLU B 440 -31.94 -7.77 12.71
CA GLU B 440 -31.33 -7.10 13.83
C GLU B 440 -32.19 -7.11 15.10
N ASN B 441 -33.51 -6.99 14.93
CA ASN B 441 -34.46 -7.06 16.03
C ASN B 441 -34.64 -8.51 16.49
N ASN B 442 -34.66 -9.47 15.55
CA ASN B 442 -34.81 -10.86 15.95
C ASN B 442 -33.65 -11.37 16.80
N ILE B 443 -32.41 -10.93 16.56
CA ILE B 443 -31.26 -11.50 17.25
C ILE B 443 -31.11 -10.95 18.68
N VAL B 444 -31.91 -9.96 19.05
CA VAL B 444 -31.85 -9.42 20.40
C VAL B 444 -32.03 -10.58 21.39
N LYS B 445 -33.03 -11.40 21.13
CA LYS B 445 -33.28 -12.58 21.95
C LYS B 445 -32.83 -13.88 21.30
N ASP B 446 -33.02 -13.99 19.99
CA ASP B 446 -32.73 -15.21 19.24
C ASP B 446 -31.28 -15.23 18.78
N LYS B 447 -30.46 -16.01 19.49
CA LYS B 447 -29.04 -16.11 19.19
C LYS B 447 -28.74 -17.39 18.39
N GLN B 448 -29.78 -18.11 17.96
CA GLN B 448 -29.52 -19.32 17.18
C GLN B 448 -29.34 -19.05 15.68
N ILE B 449 -28.34 -19.68 15.09
CA ILE B 449 -28.10 -19.55 13.65
C ILE B 449 -28.04 -20.90 12.95
N VAL B 450 -27.98 -22.00 13.71
CA VAL B 450 -27.88 -23.32 13.06
C VAL B 450 -28.38 -24.41 13.98
N GLU B 451 -28.94 -25.46 13.38
CA GLU B 451 -29.30 -26.69 14.07
C GLU B 451 -28.48 -27.86 13.50
N ASP B 452 -28.12 -28.80 14.35
CA ASP B 452 -27.33 -29.98 14.01
C ASP B 452 -28.25 -31.10 13.56
N TYR B 453 -28.35 -31.33 12.25
CA TYR B 453 -29.23 -32.34 11.70
C TYR B 453 -28.48 -33.43 10.95
N ALA B 454 -28.89 -34.69 11.10
CA ALA B 454 -28.23 -35.75 10.34
C ALA B 454 -28.85 -35.94 8.96
N VAL B 455 -28.06 -36.43 8.01
CA VAL B 455 -28.66 -36.84 6.74
C VAL B 455 -29.47 -38.13 6.88
N PRO B 456 -30.72 -38.14 6.47
CA PRO B 456 -31.49 -39.39 6.55
C PRO B 456 -30.99 -40.44 5.57
N THR B 457 -31.29 -41.70 5.88
CA THR B 457 -30.78 -42.80 5.07
C THR B 457 -31.50 -42.88 3.73
N SER B 458 -32.81 -42.66 3.77
CA SER B 458 -33.64 -42.66 2.59
C SER B 458 -34.53 -41.44 2.63
N ALA B 459 -34.53 -40.72 1.51
CA ALA B 459 -35.39 -39.55 1.45
C ALA B 459 -35.32 -38.88 0.09
N ARG B 460 -36.24 -37.94 -0.12
CA ARG B 460 -36.07 -37.05 -1.29
C ARG B 460 -36.49 -35.63 -0.93
N GLY B 461 -35.85 -34.71 -1.66
CA GLY B 461 -36.12 -33.29 -1.53
C GLY B 461 -35.84 -32.54 -2.81
N VAL B 462 -36.42 -31.35 -2.85
CA VAL B 462 -36.19 -30.39 -3.92
C VAL B 462 -36.11 -29.01 -3.30
N GLY B 463 -35.12 -28.25 -3.77
CA GLY B 463 -34.88 -26.89 -3.35
C GLY B 463 -35.25 -25.93 -4.46
N PHE B 464 -35.90 -24.84 -4.12
CA PHE B 464 -36.35 -23.88 -5.12
C PHE B 464 -35.81 -22.48 -4.82
N ALA B 465 -35.40 -21.78 -5.86
CA ALA B 465 -35.00 -20.40 -5.67
C ALA B 465 -35.35 -19.65 -6.96
N ASP B 466 -35.84 -18.43 -6.83
CA ASP B 466 -35.98 -17.58 -8.01
C ASP B 466 -34.85 -16.57 -7.89
N VAL B 467 -33.83 -16.77 -8.73
CA VAL B 467 -32.57 -16.04 -8.61
C VAL B 467 -32.41 -15.07 -9.76
N SER B 468 -31.24 -14.48 -9.99
CA SER B 468 -31.00 -13.47 -10.99
C SER B 468 -31.63 -13.78 -12.34
N ARG B 469 -31.51 -15.02 -12.80
CA ARG B 469 -32.02 -15.34 -14.13
C ARG B 469 -33.32 -16.12 -14.18
N GLY B 470 -33.87 -16.43 -13.00
CA GLY B 470 -35.16 -17.08 -12.94
C GLY B 470 -35.26 -18.28 -12.04
N GLY B 471 -36.14 -19.21 -12.39
CA GLY B 471 -36.48 -20.35 -11.56
C GLY B 471 -35.47 -21.47 -11.57
N LEU B 472 -34.75 -21.61 -10.47
CA LEU B 472 -33.76 -22.63 -10.22
C LEU B 472 -34.30 -23.72 -9.29
N SER B 473 -34.06 -24.98 -9.66
CA SER B 473 -34.50 -26.04 -8.77
C SER B 473 -33.48 -27.17 -8.78
N HIS B 474 -33.20 -27.71 -7.61
CA HIS B 474 -32.36 -28.87 -7.42
C HIS B 474 -33.18 -30.03 -6.81
N TRP B 475 -33.04 -31.19 -7.41
CA TRP B 475 -33.85 -32.37 -7.11
C TRP B 475 -32.99 -33.56 -6.71
N MET B 476 -33.15 -34.05 -5.47
CA MET B 476 -32.27 -35.10 -4.97
C MET B 476 -33.09 -36.25 -4.36
N THR B 477 -32.64 -37.45 -4.63
CA THR B 477 -33.04 -38.66 -3.96
C THR B 477 -31.80 -39.24 -3.25
N ILE B 478 -31.98 -39.57 -1.99
CA ILE B 478 -30.97 -40.14 -1.11
C ILE B 478 -31.31 -41.61 -0.88
N GLU B 479 -30.35 -42.51 -1.05
CA GLU B 479 -30.50 -43.90 -0.66
C GLU B 479 -29.23 -44.36 0.04
N ASP B 480 -29.36 -45.19 1.08
CA ASP B 480 -28.20 -45.61 1.86
C ASP B 480 -27.38 -44.40 2.30
N GLY B 481 -28.06 -43.29 2.56
CA GLY B 481 -27.41 -42.09 3.04
C GLY B 481 -26.48 -41.45 2.04
N LYS B 482 -26.55 -41.86 0.77
CA LYS B 482 -25.73 -41.20 -0.25
C LYS B 482 -26.58 -40.62 -1.37
N ILE B 483 -25.95 -39.87 -2.26
CA ILE B 483 -26.71 -39.26 -3.35
C ILE B 483 -27.00 -40.31 -4.42
N ASP B 484 -28.29 -40.61 -4.57
CA ASP B 484 -28.76 -41.61 -5.52
C ASP B 484 -28.86 -41.00 -6.91
N ASN B 485 -29.60 -39.90 -6.94
CA ASN B 485 -29.79 -39.12 -8.15
C ASN B 485 -29.89 -37.65 -7.74
N PHE B 486 -29.27 -36.83 -8.58
CA PHE B 486 -29.27 -35.38 -8.33
C PHE B 486 -29.45 -34.68 -9.66
N GLN B 487 -30.49 -33.85 -9.79
CA GLN B 487 -30.71 -33.15 -11.04
C GLN B 487 -30.89 -31.65 -10.79
N LEU B 488 -30.21 -30.86 -11.60
CA LEU B 488 -30.40 -29.42 -11.60
C LEU B 488 -31.23 -29.02 -12.83
N VAL B 489 -32.21 -28.15 -12.62
CA VAL B 489 -32.99 -27.50 -13.68
C VAL B 489 -32.83 -26.00 -13.45
N VAL B 490 -32.15 -25.33 -14.36
CA VAL B 490 -31.56 -24.01 -14.09
C VAL B 490 -32.21 -22.97 -15.00
N PRO B 491 -32.36 -21.72 -14.58
CA PRO B 491 -33.08 -20.70 -15.35
C PRO B 491 -32.70 -20.64 -16.83
N THR B 492 -31.41 -20.56 -17.13
CA THR B 492 -30.97 -20.47 -18.54
C THR B 492 -31.23 -21.78 -19.27
N THR B 493 -31.33 -22.92 -18.58
CA THR B 493 -31.87 -24.12 -19.21
C THR B 493 -33.24 -23.87 -19.85
N TRP B 494 -34.11 -23.19 -19.11
CA TRP B 494 -35.46 -22.85 -19.57
C TRP B 494 -35.37 -21.87 -20.74
N ASN B 495 -34.73 -20.72 -20.49
CA ASN B 495 -34.71 -19.67 -21.49
C ASN B 495 -33.92 -20.00 -22.75
N LEU B 496 -32.73 -20.59 -22.65
CA LEU B 496 -31.89 -20.88 -23.80
C LEU B 496 -31.86 -22.36 -24.19
N GLY B 497 -32.87 -23.12 -23.80
CA GLY B 497 -32.97 -24.52 -24.21
C GLY B 497 -33.34 -24.54 -25.70
N PRO B 498 -33.31 -25.73 -26.28
CA PRO B 498 -33.67 -25.93 -27.69
C PRO B 498 -35.13 -26.30 -27.85
N ARG B 499 -35.49 -26.82 -29.02
CA ARG B 499 -36.86 -27.29 -29.29
C ARG B 499 -37.13 -28.57 -28.52
N ASP B 500 -38.42 -28.81 -28.28
CA ASP B 500 -38.89 -29.97 -27.55
C ASP B 500 -39.34 -31.08 -28.52
N ASP B 501 -40.02 -32.07 -27.99
CA ASP B 501 -40.41 -33.30 -28.65
C ASP B 501 -41.61 -33.03 -29.54
N LYS B 502 -42.11 -31.79 -29.47
CA LYS B 502 -43.13 -31.39 -30.45
C LYS B 502 -42.57 -30.39 -31.46
N GLY B 503 -41.30 -30.03 -31.34
CA GLY B 503 -40.65 -29.12 -32.28
C GLY B 503 -40.80 -27.66 -31.87
N VAL B 504 -41.40 -27.45 -30.70
CA VAL B 504 -41.66 -26.10 -30.24
C VAL B 504 -40.41 -25.47 -29.63
N PRO B 505 -40.03 -24.30 -30.09
CA PRO B 505 -38.80 -23.66 -29.58
C PRO B 505 -38.93 -23.23 -28.12
N SER B 506 -37.78 -23.01 -27.49
CA SER B 506 -37.72 -22.49 -26.13
C SER B 506 -37.85 -20.97 -26.21
N ALA B 507 -37.94 -20.28 -25.07
CA ALA B 507 -38.29 -18.87 -25.09
C ALA B 507 -37.40 -17.99 -25.95
N ALA B 508 -36.07 -18.13 -25.79
CA ALA B 508 -35.19 -17.23 -26.52
C ALA B 508 -35.27 -17.47 -28.03
N GLU B 509 -35.27 -18.75 -28.40
CA GLU B 509 -35.42 -19.11 -29.82
C GLU B 509 -36.64 -18.45 -30.44
N ALA B 510 -37.72 -18.47 -29.67
CA ALA B 510 -38.96 -17.88 -30.16
C ALA B 510 -38.89 -16.36 -30.18
N ALA B 511 -38.28 -15.79 -29.15
CA ALA B 511 -38.19 -14.35 -29.07
C ALA B 511 -37.42 -13.78 -30.26
N LEU B 512 -36.48 -14.55 -30.78
CA LEU B 512 -35.67 -14.02 -31.89
C LEU B 512 -36.51 -13.92 -33.16
N VAL B 513 -37.58 -14.69 -33.27
CA VAL B 513 -38.41 -14.54 -34.48
C VAL B 513 -38.94 -13.11 -34.59
N GLY B 514 -38.78 -12.49 -35.75
CA GLY B 514 -39.21 -11.16 -36.10
C GLY B 514 -38.19 -10.08 -35.94
N THR B 515 -36.99 -10.43 -35.49
CA THR B 515 -35.94 -9.46 -35.27
C THR B 515 -35.50 -8.85 -36.60
N PRO B 516 -35.42 -7.53 -36.68
CA PRO B 516 -34.86 -6.94 -37.91
C PRO B 516 -33.34 -6.96 -37.81
N VAL B 517 -32.67 -7.07 -38.96
CA VAL B 517 -31.21 -7.10 -38.95
C VAL B 517 -30.72 -6.04 -39.93
N ALA B 518 -30.03 -5.02 -39.43
CA ALA B 518 -29.61 -3.92 -40.30
C ALA B 518 -28.35 -4.26 -41.08
N ASP B 519 -27.49 -5.05 -40.49
CA ASP B 519 -26.22 -5.50 -41.06
C ASP B 519 -25.97 -6.94 -40.64
N PRO B 520 -26.04 -7.90 -41.57
CA PRO B 520 -25.89 -9.31 -41.25
C PRO B 520 -24.51 -9.68 -40.72
N LYS B 521 -23.54 -8.81 -40.95
CA LYS B 521 -22.16 -8.95 -40.55
C LYS B 521 -21.91 -8.38 -39.16
N ARG B 522 -22.89 -7.63 -38.66
CA ARG B 522 -22.77 -6.94 -37.37
C ARG B 522 -24.10 -7.04 -36.61
N PRO B 523 -24.44 -8.22 -36.16
CA PRO B 523 -25.80 -8.46 -35.63
C PRO B 523 -26.04 -7.97 -34.21
N VAL B 524 -25.97 -6.65 -34.05
CA VAL B 524 -26.28 -6.08 -32.75
C VAL B 524 -27.69 -6.48 -32.31
N GLU B 525 -28.62 -6.69 -33.23
CA GLU B 525 -30.00 -6.99 -32.81
C GLU B 525 -30.11 -8.37 -32.20
N ILE B 526 -29.39 -9.33 -32.77
CA ILE B 526 -29.40 -10.65 -32.13
C ILE B 526 -28.85 -10.56 -30.71
N LEU B 527 -27.78 -9.79 -30.56
CA LEU B 527 -27.16 -9.68 -29.23
C LEU B 527 -28.08 -8.96 -28.26
N ARG B 528 -28.77 -7.92 -28.71
CA ARG B 528 -29.67 -7.19 -27.82
C ARG B 528 -30.69 -8.11 -27.15
N THR B 529 -31.32 -8.96 -27.96
CA THR B 529 -32.32 -9.88 -27.46
C THR B 529 -31.71 -11.02 -26.66
N ILE B 530 -30.63 -11.60 -27.17
CA ILE B 530 -30.09 -12.69 -26.35
C ILE B 530 -29.56 -12.18 -25.02
N HIS B 531 -28.81 -11.08 -25.00
CA HIS B 531 -28.36 -10.48 -23.75
C HIS B 531 -29.51 -10.09 -22.82
N SER B 532 -30.71 -9.78 -23.34
CA SER B 532 -31.79 -9.37 -22.46
C SER B 532 -32.23 -10.52 -21.55
N PHE B 533 -31.98 -11.76 -21.94
CA PHE B 533 -32.25 -12.98 -21.16
C PHE B 533 -31.13 -13.29 -20.17
N ASP B 534 -30.02 -12.56 -20.25
CA ASP B 534 -28.89 -12.76 -19.34
C ASP B 534 -28.51 -14.24 -19.20
N PRO B 535 -28.13 -14.85 -20.31
CA PRO B 535 -27.83 -16.27 -20.33
C PRO B 535 -26.49 -16.61 -19.66
N CYS B 536 -26.57 -17.72 -18.95
CA CYS B 536 -25.41 -18.36 -18.37
C CYS B 536 -25.42 -19.82 -18.78
N ILE B 537 -24.44 -20.18 -19.60
CA ILE B 537 -24.42 -21.54 -20.18
C ILE B 537 -23.74 -22.55 -19.28
N ALA B 538 -22.86 -22.13 -18.35
CA ALA B 538 -22.33 -23.04 -17.33
C ALA B 538 -23.49 -23.53 -16.47
N CYS B 539 -24.35 -22.56 -16.12
CA CYS B 539 -25.61 -22.80 -15.45
C CYS B 539 -26.54 -23.75 -16.20
N SER B 540 -26.85 -23.41 -17.45
CA SER B 540 -27.89 -24.09 -18.22
C SER B 540 -27.53 -25.54 -18.51
N THR B 541 -26.28 -25.83 -18.81
CA THR B 541 -25.80 -27.18 -19.07
C THR B 541 -25.28 -27.96 -17.87
N HIS B 542 -24.53 -27.34 -16.97
CA HIS B 542 -23.88 -27.95 -15.82
C HIS B 542 -23.23 -29.28 -16.24
N SER C 5 55.57 19.92 15.01
CA SER C 5 54.57 20.39 14.04
C SER C 5 53.77 19.21 13.50
N ARG C 6 52.46 19.27 13.69
CA ARG C 6 51.58 18.21 13.21
C ARG C 6 51.11 18.53 11.81
N PRO C 7 50.95 17.48 11.00
CA PRO C 7 50.50 17.65 9.63
C PRO C 7 49.14 18.35 9.61
N SER C 8 48.98 19.30 8.72
CA SER C 8 47.80 20.13 8.58
C SER C 8 46.75 19.42 7.70
N VAL C 9 45.53 19.37 8.21
CA VAL C 9 44.44 18.78 7.43
C VAL C 9 43.30 19.78 7.29
N VAL C 10 42.86 20.04 6.06
CA VAL C 10 41.71 20.89 5.81
C VAL C 10 40.51 20.03 5.43
N TYR C 11 39.42 20.17 6.18
CA TYR C 11 38.20 19.38 5.93
C TYR C 11 37.12 20.33 5.40
N LEU C 12 36.67 20.04 4.19
CA LEU C 12 35.66 20.76 3.46
C LEU C 12 34.34 19.98 3.37
N HIS C 13 33.24 20.69 3.55
CA HIS C 13 31.89 20.18 3.36
C HIS C 13 31.24 20.83 2.14
N ALA C 14 30.88 20.04 1.15
CA ALA C 14 30.15 20.52 -0.03
C ALA C 14 28.69 20.13 0.05
N ALA C 15 28.17 19.37 -0.92
CA ALA C 15 26.79 18.93 -0.82
C ALA C 15 26.78 17.58 -0.10
N GLU C 16 26.47 17.63 1.19
CA GLU C 16 26.57 16.49 2.09
C GLU C 16 25.56 16.49 3.22
N CYS C 17 25.46 15.37 3.97
CA CYS C 17 24.49 15.27 5.05
C CYS C 17 25.20 15.26 6.41
N THR C 18 26.51 15.41 6.38
CA THR C 18 27.40 15.45 7.54
C THR C 18 27.51 14.09 8.20
N GLY C 19 27.03 13.04 7.52
CA GLY C 19 27.19 11.70 8.06
C GLY C 19 28.63 11.25 8.10
N CYS C 20 29.46 11.77 7.19
CA CYS C 20 30.88 11.39 7.21
C CYS C 20 31.63 12.03 8.35
N SER C 21 31.30 13.27 8.70
CA SER C 21 31.92 13.91 9.86
C SER C 21 31.53 13.19 11.15
N GLU C 22 30.26 12.78 11.21
CA GLU C 22 29.78 12.04 12.39
C GLU C 22 30.49 10.71 12.50
N ALA C 23 30.65 10.00 11.38
CA ALA C 23 31.41 8.75 11.43
C ALA C 23 32.86 8.98 11.86
N LEU C 24 33.45 10.08 11.41
CA LEU C 24 34.79 10.47 11.84
C LEU C 24 34.83 10.59 13.36
N LEU C 25 33.82 11.25 13.93
CA LEU C 25 33.84 11.38 15.39
C LEU C 25 33.77 10.04 16.10
N ARG C 26 33.43 8.96 15.41
CA ARG C 26 33.35 7.65 16.05
C ARG C 26 34.69 6.91 15.94
N THR C 27 35.73 7.57 15.45
CA THR C 27 37.01 6.87 15.30
C THR C 27 37.53 6.38 16.65
N TYR C 28 38.16 5.19 16.60
CA TYR C 28 38.76 4.65 17.83
C TYR C 28 40.17 4.11 17.64
N GLN C 29 40.75 4.25 16.46
CA GLN C 29 42.13 3.94 16.17
C GLN C 29 42.78 5.05 15.34
N PRO C 30 43.07 6.21 15.92
CA PRO C 30 42.83 6.51 17.32
C PRO C 30 41.49 7.19 17.63
N PHE C 31 41.23 7.39 18.92
CA PHE C 31 40.09 8.20 19.33
C PHE C 31 40.26 9.61 18.77
N ILE C 32 39.15 10.32 18.60
CA ILE C 32 39.21 11.60 17.89
C ILE C 32 40.06 12.62 18.62
N ASP C 33 40.01 12.59 19.96
CA ASP C 33 40.82 13.56 20.70
C ASP C 33 42.30 13.35 20.39
N THR C 34 42.75 12.10 20.39
CA THR C 34 44.13 11.84 19.99
C THR C 34 44.41 12.30 18.58
N LEU C 35 43.46 12.08 17.66
CA LEU C 35 43.71 12.50 16.28
C LEU C 35 43.96 13.99 16.14
N ILE C 36 43.12 14.78 16.83
CA ILE C 36 43.29 16.22 16.58
C ILE C 36 44.25 16.86 17.56
N LEU C 37 44.59 16.19 18.67
CA LEU C 37 45.58 16.78 19.57
C LEU C 37 47.00 16.29 19.25
N ASP C 38 47.10 15.06 18.75
CA ASP C 38 48.37 14.37 18.62
C ASP C 38 48.81 14.05 17.20
N THR C 39 47.91 13.55 16.35
CA THR C 39 48.23 13.01 15.03
C THR C 39 48.30 14.04 13.93
N ILE C 40 47.22 14.83 13.83
CA ILE C 40 47.09 15.89 12.87
C ILE C 40 46.84 17.25 13.52
N SER C 41 46.86 18.28 12.69
CA SER C 41 46.34 19.58 13.07
C SER C 41 45.11 19.82 12.20
N LEU C 42 43.94 19.68 12.81
CA LEU C 42 42.69 19.89 12.07
C LEU C 42 42.37 21.37 12.04
N ASP C 43 42.76 22.04 10.96
CA ASP C 43 42.84 23.48 10.86
C ASP C 43 41.58 24.15 10.32
N TYR C 44 40.67 23.35 9.78
CA TYR C 44 39.36 23.79 9.32
C TYR C 44 38.39 22.59 9.35
N HIS C 45 37.29 22.80 10.05
CA HIS C 45 36.17 21.87 10.15
C HIS C 45 34.93 22.59 10.68
N GLU C 46 33.98 22.84 9.79
CA GLU C 46 32.81 23.66 10.03
C GLU C 46 31.91 23.16 11.14
N THR C 47 31.84 21.86 11.39
CA THR C 47 31.00 21.26 12.42
C THR C 47 31.49 21.51 13.84
N ILE C 48 32.80 21.63 14.05
CA ILE C 48 33.29 21.73 15.42
C ILE C 48 34.21 22.93 15.66
N MET C 49 34.54 23.70 14.65
CA MET C 49 35.52 24.78 14.84
C MET C 49 34.97 25.97 15.60
N ALA C 50 35.80 26.58 16.45
CA ALA C 50 35.39 27.73 17.25
C ALA C 50 35.03 28.97 16.44
N ALA C 51 35.82 29.27 15.42
CA ALA C 51 35.59 30.45 14.61
C ALA C 51 34.43 30.28 13.64
N ALA C 52 33.81 31.42 13.32
CA ALA C 52 32.81 31.49 12.26
C ALA C 52 33.10 32.69 11.35
N GLY C 53 32.38 32.79 10.24
CA GLY C 53 32.47 33.91 9.33
C GLY C 53 33.89 34.25 8.89
N GLU C 54 34.25 35.53 8.98
CA GLU C 54 35.56 36.00 8.52
C GLU C 54 36.70 35.33 9.24
N ALA C 55 36.58 35.10 10.54
CA ALA C 55 37.64 34.43 11.29
C ALA C 55 37.81 32.99 10.88
N ALA C 56 36.70 32.37 10.50
CA ALA C 56 36.76 31.00 9.97
C ALA C 56 37.42 31.05 8.59
N GLU C 57 37.00 31.99 7.78
CA GLU C 57 37.64 32.24 6.47
C GLU C 57 39.14 32.44 6.63
N GLU C 58 39.59 33.24 7.59
CA GLU C 58 41.00 33.51 7.81
C GLU C 58 41.78 32.28 8.25
N ALA C 59 41.13 31.47 9.09
CA ALA C 59 41.73 30.21 9.54
C ALA C 59 41.99 29.29 8.36
N LEU C 60 41.03 29.19 7.43
CA LEU C 60 41.15 28.37 6.22
C LEU C 60 42.23 28.92 5.28
N GLN C 61 42.20 30.22 5.06
CA GLN C 61 43.25 30.82 4.21
C GLN C 61 44.63 30.61 4.80
N ALA C 62 44.77 30.73 6.13
CA ALA C 62 46.06 30.49 6.75
C ALA C 62 46.52 29.07 6.41
N ALA C 63 45.69 28.09 6.76
CA ALA C 63 46.01 26.69 6.49
C ALA C 63 46.34 26.45 5.03
N VAL C 64 45.49 26.94 4.14
CA VAL C 64 45.67 26.63 2.72
C VAL C 64 46.94 27.24 2.14
N ASN C 65 47.50 28.28 2.77
CA ASN C 65 48.65 28.88 2.07
C ASN C 65 49.87 28.92 2.98
N GLY C 66 49.92 27.93 3.87
CA GLY C 66 51.06 27.76 4.75
C GLY C 66 52.21 27.04 4.05
N PRO C 67 53.38 27.13 4.66
CA PRO C 67 54.61 26.56 4.12
C PRO C 67 54.69 25.04 4.26
N ASP C 68 54.07 24.44 5.28
CA ASP C 68 54.18 22.99 5.42
C ASP C 68 53.20 22.24 4.50
N GLY C 69 52.37 22.96 3.78
CA GLY C 69 51.36 22.44 2.88
C GLY C 69 50.21 21.83 3.68
N PHE C 70 49.19 21.31 3.01
CA PHE C 70 48.08 20.69 3.71
C PHE C 70 47.45 19.54 2.93
N ILE C 71 46.80 18.67 3.66
CA ILE C 71 45.99 17.58 3.14
C ILE C 71 44.52 17.99 3.18
N CYS C 72 43.78 17.69 2.12
CA CYS C 72 42.37 18.06 2.13
C CYS C 72 41.48 16.83 2.12
N LEU C 73 40.56 16.79 3.06
CA LEU C 73 39.46 15.84 3.09
C LEU C 73 38.24 16.62 2.60
N VAL C 74 37.57 16.08 1.60
CA VAL C 74 36.37 16.67 1.07
C VAL C 74 35.18 15.74 1.29
N GLU C 75 34.14 16.28 1.93
CA GLU C 75 32.87 15.58 2.05
C GLU C 75 31.82 16.28 1.19
N GLY C 76 31.15 15.47 0.37
CA GLY C 76 30.03 15.86 -0.42
C GLY C 76 30.33 16.08 -1.89
N ALA C 77 29.28 16.18 -2.67
CA ALA C 77 29.33 16.44 -4.10
C ALA C 77 29.45 17.93 -4.40
N ILE C 78 29.86 18.24 -5.62
CA ILE C 78 29.83 19.62 -6.12
C ILE C 78 28.61 19.87 -6.98
N PRO C 79 27.70 20.76 -6.60
CA PRO C 79 26.52 20.98 -7.44
C PRO C 79 26.90 21.93 -8.57
N THR C 80 26.75 21.50 -9.82
CA THR C 80 27.23 22.35 -10.91
C THR C 80 26.11 22.99 -11.70
N GLY C 81 24.85 22.59 -11.51
CA GLY C 81 23.82 23.20 -12.33
C GLY C 81 23.63 24.67 -12.00
N MET C 82 22.84 25.35 -12.83
CA MET C 82 22.52 26.76 -12.63
C MET C 82 23.76 27.57 -12.29
N ASP C 83 24.81 27.45 -13.10
CA ASP C 83 26.00 28.23 -12.87
C ASP C 83 26.55 27.99 -11.45
N ASN C 84 26.43 26.77 -10.95
CA ASN C 84 26.98 26.36 -9.67
C ASN C 84 26.34 27.04 -8.48
N LYS C 85 25.22 27.72 -8.66
CA LYS C 85 24.67 28.54 -7.58
C LYS C 85 23.73 27.80 -6.63
N TYR C 86 23.63 26.48 -6.73
CA TYR C 86 22.88 25.67 -5.77
C TYR C 86 23.64 25.45 -4.46
N GLY C 87 24.93 25.73 -4.46
CA GLY C 87 25.82 25.61 -3.33
C GLY C 87 26.78 26.78 -3.19
N TYR C 88 26.62 27.56 -2.14
CA TYR C 88 27.44 28.68 -1.75
C TYR C 88 27.98 28.55 -0.32
N ILE C 89 29.19 29.03 -0.09
CA ILE C 89 29.71 29.31 1.25
C ILE C 89 30.43 30.68 1.20
N ALA C 90 30.17 31.54 2.17
CA ALA C 90 30.85 32.82 2.30
C ALA C 90 30.82 33.64 1.01
N GLY C 91 29.75 33.49 0.24
CA GLY C 91 29.51 34.20 -0.99
C GLY C 91 30.21 33.64 -2.21
N HIS C 92 30.91 32.52 -2.06
CA HIS C 92 31.58 31.85 -3.15
C HIS C 92 30.88 30.52 -3.47
N THR C 93 30.75 30.19 -4.76
CA THR C 93 30.15 28.88 -5.05
C THR C 93 31.07 27.76 -4.61
N MET C 94 30.44 26.63 -4.26
CA MET C 94 31.22 25.47 -3.86
C MET C 94 32.16 25.04 -4.98
N TYR C 95 31.70 25.14 -6.23
CA TYR C 95 32.58 24.75 -7.34
C TYR C 95 33.86 25.60 -7.30
N ASP C 96 33.64 26.91 -7.29
CA ASP C 96 34.75 27.86 -7.25
C ASP C 96 35.66 27.62 -6.05
N ILE C 97 35.08 27.35 -4.90
CA ILE C 97 35.85 27.14 -3.68
C ILE C 97 36.78 25.95 -3.80
N CYS C 98 36.29 24.88 -4.42
CA CYS C 98 37.06 23.63 -4.47
C CYS C 98 38.05 23.69 -5.64
N LYS C 99 37.67 24.47 -6.65
CA LYS C 99 38.60 24.72 -7.76
C LYS C 99 39.83 25.45 -7.23
N ASN C 100 39.63 26.42 -6.34
CA ASN C 100 40.71 27.20 -5.77
C ASN C 100 41.63 26.36 -4.89
N ILE C 101 41.07 25.58 -3.98
CA ILE C 101 41.81 24.96 -2.89
C ILE C 101 42.38 23.60 -3.18
N LEU C 102 41.64 22.73 -3.88
CA LEU C 102 42.16 21.36 -4.01
C LEU C 102 43.46 21.27 -4.80
N PRO C 103 43.68 22.00 -5.88
CA PRO C 103 44.98 21.88 -6.56
C PRO C 103 46.12 22.28 -5.65
N LYS C 104 45.81 23.12 -4.65
CA LYS C 104 46.82 23.56 -3.69
C LYS C 104 47.09 22.53 -2.59
N ALA C 105 46.33 21.45 -2.50
CA ALA C 105 46.55 20.36 -1.57
C ALA C 105 47.69 19.43 -1.97
N LYS C 106 48.40 18.84 -1.03
CA LYS C 106 49.44 17.85 -1.25
C LYS C 106 48.85 16.46 -1.41
N ALA C 107 47.54 16.39 -1.19
CA ALA C 107 46.75 15.19 -1.42
C ALA C 107 45.28 15.48 -1.11
N VAL C 108 44.39 14.86 -1.87
CA VAL C 108 42.95 14.99 -1.64
C VAL C 108 42.36 13.61 -1.38
N VAL C 109 41.60 13.47 -0.29
CA VAL C 109 40.85 12.26 0.05
C VAL C 109 39.37 12.59 -0.07
N SER C 110 38.66 11.91 -0.96
CA SER C 110 37.21 12.10 -1.06
C SER C 110 36.53 11.21 -0.03
N ILE C 111 35.77 11.82 0.89
CA ILE C 111 35.25 10.89 1.92
C ILE C 111 33.74 10.83 1.80
N GLY C 112 33.28 9.59 1.64
CA GLY C 112 31.85 9.41 1.45
C GLY C 112 31.47 9.19 0.01
N THR C 113 30.42 8.40 -0.21
CA THR C 113 29.98 8.16 -1.58
C THR C 113 29.68 9.41 -2.38
N CYS C 114 29.19 10.46 -1.71
CA CYS C 114 28.89 11.68 -2.44
C CYS C 114 30.12 12.28 -3.09
N ALA C 115 31.16 12.52 -2.30
CA ALA C 115 32.38 13.12 -2.85
C ALA C 115 33.02 12.19 -3.87
N CYS C 116 32.94 10.88 -3.62
CA CYS C 116 33.57 9.92 -4.52
C CYS C 116 32.92 9.89 -5.90
N TYR C 117 31.60 9.75 -5.97
CA TYR C 117 30.89 9.43 -7.21
C TYR C 117 29.61 10.20 -7.43
N GLY C 118 29.25 11.14 -6.55
CA GLY C 118 28.03 11.91 -6.74
C GLY C 118 27.01 11.72 -5.63
N GLY C 119 26.73 10.51 -5.18
CA GLY C 119 25.90 10.33 -4.01
C GLY C 119 24.42 10.62 -4.18
N ILE C 120 23.72 10.85 -3.07
CA ILE C 120 22.28 11.05 -3.00
C ILE C 120 21.80 12.18 -3.89
N GLN C 121 22.45 13.35 -3.88
CA GLN C 121 21.97 14.45 -4.72
C GLN C 121 22.18 14.21 -6.21
N ALA C 122 23.08 13.31 -6.58
CA ALA C 122 23.32 12.99 -7.99
C ALA C 122 22.34 11.94 -8.49
N ALA C 123 21.57 11.37 -7.57
CA ALA C 123 20.57 10.37 -7.97
C ALA C 123 19.53 10.98 -8.92
N LYS C 124 18.99 10.15 -9.82
CA LYS C 124 18.02 10.65 -10.79
C LYS C 124 16.87 11.42 -10.17
N PRO C 125 16.49 12.59 -10.70
CA PRO C 125 17.02 13.21 -11.91
C PRO C 125 18.11 14.27 -11.73
N ASN C 126 18.80 14.24 -10.60
CA ASN C 126 19.94 15.10 -10.33
C ASN C 126 19.61 16.57 -10.62
N PRO C 127 18.73 17.10 -9.80
CA PRO C 127 18.20 18.45 -9.99
C PRO C 127 19.30 19.50 -9.99
N THR C 128 20.37 19.27 -9.22
CA THR C 128 21.41 20.29 -9.12
C THR C 128 22.66 19.94 -9.91
N ALA C 129 22.59 18.92 -10.77
CA ALA C 129 23.77 18.53 -11.54
C ALA C 129 25.02 18.33 -10.69
N ALA C 130 24.84 17.54 -9.63
CA ALA C 130 25.84 17.18 -8.65
C ALA C 130 26.87 16.22 -9.20
N LYS C 131 28.13 16.51 -8.89
CA LYS C 131 29.25 15.70 -9.33
C LYS C 131 30.23 15.34 -8.21
N GLY C 132 30.80 14.14 -8.30
CA GLY C 132 31.92 13.69 -7.51
C GLY C 132 33.14 14.55 -7.81
N ILE C 133 34.04 14.60 -6.84
CA ILE C 133 35.24 15.43 -6.91
C ILE C 133 36.11 15.03 -8.10
N ASN C 134 36.41 13.74 -8.21
CA ASN C 134 37.32 13.33 -9.30
C ASN C 134 36.70 13.64 -10.65
N ASP C 135 35.39 13.51 -10.78
CA ASP C 135 34.72 13.81 -12.05
C ASP C 135 34.75 15.31 -12.31
N CYS C 136 34.49 16.06 -11.24
CA CYS C 136 34.33 17.49 -11.40
C CYS C 136 35.65 18.19 -11.76
N TYR C 137 36.76 17.75 -11.18
CA TYR C 137 38.02 18.48 -11.20
C TYR C 137 39.16 17.75 -11.91
N ALA C 138 38.84 16.68 -12.61
CA ALA C 138 39.78 15.93 -13.42
C ALA C 138 40.50 16.81 -14.44
N ASP C 139 39.79 17.79 -14.97
CA ASP C 139 40.38 18.66 -15.97
C ASP C 139 41.29 19.69 -15.30
N LEU C 140 41.20 19.81 -13.97
CA LEU C 140 42.09 20.67 -13.21
C LEU C 140 43.30 19.84 -12.75
N GLY C 141 43.23 18.55 -13.00
CA GLY C 141 44.32 17.68 -12.58
C GLY C 141 44.18 17.22 -11.14
N VAL C 142 42.98 17.33 -10.55
CA VAL C 142 42.85 16.79 -9.19
C VAL C 142 42.66 15.28 -9.28
N LYS C 143 43.37 14.53 -8.46
CA LYS C 143 43.20 13.09 -8.33
C LYS C 143 43.05 12.67 -6.87
N ALA C 144 41.81 12.50 -6.43
CA ALA C 144 41.54 12.11 -5.05
C ALA C 144 41.41 10.60 -4.87
N ILE C 145 41.84 10.15 -3.71
CA ILE C 145 41.63 8.82 -3.16
C ILE C 145 40.18 8.73 -2.66
N ASN C 146 39.42 7.81 -3.21
CA ASN C 146 38.01 7.63 -2.90
C ASN C 146 37.83 6.69 -1.72
N VAL C 147 37.18 7.19 -0.67
CA VAL C 147 36.85 6.34 0.48
C VAL C 147 35.33 6.40 0.65
N PRO C 148 34.61 5.59 -0.10
CA PRO C 148 33.15 5.64 -0.08
C PRO C 148 32.53 4.80 1.02
N GLY C 149 31.22 4.80 1.00
CA GLY C 149 30.23 4.35 1.94
C GLY C 149 29.37 5.54 2.34
N CYS C 150 28.18 5.30 2.87
CA CYS C 150 27.18 6.32 3.17
C CYS C 150 26.63 6.16 4.57
N PRO C 151 27.44 6.46 5.58
CA PRO C 151 28.82 6.92 5.46
C PRO C 151 29.88 5.83 5.54
N PRO C 152 31.12 6.16 5.22
CA PRO C 152 32.19 5.15 5.34
C PRO C 152 32.45 4.80 6.81
N ASN C 153 33.08 3.66 7.01
CA ASN C 153 33.66 3.28 8.28
C ASN C 153 34.78 4.23 8.67
N PRO C 154 34.80 4.72 9.91
CA PRO C 154 35.92 5.56 10.34
C PRO C 154 37.25 4.84 10.20
N LEU C 155 37.22 3.52 10.35
CA LEU C 155 38.45 2.74 10.21
C LEU C 155 39.06 2.91 8.84
N ASN C 156 38.19 3.06 7.84
CA ASN C 156 38.67 3.26 6.47
C ASN C 156 39.07 4.69 6.19
N MET C 157 38.32 5.70 6.62
CA MET C 157 38.73 7.08 6.42
C MET C 157 40.03 7.41 7.15
N VAL C 158 40.04 7.17 8.46
CA VAL C 158 41.25 7.46 9.23
C VAL C 158 42.42 6.59 8.79
N GLY C 159 42.15 5.32 8.47
CA GLY C 159 43.24 4.43 8.08
C GLY C 159 43.92 4.90 6.82
N THR C 160 43.09 5.43 5.91
CA THR C 160 43.63 5.96 4.66
C THR C 160 44.49 7.18 4.96
N LEU C 161 43.94 8.01 5.85
CA LEU C 161 44.65 9.24 6.20
C LEU C 161 46.02 8.96 6.80
N VAL C 162 46.06 8.08 7.79
CA VAL C 162 47.29 7.79 8.53
C VAL C 162 48.35 7.17 7.62
N ALA C 163 47.90 6.15 6.89
CA ALA C 163 48.66 5.56 5.81
C ALA C 163 49.38 6.61 4.97
N PHE C 164 48.66 7.60 4.48
CA PHE C 164 49.29 8.64 3.69
C PHE C 164 50.34 9.43 4.47
N LEU C 165 49.98 9.82 5.69
CA LEU C 165 50.89 10.63 6.49
C LEU C 165 52.20 9.88 6.69
N LYS C 166 52.06 8.55 6.76
CA LYS C 166 53.23 7.68 6.96
C LYS C 166 53.98 7.44 5.66
N GLY C 167 53.51 8.04 4.59
CA GLY C 167 54.11 7.82 3.28
C GLY C 167 54.09 6.34 2.93
N GLN C 168 53.10 5.63 3.45
CA GLN C 168 52.85 4.25 3.06
C GLN C 168 52.19 4.25 1.68
N LYS C 169 52.46 3.26 0.85
CA LYS C 169 51.84 3.27 -0.47
C LYS C 169 50.39 2.79 -0.33
N ILE C 170 49.50 3.35 -1.16
CA ILE C 170 48.11 2.90 -1.07
C ILE C 170 47.61 2.41 -2.42
N GLU C 171 47.48 1.08 -2.55
CA GLU C 171 46.98 0.55 -3.79
C GLU C 171 45.48 0.86 -3.91
N LEU C 172 45.09 1.34 -5.07
CA LEU C 172 43.73 1.67 -5.40
C LEU C 172 43.16 0.71 -6.45
N ASP C 173 41.85 0.52 -6.40
CA ASP C 173 41.14 -0.24 -7.42
C ASP C 173 40.77 0.67 -8.59
N GLU C 174 40.06 0.10 -9.54
CA GLU C 174 39.68 0.82 -10.76
C GLU C 174 38.76 2.00 -10.46
N VAL C 175 38.16 2.06 -9.27
CA VAL C 175 37.32 3.24 -9.01
C VAL C 175 37.93 4.07 -7.88
N GLY C 176 39.24 4.00 -7.68
CA GLY C 176 39.98 4.86 -6.78
C GLY C 176 39.95 4.52 -5.31
N ARG C 177 39.41 3.35 -4.94
CA ARG C 177 39.26 2.93 -3.55
C ARG C 177 40.45 2.12 -3.06
N PRO C 178 40.95 2.44 -1.88
CA PRO C 178 42.03 1.61 -1.30
C PRO C 178 41.65 0.14 -1.18
N VAL C 179 42.43 -0.70 -1.87
CA VAL C 179 42.17 -2.13 -1.90
C VAL C 179 42.25 -2.72 -0.51
N MET C 180 43.07 -2.16 0.36
CA MET C 180 43.18 -2.71 1.73
C MET C 180 41.85 -2.65 2.47
N PHE C 181 40.91 -1.80 2.05
CA PHE C 181 39.61 -1.78 2.73
C PHE C 181 38.46 -2.22 1.84
N PHE C 182 38.61 -2.05 0.53
CA PHE C 182 37.55 -2.29 -0.43
C PHE C 182 37.87 -3.41 -1.42
N GLY C 183 38.95 -4.15 -1.16
CA GLY C 183 39.34 -5.19 -2.08
C GLY C 183 38.47 -6.42 -2.14
N GLN C 184 37.58 -6.66 -1.18
CA GLN C 184 36.74 -7.83 -1.15
C GLN C 184 35.26 -7.48 -1.10
N SER C 185 34.39 -8.34 -1.65
CA SER C 185 32.97 -8.04 -1.53
C SER C 185 32.49 -8.31 -0.10
N VAL C 186 31.48 -7.56 0.29
CA VAL C 186 30.75 -7.77 1.54
C VAL C 186 30.39 -9.24 1.64
N HIS C 187 29.86 -9.77 0.54
CA HIS C 187 29.44 -11.15 0.39
C HIS C 187 30.55 -12.15 0.65
N ASP C 188 31.78 -11.83 0.27
CA ASP C 188 32.86 -12.79 0.56
C ASP C 188 33.25 -12.68 2.03
N LEU C 189 32.78 -11.62 2.69
CA LEU C 189 33.16 -11.46 4.09
C LEU C 189 32.06 -11.86 5.05
N CYS C 190 30.85 -12.03 4.53
CA CYS C 190 29.65 -12.24 5.31
C CYS C 190 29.54 -13.57 6.02
N GLU C 191 29.15 -13.53 7.31
CA GLU C 191 28.96 -14.74 8.08
C GLU C 191 27.73 -15.54 7.65
N ARG C 192 26.84 -15.04 6.81
CA ARG C 192 25.68 -15.81 6.40
C ARG C 192 25.91 -16.54 5.06
N ARG C 193 27.14 -16.45 4.60
CA ARG C 193 27.53 -16.96 3.29
C ARG C 193 27.33 -18.47 3.22
N LYS C 194 27.41 -19.09 4.39
CA LYS C 194 27.26 -20.55 4.40
C LYS C 194 25.81 -20.91 4.12
N HIS C 195 24.88 -20.08 4.57
CA HIS C 195 23.49 -20.21 4.19
C HIS C 195 23.26 -19.99 2.71
N PHE C 196 23.85 -18.92 2.17
CA PHE C 196 23.74 -18.63 0.74
C PHE C 196 24.17 -19.86 -0.07
N ASP C 197 25.36 -20.33 0.24
CA ASP C 197 25.94 -21.45 -0.48
C ASP C 197 25.03 -22.65 -0.41
N ALA C 198 24.28 -22.76 0.67
CA ALA C 198 23.39 -23.90 0.87
C ALA C 198 21.97 -23.65 0.39
N GLY C 199 21.64 -22.48 -0.14
CA GLY C 199 20.30 -22.30 -0.69
C GLY C 199 19.27 -21.96 0.37
N GLU C 200 19.82 -21.49 1.48
CA GLU C 200 19.12 -21.16 2.72
C GLU C 200 18.85 -19.65 2.78
N PHE C 201 17.73 -19.23 2.23
CA PHE C 201 17.33 -17.84 2.14
C PHE C 201 16.02 -17.52 2.87
N ALA C 202 15.97 -16.30 3.40
CA ALA C 202 14.74 -15.76 3.97
C ALA C 202 13.83 -15.26 2.86
N PRO C 203 12.61 -15.80 2.83
CA PRO C 203 11.62 -15.40 1.83
C PRO C 203 10.96 -14.08 2.18
N SER C 204 10.99 -13.71 3.45
CA SER C 204 10.41 -12.45 3.87
C SER C 204 10.92 -12.10 5.26
N PHE C 205 10.68 -10.90 5.77
CA PHE C 205 11.27 -10.56 7.09
C PHE C 205 10.57 -11.30 8.22
N ASN C 206 9.26 -11.46 8.12
CA ASN C 206 8.51 -12.22 9.12
C ASN C 206 8.48 -13.70 8.77
N SER C 207 9.62 -14.37 8.93
CA SER C 207 9.65 -15.79 8.55
C SER C 207 10.64 -16.55 9.40
N GLU C 208 10.44 -17.86 9.47
CA GLU C 208 11.30 -18.68 10.32
C GLU C 208 12.75 -18.64 9.86
N GLU C 209 12.91 -18.55 8.53
CA GLU C 209 14.23 -18.46 7.92
C GLU C 209 14.94 -17.19 8.40
N ALA C 210 14.21 -16.08 8.42
CA ALA C 210 14.76 -14.79 8.84
C ALA C 210 15.14 -14.85 10.31
N ARG C 211 14.23 -15.44 11.07
CA ARG C 211 14.44 -15.53 12.51
C ARG C 211 15.70 -16.33 12.81
N LYS C 212 15.97 -17.34 12.00
CA LYS C 212 17.12 -18.23 12.16
C LYS C 212 18.40 -17.58 11.66
N GLY C 213 18.27 -16.42 11.00
CA GLY C 213 19.48 -15.78 10.54
C GLY C 213 19.95 -16.24 9.18
N TRP C 214 19.04 -16.64 8.30
CA TRP C 214 19.50 -17.13 6.99
C TRP C 214 19.81 -15.98 6.04
N CYS C 215 20.30 -16.31 4.85
CA CYS C 215 20.77 -15.31 3.89
C CYS C 215 19.61 -14.42 3.44
N LEU C 216 19.92 -13.14 3.23
CA LEU C 216 18.98 -12.09 2.92
C LEU C 216 18.95 -11.70 1.44
N TYR C 217 19.56 -12.46 0.56
CA TYR C 217 19.58 -12.17 -0.88
C TYR C 217 18.18 -12.03 -1.49
N ASP C 218 17.27 -12.92 -1.12
CA ASP C 218 15.96 -12.87 -1.76
C ASP C 218 15.13 -11.69 -1.30
N VAL C 219 15.53 -11.05 -0.19
CA VAL C 219 14.87 -9.83 0.24
C VAL C 219 15.73 -8.61 -0.06
N GLY C 220 16.63 -8.73 -1.03
CA GLY C 220 17.31 -7.60 -1.56
C GLY C 220 18.78 -7.40 -1.33
N CYS C 221 19.46 -8.26 -0.58
CA CYS C 221 20.83 -7.99 -0.22
C CYS C 221 21.74 -7.76 -1.42
N LYS C 222 22.44 -6.64 -1.49
CA LYS C 222 23.41 -6.35 -2.55
C LYS C 222 24.85 -6.69 -2.21
N GLY C 223 25.02 -7.43 -1.11
CA GLY C 223 26.32 -7.92 -0.70
C GLY C 223 27.18 -8.43 -1.83
N PRO C 224 26.66 -9.33 -2.67
CA PRO C 224 27.44 -9.87 -3.77
C PRO C 224 28.00 -8.83 -4.72
N GLU C 225 27.38 -7.66 -4.82
CA GLU C 225 27.94 -6.70 -5.78
C GLU C 225 28.60 -5.52 -5.08
N THR C 226 28.74 -5.60 -3.77
CA THR C 226 29.18 -4.45 -2.99
C THR C 226 30.56 -4.68 -2.36
N TYR C 227 31.44 -3.71 -2.58
CA TYR C 227 32.81 -3.76 -2.05
C TYR C 227 33.05 -2.81 -0.88
N ASN C 228 33.21 -3.40 0.30
CA ASN C 228 33.39 -2.80 1.60
C ASN C 228 33.83 -3.84 2.63
N ASN C 229 34.25 -3.45 3.83
CA ASN C 229 34.72 -4.47 4.79
C ASN C 229 33.81 -4.65 5.98
N CYS C 230 32.56 -4.25 5.79
CA CYS C 230 31.61 -4.20 6.88
C CYS C 230 31.57 -5.42 7.77
N PRO C 231 31.48 -6.64 7.25
CA PRO C 231 31.30 -7.82 8.11
C PRO C 231 32.55 -8.20 8.89
N LYS C 232 33.69 -7.75 8.39
CA LYS C 232 34.96 -8.12 9.05
C LYS C 232 35.32 -7.12 10.13
N VAL C 233 35.12 -5.82 9.88
CA VAL C 233 35.54 -4.87 10.93
C VAL C 233 34.40 -4.37 11.80
N LEU C 234 33.18 -4.50 11.34
CA LEU C 234 31.95 -4.07 11.95
C LEU C 234 31.88 -2.55 12.05
N PHE C 235 30.72 -2.09 12.51
CA PHE C 235 30.48 -0.71 12.90
C PHE C 235 30.37 -0.57 14.42
N ASN C 236 30.96 0.49 14.97
CA ASN C 236 30.93 0.72 16.40
C ASN C 236 31.43 -0.51 17.18
N GLU C 237 32.41 -1.17 16.58
CA GLU C 237 32.99 -2.40 17.08
C GLU C 237 31.95 -3.46 17.42
N THR C 238 30.73 -3.42 16.85
CA THR C 238 29.76 -4.37 17.40
C THR C 238 28.71 -4.85 16.42
N ASN C 239 28.46 -4.24 15.28
CA ASN C 239 27.35 -4.78 14.45
C ASN C 239 27.49 -4.34 13.01
N TRP C 240 26.65 -4.85 12.11
CA TRP C 240 26.57 -4.43 10.71
C TRP C 240 25.15 -4.76 10.23
N PRO C 241 24.70 -4.16 9.14
CA PRO C 241 23.30 -4.31 8.75
C PRO C 241 22.83 -5.77 8.62
N VAL C 242 23.53 -6.64 7.91
CA VAL C 242 23.02 -8.03 7.78
C VAL C 242 22.89 -8.69 9.13
N ALA C 243 23.79 -8.42 10.09
CA ALA C 243 23.67 -9.07 11.39
C ALA C 243 22.52 -8.55 12.24
N ALA C 244 22.03 -7.39 11.87
CA ALA C 244 20.84 -6.74 12.37
C ALA C 244 19.60 -7.16 11.57
N GLY C 245 19.81 -8.13 10.67
CA GLY C 245 18.74 -8.71 9.90
C GLY C 245 18.35 -7.93 8.66
N HIS C 246 19.15 -6.95 8.22
CA HIS C 246 18.70 -6.16 7.06
C HIS C 246 19.64 -6.27 5.89
N PRO C 247 19.12 -6.38 4.68
CA PRO C 247 20.00 -6.43 3.51
C PRO C 247 20.94 -5.24 3.42
N CYS C 248 22.12 -5.50 2.86
CA CYS C 248 23.06 -4.49 2.38
C CYS C 248 22.39 -3.74 1.23
N ILE C 249 22.50 -2.42 1.19
CA ILE C 249 21.84 -1.67 0.11
C ILE C 249 22.85 -1.11 -0.90
N GLY C 250 24.11 -1.51 -0.77
CA GLY C 250 25.22 -1.26 -1.65
C GLY C 250 25.86 0.10 -1.58
N CYS C 251 25.94 0.68 -0.37
CA CYS C 251 26.13 2.12 -0.24
C CYS C 251 27.54 2.61 -0.55
N SER C 252 28.49 1.73 -0.77
CA SER C 252 29.85 2.13 -1.14
C SER C 252 30.08 1.99 -2.65
N GLU C 253 29.04 1.68 -3.42
CA GLU C 253 29.14 1.49 -4.86
C GLU C 253 28.73 2.74 -5.61
N PRO C 254 29.43 3.07 -6.70
CA PRO C 254 29.00 4.22 -7.51
C PRO C 254 27.58 4.03 -8.01
N ASN C 255 26.78 5.07 -7.97
CA ASN C 255 25.40 5.11 -8.42
C ASN C 255 24.50 4.08 -7.74
N PHE C 256 24.80 3.68 -6.48
CA PHE C 256 23.95 2.63 -5.88
C PHE C 256 22.49 3.04 -5.75
N TRP C 257 22.21 4.32 -5.54
CA TRP C 257 20.85 4.83 -5.46
C TRP C 257 19.99 4.44 -6.66
N ASP C 258 20.52 4.50 -7.87
CA ASP C 258 19.77 4.12 -9.05
C ASP C 258 20.04 2.70 -9.51
N ASP C 259 21.21 2.17 -9.20
CA ASP C 259 21.65 0.85 -9.62
C ASP C 259 21.19 -0.26 -8.67
N MET C 260 21.01 0.01 -7.37
CA MET C 260 20.70 -1.08 -6.46
C MET C 260 19.24 -1.09 -6.03
N THR C 261 18.47 -0.13 -6.54
CA THR C 261 17.05 -0.05 -6.26
C THR C 261 16.29 -0.90 -7.28
N PRO C 262 15.18 -1.52 -6.93
CA PRO C 262 14.58 -1.54 -5.61
C PRO C 262 15.47 -2.25 -4.58
N PHE C 263 15.56 -1.63 -3.41
CA PHE C 263 16.47 -2.17 -2.40
C PHE C 263 16.00 -3.52 -1.88
N TYR C 264 14.72 -3.84 -1.96
CA TYR C 264 14.28 -5.12 -1.40
C TYR C 264 14.05 -6.19 -2.46
N GLN C 265 14.67 -6.03 -3.62
CA GLN C 265 14.57 -7.00 -4.70
C GLN C 265 15.97 -7.29 -5.25
N ASN C 266 16.13 -8.49 -5.78
CA ASN C 266 17.23 -8.90 -6.65
C ASN C 266 16.68 -9.72 -7.84
N THR D 6 24.86 43.07 30.62
CA THR D 6 25.32 42.38 29.41
C THR D 6 26.12 43.33 28.54
N PRO D 7 27.41 43.07 28.33
CA PRO D 7 28.22 44.01 27.55
C PRO D 7 27.67 44.23 26.14
N ARG D 8 27.82 45.45 25.64
CA ARG D 8 27.54 45.70 24.24
C ARG D 8 28.23 47.01 23.81
N SER D 9 28.57 47.04 22.54
CA SER D 9 29.16 48.17 21.84
C SER D 9 28.11 49.21 21.47
N ASN D 10 28.45 50.22 20.68
CA ASN D 10 27.52 51.21 20.14
C ASN D 10 27.38 51.04 18.63
N TYR D 11 27.92 49.90 18.17
CA TYR D 11 27.90 49.63 16.75
C TYR D 11 26.51 49.73 16.12
N THR D 12 26.50 50.42 14.99
CA THR D 12 25.37 50.58 14.10
C THR D 12 25.84 50.27 12.67
N GLY D 13 25.35 49.16 12.15
CA GLY D 13 25.63 48.65 10.83
C GLY D 13 25.19 47.20 10.72
N PRO D 14 25.55 46.59 9.61
CA PRO D 14 25.22 45.19 9.35
C PRO D 14 26.35 44.29 9.83
N ILE D 15 25.99 43.04 10.09
CA ILE D 15 26.92 41.97 10.39
C ILE D 15 26.44 40.78 9.57
N VAL D 16 27.39 40.14 8.93
CA VAL D 16 27.16 38.87 8.24
C VAL D 16 28.02 37.81 8.89
N VAL D 17 27.39 36.67 9.22
CA VAL D 17 28.18 35.51 9.64
C VAL D 17 27.98 34.39 8.60
N ASP D 18 29.00 34.12 7.81
CA ASP D 18 28.92 33.11 6.76
C ASP D 18 30.32 32.61 6.47
N PRO D 19 30.65 31.37 6.80
CA PRO D 19 29.73 30.38 7.36
C PRO D 19 29.49 30.48 8.86
N LEU D 20 28.26 30.20 9.28
CA LEU D 20 27.93 29.98 10.67
C LEU D 20 28.24 28.51 11.00
N THR D 21 29.31 28.38 11.76
CA THR D 21 29.90 27.09 12.05
C THR D 21 29.30 26.52 13.35
N ARG D 22 29.75 25.34 13.67
CA ARG D 22 29.33 24.59 14.85
C ARG D 22 27.80 24.42 14.80
N ILE D 23 27.37 24.08 13.60
CA ILE D 23 26.07 23.60 13.25
C ILE D 23 26.21 22.47 12.22
N GLU D 24 25.10 21.86 11.84
CA GLU D 24 25.14 21.06 10.62
C GLU D 24 24.72 21.91 9.43
N GLY D 25 25.47 21.77 8.33
CA GLY D 25 25.11 22.31 7.05
C GLY D 25 25.58 23.74 6.82
N HIS D 26 25.04 24.40 5.81
CA HIS D 26 25.51 25.69 5.34
C HIS D 26 24.53 26.82 5.58
N LEU D 27 24.85 27.59 6.62
CA LEU D 27 24.05 28.72 7.05
C LEU D 27 24.80 30.06 6.99
N ARG D 28 24.13 31.03 6.38
CA ARG D 28 24.49 32.44 6.45
C ARG D 28 23.47 33.22 7.27
N ILE D 29 23.95 33.97 8.25
CA ILE D 29 23.13 34.91 8.99
C ILE D 29 23.56 36.34 8.63
N GLU D 30 22.56 37.18 8.36
CA GLU D 30 22.67 38.61 8.16
C GLU D 30 21.89 39.38 9.21
N VAL D 31 22.58 40.31 9.89
CA VAL D 31 21.83 41.09 10.86
C VAL D 31 22.06 42.60 10.62
N GLU D 32 21.08 43.37 11.04
CA GLU D 32 21.20 44.82 11.13
C GLU D 32 21.23 45.25 12.59
N VAL D 33 22.23 46.04 12.93
CA VAL D 33 22.52 46.43 14.30
C VAL D 33 22.37 47.92 14.53
N GLU D 34 21.84 48.34 15.66
CA GLU D 34 21.64 49.72 16.05
C GLU D 34 22.06 49.92 17.50
N GLY D 35 23.16 50.64 17.72
CA GLY D 35 23.55 50.93 19.10
C GLY D 35 23.97 49.66 19.82
N GLY D 36 24.58 48.77 19.04
CA GLY D 36 25.07 47.53 19.61
C GLY D 36 23.95 46.55 19.94
N VAL D 37 22.76 46.81 19.41
CA VAL D 37 21.62 45.92 19.59
C VAL D 37 21.05 45.51 18.23
N ILE D 38 20.86 44.21 18.07
CA ILE D 38 20.28 43.68 16.84
C ILE D 38 18.80 44.00 16.74
N LYS D 39 18.43 44.64 15.64
CA LYS D 39 17.06 45.01 15.35
C LYS D 39 16.41 44.17 14.26
N GLU D 40 17.19 43.44 13.47
CA GLU D 40 16.65 42.69 12.34
C GLU D 40 17.61 41.62 11.89
N ALA D 41 17.12 40.43 11.54
CA ALA D 41 18.01 39.34 11.14
C ALA D 41 17.40 38.56 9.97
N ARG D 42 18.26 38.07 9.09
CA ARG D 42 17.83 37.15 8.05
C ARG D 42 18.56 35.81 8.17
N SER D 43 17.86 34.70 8.08
CA SER D 43 18.40 33.35 7.99
C SER D 43 18.40 32.86 6.55
N CYS D 44 19.59 32.60 6.04
CA CYS D 44 19.86 32.21 4.67
C CYS D 44 20.50 30.83 4.58
N ALA D 45 19.72 29.84 4.15
CA ALA D 45 20.28 28.50 3.93
C ALA D 45 20.88 28.45 2.53
N THR D 46 22.14 28.07 2.38
CA THR D 46 22.84 28.31 1.12
C THR D 46 23.21 27.05 0.34
N LEU D 47 22.56 25.94 0.65
CA LEU D 47 22.70 24.72 -0.15
C LEU D 47 21.34 24.08 -0.39
N PHE D 48 21.12 23.69 -1.64
CA PHE D 48 19.95 22.90 -2.03
C PHE D 48 20.38 21.56 -2.63
N ARG D 49 19.73 20.46 -2.25
CA ARG D 49 20.01 19.14 -2.81
C ARG D 49 18.79 18.59 -3.56
N GLY D 50 17.57 18.76 -3.05
CA GLY D 50 16.43 18.36 -3.84
C GLY D 50 15.96 16.93 -3.69
N ILE D 51 15.94 16.42 -2.44
CA ILE D 51 15.63 15.01 -2.26
C ILE D 51 14.18 14.66 -2.57
N GLU D 52 13.27 15.60 -2.37
CA GLU D 52 11.85 15.37 -2.67
C GLU D 52 11.67 15.06 -4.15
N THR D 53 12.36 15.80 -5.01
CA THR D 53 12.30 15.57 -6.45
C THR D 53 12.85 14.19 -6.79
N ILE D 54 14.00 13.88 -6.21
CA ILE D 54 14.70 12.61 -6.47
C ILE D 54 13.78 11.45 -6.11
N LEU D 55 12.93 11.60 -5.10
CA LEU D 55 12.08 10.52 -4.60
C LEU D 55 10.94 10.15 -5.56
N LYS D 56 10.55 11.05 -6.45
CA LYS D 56 9.41 10.77 -7.31
C LYS D 56 9.63 9.55 -8.20
N GLY D 57 8.60 8.72 -8.30
CA GLY D 57 8.64 7.61 -9.24
C GLY D 57 9.25 6.35 -8.67
N ARG D 58 9.76 6.47 -7.44
CA ARG D 58 10.44 5.30 -6.89
C ARG D 58 9.51 4.41 -6.08
N ASP D 59 10.02 3.28 -5.60
CA ASP D 59 9.33 2.35 -4.70
C ASP D 59 9.18 2.98 -3.33
N PRO D 60 7.97 3.10 -2.81
CA PRO D 60 7.79 3.70 -1.48
C PRO D 60 8.59 3.02 -0.38
N ARG D 61 8.89 1.73 -0.45
CA ARG D 61 9.71 1.03 0.52
C ARG D 61 11.14 1.58 0.59
N ASP D 62 11.60 2.18 -0.50
CA ASP D 62 12.96 2.73 -0.62
C ASP D 62 13.07 4.11 -0.01
N ALA D 63 11.94 4.75 0.26
CA ALA D 63 11.99 6.14 0.73
C ALA D 63 12.88 6.37 1.94
N GLN D 64 12.71 5.53 2.95
CA GLN D 64 13.44 5.66 4.20
C GLN D 64 14.95 5.65 3.99
N HIS D 65 15.42 4.91 2.98
CA HIS D 65 16.85 4.82 2.76
C HIS D 65 17.38 6.12 2.14
N PHE D 66 16.63 6.67 1.21
CA PHE D 66 16.92 7.98 0.63
C PHE D 66 16.75 9.08 1.67
N THR D 67 15.63 9.12 2.41
CA THR D 67 15.46 10.27 3.28
C THR D 67 16.35 10.23 4.52
N GLN D 68 16.82 9.05 4.94
CA GLN D 68 17.77 9.10 6.04
C GLN D 68 18.98 9.97 5.69
N ARG D 69 19.34 10.04 4.39
CA ARG D 69 20.48 10.85 3.95
C ARG D 69 20.14 12.33 3.84
N THR D 70 18.98 12.71 4.32
CA THR D 70 18.70 14.09 4.61
C THR D 70 19.75 14.62 5.58
N CYS D 71 20.17 13.75 6.51
CA CYS D 71 21.05 14.23 7.56
C CYS D 71 21.66 13.14 8.43
N GLY D 72 22.97 13.23 8.65
CA GLY D 72 23.67 12.26 9.48
C GLY D 72 23.94 12.67 10.91
N VAL D 73 23.64 13.89 11.32
CA VAL D 73 23.71 14.29 12.73
C VAL D 73 22.47 13.73 13.41
N CYS D 74 21.34 14.17 12.87
CA CYS D 74 20.07 13.58 13.30
C CYS D 74 19.80 12.33 12.46
N THR D 75 20.80 11.43 12.49
CA THR D 75 20.66 10.13 11.84
C THR D 75 19.48 9.35 12.41
N TYR D 76 18.96 8.37 11.67
CA TYR D 76 17.85 7.50 12.06
C TYR D 76 16.52 8.23 11.96
N THR D 77 16.46 9.48 12.40
CA THR D 77 15.19 10.17 12.52
C THR D 77 14.37 10.14 11.24
N HIS D 78 14.99 10.41 10.09
CA HIS D 78 14.21 10.45 8.86
C HIS D 78 13.83 9.05 8.39
N ALA D 79 14.64 8.04 8.71
CA ALA D 79 14.21 6.69 8.34
C ALA D 79 12.96 6.29 9.12
N LEU D 80 12.97 6.66 10.39
CA LEU D 80 11.84 6.45 11.28
C LEU D 80 10.58 7.13 10.77
N ALA D 81 10.71 8.41 10.41
CA ALA D 81 9.58 9.21 9.96
C ALA D 81 9.02 8.67 8.64
N SER D 82 9.91 8.25 7.76
CA SER D 82 9.47 7.69 6.48
C SER D 82 8.77 6.35 6.59
N THR D 83 9.32 5.50 7.44
CA THR D 83 8.71 4.21 7.78
C THR D 83 7.34 4.44 8.41
N ARG D 84 7.23 5.38 9.35
CA ARG D 84 5.95 5.71 9.96
C ARG D 84 4.99 6.20 8.89
N CYS D 85 5.52 6.95 7.93
CA CYS D 85 4.74 7.45 6.80
C CYS D 85 4.14 6.32 5.96
N LEU D 86 4.99 5.45 5.44
CA LEU D 86 4.52 4.28 4.67
C LEU D 86 3.59 3.41 5.51
N GLU D 87 3.88 3.23 6.80
CA GLU D 87 2.99 2.42 7.65
C GLU D 87 1.65 3.11 7.78
N ASP D 88 1.63 4.46 7.69
CA ASP D 88 0.36 5.15 7.85
C ASP D 88 -0.46 4.96 6.58
N ALA D 89 0.23 4.80 5.46
CA ALA D 89 -0.46 4.62 4.18
C ALA D 89 -0.92 3.17 4.05
N ILE D 90 -0.11 2.24 4.53
CA ILE D 90 -0.53 0.83 4.55
C ILE D 90 -1.67 0.60 5.53
N ASN D 91 -1.56 1.23 6.69
CA ASN D 91 -2.54 1.25 7.76
C ASN D 91 -2.89 -0.13 8.31
N LYS D 92 -1.90 -0.93 8.66
CA LYS D 92 -2.08 -2.23 9.29
C LYS D 92 -1.29 -2.27 10.59
N PRO D 93 -1.59 -3.14 11.54
CA PRO D 93 -0.95 -3.12 12.85
C PRO D 93 0.55 -3.38 12.84
N ILE D 94 1.23 -2.65 13.72
CA ILE D 94 2.67 -2.71 13.91
C ILE D 94 2.98 -3.47 15.20
N PRO D 95 3.76 -4.54 15.11
CA PRO D 95 4.12 -5.33 16.28
C PRO D 95 4.56 -4.45 17.44
N ALA D 96 4.24 -4.88 18.67
CA ALA D 96 4.60 -4.16 19.88
C ALA D 96 6.10 -3.99 20.05
N ASN D 97 6.83 -5.02 19.69
CA ASN D 97 8.27 -5.11 19.84
C ASN D 97 8.98 -4.15 18.87
N ALA D 98 8.34 -3.89 17.73
CA ALA D 98 8.86 -2.89 16.79
C ALA D 98 8.85 -1.50 17.41
N THR D 99 7.70 -1.16 17.97
CA THR D 99 7.54 0.10 18.70
C THR D 99 8.54 0.22 19.84
N TYR D 100 8.66 -0.79 20.70
CA TYR D 100 9.63 -0.73 21.79
C TYR D 100 11.06 -0.54 21.29
N ILE D 101 11.45 -1.35 20.30
CA ILE D 101 12.85 -1.25 19.85
C ILE D 101 13.10 0.11 19.19
N ARG D 102 12.18 0.58 18.34
CA ARG D 102 12.32 1.88 17.70
C ARG D 102 12.42 3.02 18.73
N ASN D 103 11.56 2.95 19.74
CA ASN D 103 11.55 3.93 20.82
C ASN D 103 12.87 3.93 21.57
N LEU D 104 13.38 2.74 21.88
CA LEU D 104 14.68 2.66 22.55
C LEU D 104 15.84 3.12 21.68
N VAL D 105 15.81 2.82 20.37
CA VAL D 105 16.92 3.31 19.56
C VAL D 105 16.83 4.83 19.49
N LEU D 106 15.59 5.33 19.42
CA LEU D 106 15.39 6.77 19.36
C LEU D 106 15.82 7.48 20.64
N GLY D 107 15.57 6.91 21.82
CA GLY D 107 16.00 7.51 23.06
C GLY D 107 17.52 7.66 23.07
N ASN D 108 18.19 6.64 22.54
CA ASN D 108 19.66 6.64 22.48
C ASN D 108 20.16 7.72 21.53
N GLN D 109 19.43 7.95 20.44
CA GLN D 109 19.74 9.04 19.53
C GLN D 109 19.64 10.36 20.26
N PHE D 110 18.59 10.58 21.06
CA PHE D 110 18.52 11.84 21.81
C PHE D 110 19.71 12.02 22.75
N MET D 111 20.08 10.98 23.48
CA MET D 111 21.23 11.04 24.37
C MET D 111 22.52 11.43 23.66
N HIS D 112 22.75 10.82 22.50
CA HIS D 112 23.97 11.11 21.76
C HIS D 112 23.96 12.53 21.22
N ASP D 113 22.89 12.87 20.51
CA ASP D 113 22.78 14.15 19.81
C ASP D 113 22.90 15.33 20.76
N HIS D 114 22.10 15.33 21.82
CA HIS D 114 22.12 16.44 22.78
C HIS D 114 23.46 16.55 23.49
N LEU D 115 24.09 15.45 23.84
CA LEU D 115 25.39 15.52 24.52
C LEU D 115 26.42 16.21 23.65
N VAL D 116 26.48 15.77 22.39
CA VAL D 116 27.46 16.31 21.44
C VAL D 116 27.18 17.79 21.16
N HIS D 117 25.88 18.10 21.07
CA HIS D 117 25.55 19.49 20.81
C HIS D 117 26.06 20.41 21.93
N PHE D 118 25.71 20.07 23.17
CA PHE D 118 26.06 20.93 24.30
C PHE D 118 27.57 21.15 24.35
N TYR D 119 28.35 20.06 24.40
CA TYR D 119 29.79 20.19 24.55
C TYR D 119 30.46 20.64 23.25
N HIS D 120 30.20 19.95 22.14
CA HIS D 120 31.05 20.16 20.96
C HIS D 120 30.53 21.18 19.98
N LEU D 121 29.25 21.54 20.06
CA LEU D 121 28.76 22.62 19.21
C LEU D 121 28.47 23.88 19.98
N HIS D 122 27.95 23.77 21.22
CA HIS D 122 27.58 24.98 21.94
C HIS D 122 28.57 25.53 22.96
N ALA D 123 29.22 24.68 23.72
CA ALA D 123 30.06 25.04 24.85
C ALA D 123 31.09 26.12 24.58
N LEU D 124 31.72 26.13 23.40
CA LEU D 124 32.77 27.10 23.12
C LEU D 124 32.22 28.52 23.03
N ASP D 125 30.91 28.68 22.97
CA ASP D 125 30.29 30.00 23.06
C ASP D 125 30.31 30.58 24.47
N PHE D 126 30.57 29.76 25.48
CA PHE D 126 30.52 30.10 26.89
C PHE D 126 31.80 29.82 27.68
N VAL D 127 32.63 28.91 27.20
CA VAL D 127 33.85 28.44 27.84
C VAL D 127 35.08 28.99 27.11
N ASP D 128 35.98 29.62 27.88
CA ASP D 128 37.26 30.10 27.37
C ASP D 128 38.33 29.07 27.65
N VAL D 129 38.69 28.30 26.65
CA VAL D 129 39.58 27.14 26.79
C VAL D 129 40.99 27.47 27.26
N THR D 130 41.50 28.64 26.90
CA THR D 130 42.84 29.08 27.32
C THR D 130 42.81 29.67 28.72
N SER D 131 41.70 30.26 29.14
CA SER D 131 41.55 30.65 30.55
C SER D 131 41.70 29.44 31.46
N ALA D 132 41.23 28.27 31.03
CA ALA D 132 41.37 27.04 31.81
C ALA D 132 42.82 26.72 32.14
N LEU D 133 43.74 27.19 31.30
CA LEU D 133 45.16 27.02 31.58
C LEU D 133 45.65 27.82 32.79
N LEU D 134 44.86 28.77 33.29
CA LEU D 134 45.21 29.63 34.39
C LEU D 134 44.68 29.08 35.72
N ALA D 135 43.94 27.97 35.63
CA ALA D 135 43.22 27.51 36.80
C ALA D 135 44.16 26.91 37.83
N ASP D 136 43.70 26.95 39.08
CA ASP D 136 44.31 26.11 40.10
C ASP D 136 43.69 24.73 39.99
N PRO D 137 44.44 23.71 39.60
CA PRO D 137 43.82 22.39 39.39
C PRO D 137 43.15 21.86 40.64
N ALA D 138 43.67 22.20 41.82
CA ALA D 138 43.04 21.70 43.04
C ALA D 138 41.74 22.41 43.32
N LYS D 139 41.67 23.68 42.97
CA LYS D 139 40.39 24.38 43.10
C LYS D 139 39.40 23.89 42.05
N ALA D 140 39.91 23.64 40.86
CA ALA D 140 39.06 23.09 39.79
C ALA D 140 38.45 21.77 40.22
N ALA D 141 39.27 20.87 40.79
CA ALA D 141 38.70 19.63 41.31
C ALA D 141 37.66 19.86 42.40
N LYS D 142 37.91 20.76 43.36
CA LYS D 142 36.91 21.03 44.39
C LYS D 142 35.59 21.54 43.80
N LEU D 143 35.68 22.35 42.76
CA LEU D 143 34.45 22.82 42.13
C LEU D 143 33.65 21.68 41.50
N ALA D 144 34.33 20.90 40.66
CA ALA D 144 33.65 19.80 39.99
C ALA D 144 33.07 18.84 41.01
N ASN D 145 33.82 18.63 42.10
CA ASN D 145 33.30 17.66 43.08
C ASN D 145 32.09 18.20 43.81
N SER D 146 31.97 19.53 43.83
CA SER D 146 30.88 20.22 44.49
C SER D 146 29.58 20.17 43.69
N ILE D 147 29.61 19.78 42.40
CA ILE D 147 28.36 19.82 41.64
C ILE D 147 27.93 18.44 41.19
N SER D 148 28.72 17.40 41.45
CA SER D 148 28.53 16.06 40.92
C SER D 148 29.02 14.94 41.84
N PRO D 149 28.30 13.82 41.93
CA PRO D 149 28.74 12.70 42.77
C PRO D 149 29.95 11.97 42.20
N ARG D 150 30.16 12.06 40.89
CA ARG D 150 31.39 11.62 40.25
C ARG D 150 32.55 12.53 40.62
N LYS D 151 33.52 12.01 41.35
CA LYS D 151 34.60 12.78 41.93
C LYS D 151 35.91 12.77 41.14
N ALA D 152 36.56 13.91 41.12
CA ALA D 152 37.84 14.09 40.47
C ALA D 152 38.92 14.38 41.52
N THR D 153 40.17 14.18 41.14
CA THR D 153 41.28 14.60 41.97
C THR D 153 42.06 15.73 41.30
N THR D 154 42.85 16.38 42.16
CA THR D 154 43.74 17.45 41.75
C THR D 154 44.68 17.02 40.62
N GLU D 155 45.18 15.79 40.74
CA GLU D 155 46.17 15.27 39.79
C GLU D 155 45.56 15.07 38.41
N GLU D 156 44.31 14.64 38.34
CA GLU D 156 43.50 14.48 37.16
C GLU D 156 43.39 15.80 36.41
N PHE D 157 42.99 16.83 37.19
CA PHE D 157 42.82 18.14 36.55
C PHE D 157 44.15 18.74 36.15
N ALA D 158 45.22 18.39 36.88
CA ALA D 158 46.51 18.94 36.50
C ALA D 158 46.99 18.29 35.20
N ALA D 159 46.62 17.02 35.06
CA ALA D 159 46.96 16.24 33.87
C ALA D 159 46.25 16.81 32.63
N VAL D 160 45.00 17.19 32.80
CA VAL D 160 44.21 17.80 31.74
C VAL D 160 44.83 19.13 31.30
N GLN D 161 45.25 19.88 32.30
CA GLN D 161 45.91 21.16 32.06
C GLN D 161 47.22 20.96 31.30
N ALA D 162 47.99 19.98 31.76
CA ALA D 162 49.25 19.64 31.10
C ALA D 162 49.03 19.31 29.63
N LYS D 163 48.02 18.46 29.37
CA LYS D 163 47.72 18.09 27.99
C LYS D 163 47.37 19.30 27.13
N LEU D 164 46.57 20.18 27.73
CA LEU D 164 46.14 21.39 27.06
C LEU D 164 47.29 22.37 26.83
N LYS D 165 48.18 22.42 27.80
CA LYS D 165 49.37 23.26 27.67
C LYS D 165 50.25 22.82 26.50
N THR D 166 50.53 21.52 26.38
CA THR D 166 51.37 21.07 25.28
C THR D 166 50.75 21.36 23.91
N PHE D 167 49.43 21.19 23.85
CA PHE D 167 48.68 21.50 22.63
C PHE D 167 48.84 22.96 22.23
N VAL D 168 48.50 23.84 23.16
CA VAL D 168 48.54 25.28 22.86
C VAL D 168 49.97 25.75 22.60
N ALA D 169 50.92 25.16 23.31
CA ALA D 169 52.33 25.48 23.15
C ALA D 169 52.83 25.33 21.71
N SER D 170 52.21 24.42 20.97
CA SER D 170 52.61 24.05 19.62
C SER D 170 52.33 25.16 18.61
N GLY D 171 51.48 26.12 19.02
CA GLY D 171 51.10 27.14 18.07
C GLY D 171 50.00 26.72 17.11
N GLN D 172 49.68 25.44 17.06
CA GLN D 172 48.66 24.97 16.11
C GLN D 172 47.38 24.68 16.88
N LEU D 173 46.50 25.68 16.89
CA LEU D 173 45.30 25.64 17.72
C LEU D 173 44.18 24.85 17.05
N GLY D 174 44.38 24.52 15.78
CA GLY D 174 43.50 23.58 15.10
C GLY D 174 42.07 24.09 15.18
N PRO D 175 41.15 23.32 15.72
CA PRO D 175 39.77 23.79 15.76
C PRO D 175 39.59 24.99 16.68
N PHE D 176 40.56 25.31 17.54
CA PHE D 176 40.42 26.48 18.39
C PHE D 176 41.01 27.74 17.77
N THR D 177 41.50 27.64 16.53
CA THR D 177 42.08 28.81 15.86
C THR D 177 41.12 29.99 15.75
N ASN D 178 41.57 31.19 16.12
CA ASN D 178 40.75 32.40 16.01
C ASN D 178 39.46 32.34 16.84
N ALA D 179 39.42 31.53 17.90
CA ALA D 179 38.22 31.48 18.73
C ALA D 179 37.96 32.88 19.28
N TYR D 180 36.68 33.19 19.47
CA TYR D 180 36.38 34.56 19.89
C TYR D 180 36.84 34.87 21.30
N PHE D 181 37.11 33.87 22.15
CA PHE D 181 37.59 34.20 23.48
C PHE D 181 39.08 34.56 23.52
N LEU D 182 39.84 34.33 22.45
CA LEU D 182 41.28 34.55 22.43
C LEU D 182 41.64 36.00 22.71
N GLY D 183 42.52 36.24 23.67
CA GLY D 183 42.91 37.60 24.01
C GLY D 183 41.89 38.30 24.88
N GLY D 184 40.87 37.57 25.32
CA GLY D 184 39.78 38.13 26.11
C GLY D 184 38.61 38.62 25.30
N HIS D 185 37.43 38.42 25.86
CA HIS D 185 36.17 38.90 25.31
C HIS D 185 35.18 39.12 26.47
N GLU D 186 34.64 40.33 26.59
CA GLU D 186 33.79 40.80 27.67
C GLU D 186 32.55 39.93 27.92
N GLY D 187 32.06 39.34 26.86
CA GLY D 187 31.00 38.40 26.74
C GLY D 187 31.24 37.07 27.42
N TYR D 188 32.50 36.77 27.73
CA TYR D 188 32.85 35.54 28.43
C TYR D 188 33.03 35.78 29.92
N TYR D 189 32.31 35.06 30.77
CA TYR D 189 32.22 35.42 32.16
C TYR D 189 32.86 34.45 33.15
N MET D 190 33.14 33.20 32.78
CA MET D 190 33.55 32.28 33.82
C MET D 190 34.97 32.47 34.31
N ASP D 191 35.23 32.05 35.55
CA ASP D 191 36.61 32.10 36.01
C ASP D 191 37.39 30.91 35.49
N PRO D 192 38.71 30.95 35.56
CA PRO D 192 39.57 29.84 35.15
C PRO D 192 39.13 28.47 35.65
N GLU D 193 38.75 28.31 36.91
CA GLU D 193 38.40 27.01 37.48
C GLU D 193 37.16 26.44 36.81
N ALA D 194 36.13 27.25 36.60
CA ALA D 194 34.96 26.75 35.89
C ALA D 194 35.30 26.45 34.44
N ASN D 195 36.13 27.26 33.79
CA ASN D 195 36.56 26.98 32.42
C ASN D 195 37.28 25.65 32.29
N LEU D 196 38.10 25.33 33.29
CA LEU D 196 38.80 24.05 33.26
C LEU D 196 37.88 22.88 33.53
N VAL D 197 36.92 23.09 34.43
CA VAL D 197 35.98 21.99 34.66
C VAL D 197 35.24 21.64 33.37
N CYS D 198 34.70 22.65 32.70
CA CYS D 198 33.99 22.47 31.43
C CYS D 198 34.90 21.97 30.33
N THR D 199 36.13 22.47 30.24
CA THR D 199 37.07 22.00 29.23
C THR D 199 37.45 20.54 29.44
N ALA D 200 37.69 20.11 30.69
CA ALA D 200 37.96 18.69 30.92
C ALA D 200 36.80 17.83 30.45
N HIS D 201 35.59 18.21 30.81
CA HIS D 201 34.40 17.42 30.46
C HIS D 201 34.12 17.43 28.96
N TYR D 202 34.41 18.52 28.27
CA TYR D 202 34.34 18.56 26.80
C TYR D 202 35.20 17.41 26.27
N LEU D 203 36.40 17.27 26.84
CA LEU D 203 37.30 16.21 26.37
C LEU D 203 36.76 14.83 26.72
N GLN D 204 36.30 14.63 27.96
CA GLN D 204 35.66 13.37 28.32
C GLN D 204 34.48 13.07 27.40
N ALA D 205 33.69 14.07 27.07
CA ALA D 205 32.49 13.91 26.27
C ALA D 205 32.84 13.38 24.87
N LEU D 206 34.00 13.74 24.34
CA LEU D 206 34.39 13.26 23.01
C LEU D 206 34.49 11.73 23.01
N ARG D 207 34.98 11.17 24.10
CA ARG D 207 35.07 9.72 24.27
C ARG D 207 33.71 9.11 24.59
N ALA D 208 33.01 9.72 25.56
CA ALA D 208 31.72 9.19 25.96
C ALA D 208 30.75 9.12 24.80
N GLN D 209 30.74 10.08 23.87
CA GLN D 209 29.75 10.01 22.79
C GLN D 209 29.98 8.80 21.90
N VAL D 210 31.23 8.34 21.83
CA VAL D 210 31.50 7.12 21.06
C VAL D 210 30.67 5.97 21.60
N GLU D 211 30.74 5.83 22.92
CA GLU D 211 30.02 4.75 23.59
C GLU D 211 28.52 4.95 23.49
N VAL D 212 28.01 6.18 23.50
CA VAL D 212 26.59 6.39 23.44
C VAL D 212 26.05 5.96 22.08
N ALA D 213 26.75 6.34 21.04
CA ALA D 213 26.37 5.98 19.67
C ALA D 213 26.44 4.47 19.46
N LYS D 214 27.43 3.85 20.07
CA LYS D 214 27.60 2.40 20.03
C LYS D 214 26.33 1.71 20.51
N GLY D 215 25.65 2.25 21.53
CA GLY D 215 24.42 1.59 21.94
C GLY D 215 23.36 1.54 20.87
N MET D 216 23.34 2.50 19.95
CA MET D 216 22.38 2.50 18.87
C MET D 216 22.64 1.36 17.90
N ALA D 217 23.89 0.94 17.77
CA ALA D 217 24.28 -0.10 16.82
C ALA D 217 23.88 -1.51 17.28
N VAL D 218 23.65 -1.63 18.58
CA VAL D 218 23.32 -2.91 19.23
C VAL D 218 22.08 -3.54 18.59
N PHE D 219 21.01 -2.78 18.41
CA PHE D 219 19.78 -3.13 17.74
C PHE D 219 19.67 -2.55 16.33
N GLY D 220 20.31 -1.40 16.10
CA GLY D 220 20.10 -0.67 14.86
C GLY D 220 21.15 -0.82 13.79
N ALA D 221 22.11 -1.72 13.97
CA ALA D 221 23.10 -2.16 13.01
C ALA D 221 24.39 -1.35 13.03
N LYS D 222 24.28 -0.03 13.02
CA LYS D 222 25.40 0.88 12.90
C LYS D 222 24.93 2.31 13.18
N ASN D 223 25.89 3.12 13.58
CA ASN D 223 25.74 4.57 13.66
C ASN D 223 27.00 5.23 13.13
N PRO D 224 26.90 6.16 12.20
CA PRO D 224 25.65 6.68 11.65
C PRO D 224 24.94 5.81 10.60
N HIS D 225 23.68 6.13 10.42
CA HIS D 225 22.70 5.63 9.47
C HIS D 225 22.34 4.17 9.79
N THR D 226 21.29 4.05 10.61
CA THR D 226 20.83 2.76 11.07
C THR D 226 20.21 1.96 9.92
N GLN D 227 20.16 0.65 10.07
CA GLN D 227 19.67 -0.22 9.00
C GLN D 227 18.97 -1.42 9.63
N PHE D 228 17.82 -1.20 10.26
CA PHE D 228 17.06 -2.21 10.98
C PHE D 228 15.55 -2.06 10.85
N THR D 229 15.08 -1.11 10.05
CA THR D 229 13.66 -0.84 9.93
C THR D 229 13.14 -1.22 8.55
N VAL D 230 11.89 -1.67 8.54
CA VAL D 230 11.08 -1.88 7.35
C VAL D 230 9.63 -1.49 7.67
N ALA D 231 8.86 -1.30 6.62
CA ALA D 231 7.43 -1.03 6.78
C ALA D 231 6.75 -2.32 7.25
N GLY D 232 6.33 -2.32 8.50
CA GLY D 232 5.84 -3.49 9.18
C GLY D 232 6.61 -3.86 10.41
N GLY D 233 7.75 -3.22 10.69
CA GLY D 233 8.45 -3.54 11.92
C GLY D 233 9.95 -3.32 11.88
N VAL D 234 10.71 -4.20 12.54
CA VAL D 234 12.15 -4.20 12.59
C VAL D 234 12.70 -5.58 12.23
N THR D 235 13.94 -5.58 11.79
CA THR D 235 14.56 -6.77 11.22
C THR D 235 15.50 -7.48 12.19
N CYS D 236 15.83 -6.86 13.31
CA CYS D 236 16.87 -7.32 14.20
C CYS D 236 16.44 -8.41 15.17
N TYR D 237 16.37 -9.64 14.68
CA TYR D 237 16.00 -10.76 15.58
C TYR D 237 16.98 -10.87 16.72
N GLU D 238 18.23 -10.47 16.52
CA GLU D 238 19.21 -10.56 17.60
C GLU D 238 18.83 -9.70 18.80
N ALA D 239 17.91 -8.76 18.63
CA ALA D 239 17.47 -7.87 19.70
C ALA D 239 16.60 -8.57 20.74
N LEU D 240 16.22 -9.79 20.43
CA LEU D 240 15.45 -10.65 21.31
C LEU D 240 16.36 -11.50 22.19
N THR D 241 17.66 -11.46 21.93
CA THR D 241 18.56 -12.29 22.73
C THR D 241 19.00 -11.57 23.99
N PRO D 242 19.17 -12.31 25.09
CA PRO D 242 19.69 -11.76 26.34
C PRO D 242 21.04 -11.05 26.23
N GLU D 243 21.89 -11.51 25.32
CA GLU D 243 23.22 -10.96 25.17
C GLU D 243 23.17 -9.52 24.66
N ARG D 244 22.36 -9.30 23.64
CA ARG D 244 22.23 -7.98 23.03
C ARG D 244 21.52 -7.05 24.00
N ILE D 245 20.48 -7.56 24.66
CA ILE D 245 19.73 -6.72 25.59
C ILE D 245 20.61 -6.28 26.74
N LYS D 246 21.41 -7.23 27.21
CA LYS D 246 22.34 -6.90 28.29
C LYS D 246 23.36 -5.86 27.83
N GLN D 247 23.88 -6.01 26.62
CA GLN D 247 24.82 -5.04 26.08
C GLN D 247 24.17 -3.67 26.01
N PHE D 248 22.97 -3.63 25.42
CA PHE D 248 22.28 -2.34 25.32
C PHE D 248 22.13 -1.69 26.68
N ARG D 249 21.72 -2.52 27.64
CA ARG D 249 21.53 -2.06 29.02
C ARG D 249 22.80 -1.42 29.57
N GLU D 250 23.93 -2.12 29.47
CA GLU D 250 25.19 -1.62 30.00
C GLU D 250 25.59 -0.28 29.39
N LEU D 251 25.41 -0.19 28.09
CA LEU D 251 25.81 1.04 27.38
C LEU D 251 24.84 2.14 27.77
N TYR D 252 23.58 1.75 27.98
CA TYR D 252 22.56 2.73 28.34
C TYR D 252 22.85 3.28 29.73
N VAL D 253 23.06 2.39 30.70
CA VAL D 253 23.40 2.83 32.06
C VAL D 253 24.57 3.80 32.04
N LYS D 254 25.61 3.47 31.26
CA LYS D 254 26.82 4.28 31.22
C LYS D 254 26.55 5.66 30.62
N ALA D 255 25.78 5.68 29.54
CA ALA D 255 25.36 6.92 28.91
C ALA D 255 24.56 7.77 29.87
N ARG D 256 23.55 7.17 30.47
CA ARG D 256 22.70 7.87 31.43
C ARG D 256 23.52 8.47 32.56
N ALA D 257 24.52 7.75 33.05
CA ALA D 257 25.29 8.31 34.17
C ALA D 257 26.12 9.50 33.73
N PHE D 258 26.64 9.45 32.50
CA PHE D 258 27.41 10.60 32.02
C PHE D 258 26.52 11.83 31.89
N ILE D 259 25.31 11.59 31.39
CA ILE D 259 24.36 12.68 31.28
C ILE D 259 24.06 13.22 32.67
N GLU D 260 23.76 12.39 33.65
CA GLU D 260 23.34 12.85 34.98
C GLU D 260 24.45 13.46 35.82
N GLU D 261 25.66 12.93 35.73
CA GLU D 261 26.79 13.30 36.54
C GLU D 261 27.74 14.28 35.86
N VAL D 262 27.67 14.39 34.53
CA VAL D 262 28.60 15.31 33.88
C VAL D 262 27.84 16.40 33.14
N TYR D 263 27.06 16.08 32.12
CA TYR D 263 26.36 17.09 31.31
C TYR D 263 25.48 18.00 32.14
N ILE D 264 24.51 17.42 32.85
CA ILE D 264 23.51 18.27 33.54
C ILE D 264 24.21 19.13 34.59
N PRO D 265 25.11 18.66 35.44
CA PRO D 265 25.80 19.60 36.34
C PRO D 265 26.55 20.72 35.64
N ASP D 266 27.18 20.44 34.50
CA ASP D 266 27.91 21.47 33.76
C ASP D 266 26.94 22.49 33.15
N LEU D 267 25.81 22.00 32.64
CA LEU D 267 24.79 22.88 32.08
C LEU D 267 24.30 23.84 33.15
N LEU D 268 24.06 23.32 34.36
CA LEU D 268 23.68 24.15 35.49
C LEU D 268 24.80 25.12 35.85
N LEU D 269 26.05 24.68 35.89
CA LEU D 269 27.19 25.57 36.16
C LEU D 269 27.23 26.69 35.13
N VAL D 270 27.19 26.42 33.83
CA VAL D 270 27.20 27.49 32.83
C VAL D 270 26.03 28.43 33.05
N ALA D 271 24.87 27.82 33.33
CA ALA D 271 23.66 28.62 33.52
C ALA D 271 23.85 29.63 34.65
N SER D 272 24.59 29.25 35.68
CA SER D 272 24.79 30.06 36.88
C SER D 272 25.65 31.30 36.64
N TYR D 273 26.46 31.23 35.59
CA TYR D 273 27.31 32.31 35.17
C TYR D 273 26.62 33.19 34.13
N TYR D 274 25.58 32.68 33.46
CA TYR D 274 24.99 33.44 32.34
C TYR D 274 23.50 33.71 32.51
N LYS D 275 23.09 34.03 33.73
CA LYS D 275 21.69 34.31 34.02
C LYS D 275 21.13 35.45 33.17
N ASP D 276 21.96 36.45 32.83
CA ASP D 276 21.51 37.52 31.95
C ASP D 276 20.99 37.01 30.62
N TRP D 277 21.41 35.79 30.23
CA TRP D 277 20.95 35.28 28.94
C TRP D 277 19.59 34.62 29.05
N GLY D 278 19.01 34.70 30.24
CA GLY D 278 17.62 34.30 30.43
C GLY D 278 16.72 35.46 30.06
N LYS D 279 17.33 36.57 29.63
CA LYS D 279 16.58 37.74 29.16
C LYS D 279 16.80 38.01 27.70
N ILE D 280 17.47 37.11 27.00
CA ILE D 280 17.82 37.25 25.60
C ILE D 280 17.41 36.06 24.74
N GLY D 281 16.97 36.34 23.53
CA GLY D 281 16.56 35.41 22.50
C GLY D 281 15.29 34.64 22.76
N GLY D 282 14.31 35.31 23.38
CA GLY D 282 13.01 34.75 23.63
C GLY D 282 12.11 34.73 22.42
N THR D 283 11.10 33.85 22.47
CA THR D 283 10.07 33.67 21.46
C THR D 283 8.71 33.46 22.12
N ASN D 284 7.60 33.39 21.41
CA ASN D 284 6.28 33.37 22.04
C ASN D 284 5.45 32.12 21.74
N ASN D 285 5.52 31.57 20.54
CA ASN D 285 4.71 30.44 20.11
C ASN D 285 5.53 29.17 19.95
N PHE D 286 4.94 28.05 20.36
CA PHE D 286 5.62 26.76 20.41
C PHE D 286 4.78 25.64 19.81
N MET D 287 5.39 24.65 19.18
CA MET D 287 4.73 23.54 18.49
C MET D 287 5.60 22.28 18.61
N ALA D 288 5.01 21.18 19.08
CA ALA D 288 5.68 19.90 19.27
C ALA D 288 4.79 18.77 18.80
N PHE D 289 5.35 17.66 18.30
CA PHE D 289 4.54 16.60 17.75
C PHE D 289 4.31 15.44 18.70
N GLY D 290 4.96 15.44 19.86
CA GLY D 290 4.92 14.33 20.79
C GLY D 290 5.83 13.20 20.30
N GLU D 291 6.25 12.29 21.16
CA GLU D 291 7.14 11.20 20.72
C GLU D 291 6.99 9.98 21.62
N PHE D 292 7.38 8.81 21.16
CA PHE D 292 7.46 7.55 21.88
C PHE D 292 6.09 6.89 22.07
N PRO D 293 5.55 6.40 20.97
CA PRO D 293 4.20 5.84 20.93
C PRO D 293 4.07 4.59 21.81
N ALA D 294 2.88 4.43 22.39
CA ALA D 294 2.46 3.21 23.03
C ALA D 294 2.34 2.06 22.02
N PRO D 295 2.71 0.85 22.44
CA PRO D 295 2.49 -0.29 21.54
C PRO D 295 1.00 -0.33 21.19
N GLY D 296 0.70 -0.66 19.95
CA GLY D 296 -0.61 -0.59 19.35
C GLY D 296 -1.03 0.84 19.06
N GLY D 297 -0.22 1.83 19.46
CA GLY D 297 -0.59 3.21 19.32
C GLY D 297 0.08 4.00 18.22
N GLU D 298 0.71 3.34 17.25
CA GLU D 298 1.52 4.07 16.27
C GLU D 298 0.70 5.07 15.49
N ARG D 299 -0.59 4.83 15.28
CA ARG D 299 -1.27 5.79 14.42
C ARG D 299 -1.86 6.95 15.22
N ASP D 300 -1.79 6.87 16.55
CA ASP D 300 -2.42 7.93 17.35
C ASP D 300 -1.37 8.73 18.11
N LEU D 301 -1.25 10.00 17.72
CA LEU D 301 -0.22 10.84 18.34
C LEU D 301 -0.42 10.95 19.84
N ASN D 302 -1.68 10.94 20.29
CA ASN D 302 -1.90 11.18 21.72
C ASN D 302 -1.62 9.95 22.57
N SER D 303 -1.20 8.86 21.95
CA SER D 303 -0.72 7.66 22.62
C SER D 303 0.73 7.78 23.09
N ARG D 304 1.38 8.88 22.69
CA ARG D 304 2.81 9.01 22.94
C ARG D 304 3.19 9.39 24.36
N TRP D 305 4.36 8.98 24.81
CA TRP D 305 4.86 9.21 26.15
C TRP D 305 4.73 10.69 26.55
N TYR D 306 4.96 11.55 25.58
CA TYR D 306 4.54 12.94 25.76
C TYR D 306 3.89 13.35 24.44
N LYS D 307 2.88 14.20 24.53
CA LYS D 307 1.94 14.49 23.47
C LYS D 307 2.25 15.73 22.66
N PRO D 308 1.67 15.75 21.46
CA PRO D 308 1.79 16.95 20.63
C PRO D 308 1.02 18.09 21.29
N GLY D 309 1.28 19.32 20.84
CA GLY D 309 0.61 20.48 21.40
C GLY D 309 1.12 21.77 20.77
N VAL D 310 0.31 22.81 20.79
CA VAL D 310 0.69 24.14 20.37
C VAL D 310 0.45 25.14 21.49
N ILE D 311 1.37 26.08 21.68
CA ILE D 311 1.27 27.12 22.67
C ILE D 311 1.39 28.49 21.99
N TYR D 312 0.52 29.42 22.40
CA TYR D 312 0.54 30.75 21.80
C TYR D 312 0.79 31.79 22.90
N ASP D 313 1.55 32.81 22.58
CA ASP D 313 1.90 33.92 23.46
C ASP D 313 2.26 33.47 24.86
N ARG D 314 3.08 32.43 24.90
CA ARG D 314 3.69 31.87 26.10
C ARG D 314 2.66 31.37 27.10
N LYS D 315 1.43 31.17 26.62
CA LYS D 315 0.39 30.67 27.51
C LYS D 315 0.46 29.14 27.60
N VAL D 316 1.36 28.70 28.47
CA VAL D 316 1.57 27.29 28.70
C VAL D 316 0.35 26.64 29.37
N GLY D 317 -0.45 27.42 30.08
CA GLY D 317 -1.61 26.87 30.77
C GLY D 317 -2.77 26.65 29.83
N SER D 318 -2.57 26.82 28.52
CA SER D 318 -3.64 26.61 27.56
C SER D 318 -3.10 25.97 26.27
N VAL D 319 -2.41 24.85 26.45
CA VAL D 319 -1.91 24.14 25.28
C VAL D 319 -3.06 23.80 24.37
N GLN D 320 -2.93 24.14 23.12
CA GLN D 320 -3.92 23.97 22.08
C GLN D 320 -3.71 22.68 21.30
N PRO D 321 -4.72 22.12 20.67
CA PRO D 321 -4.49 20.91 19.87
C PRO D 321 -3.56 21.14 18.71
N PHE D 322 -2.98 20.03 18.25
CA PHE D 322 -2.16 19.96 17.06
C PHE D 322 -2.98 19.36 15.92
N ASP D 323 -3.20 20.19 14.90
CA ASP D 323 -3.96 19.74 13.74
C ASP D 323 -3.09 19.85 12.49
N PRO D 324 -2.60 18.69 12.06
CA PRO D 324 -1.65 18.61 10.96
C PRO D 324 -2.09 19.41 9.74
N SER D 325 -3.40 19.53 9.53
CA SER D 325 -3.91 20.15 8.32
C SER D 325 -3.63 21.64 8.34
N LYS D 326 -3.24 22.13 9.51
CA LYS D 326 -2.92 23.56 9.63
C LYS D 326 -1.53 23.90 9.17
N ILE D 327 -0.84 22.90 8.61
CA ILE D 327 0.54 23.19 8.23
C ILE D 327 0.58 23.57 6.77
N GLU D 328 1.23 24.68 6.52
CA GLU D 328 1.48 25.22 5.20
C GLU D 328 2.93 25.72 5.13
N GLU D 329 3.56 25.63 3.99
CA GLU D 329 4.89 26.19 3.76
C GLU D 329 4.80 27.38 2.79
N HIS D 330 5.15 28.55 3.31
CA HIS D 330 5.27 29.78 2.50
C HIS D 330 6.58 29.82 1.74
N VAL D 331 6.59 30.43 0.54
CA VAL D 331 7.84 30.54 -0.20
C VAL D 331 8.12 31.97 -0.68
N ARG D 332 7.36 32.94 -0.18
CA ARG D 332 7.52 34.33 -0.59
C ARG D 332 8.96 34.81 -0.61
N HIS D 333 9.69 34.50 0.47
CA HIS D 333 11.06 34.93 0.71
C HIS D 333 12.07 33.79 0.51
N SER D 334 11.58 32.70 -0.06
CA SER D 334 12.32 31.49 -0.39
C SER D 334 12.58 31.37 -1.90
N TRP D 335 13.70 30.75 -2.25
CA TRP D 335 14.10 30.51 -3.62
C TRP D 335 13.28 29.39 -4.28
N TYR D 336 11.96 29.55 -4.21
CA TYR D 336 11.10 28.62 -4.94
C TYR D 336 10.01 29.42 -5.64
N GLU D 337 9.45 28.78 -6.64
CA GLU D 337 8.26 29.21 -7.37
C GLU D 337 6.98 29.14 -6.55
N GLY D 338 6.13 30.17 -6.68
CA GLY D 338 4.78 30.12 -6.23
C GLY D 338 4.40 30.81 -4.95
N LYS D 339 3.36 30.22 -4.35
CA LYS D 339 2.88 30.69 -3.06
C LYS D 339 2.66 29.49 -2.14
N ALA D 340 2.17 29.74 -0.94
CA ALA D 340 2.11 28.76 0.13
C ALA D 340 1.31 27.51 -0.26
N ARG D 341 1.82 26.39 0.25
CA ARG D 341 1.30 25.07 -0.03
C ARG D 341 1.30 24.16 1.20
N ALA D 342 0.20 23.41 1.27
CA ALA D 342 0.09 22.34 2.26
C ALA D 342 0.88 21.15 1.74
N PRO D 343 1.48 20.36 2.63
CA PRO D 343 2.47 19.38 2.17
C PRO D 343 1.95 18.26 1.29
N PHE D 344 0.73 17.79 1.43
CA PHE D 344 0.23 16.79 0.48
C PHE D 344 0.13 17.34 -0.94
N GLU D 345 0.18 18.66 -1.08
CA GLU D 345 0.16 19.35 -2.36
C GLU D 345 1.42 20.17 -2.55
N GLY D 346 2.51 19.71 -1.93
CA GLY D 346 3.74 20.47 -1.95
C GLY D 346 4.49 20.47 -3.26
N GLU D 347 5.27 21.52 -3.47
CA GLU D 347 6.08 21.62 -4.68
C GLU D 347 7.43 22.26 -4.35
N THR D 348 8.47 21.86 -5.07
CA THR D 348 9.84 22.27 -4.83
C THR D 348 10.54 22.69 -6.11
N ASN D 349 9.97 23.72 -6.73
CA ASN D 349 10.50 24.23 -7.98
C ASN D 349 11.39 25.44 -7.70
N PRO D 350 12.69 25.22 -7.85
CA PRO D 350 13.68 26.27 -7.65
C PRO D 350 13.39 27.52 -8.48
N HIS D 351 13.62 28.64 -7.82
CA HIS D 351 13.56 30.00 -8.34
C HIS D 351 14.60 30.82 -7.57
N PHE D 352 15.85 30.79 -8.02
CA PHE D 352 16.95 31.45 -7.33
C PHE D 352 17.08 32.90 -7.78
N THR D 353 17.60 33.77 -6.91
CA THR D 353 17.88 35.15 -7.37
C THR D 353 19.39 35.35 -7.42
N PHE D 354 20.06 35.79 -6.39
CA PHE D 354 21.49 35.90 -6.25
C PHE D 354 21.87 35.81 -4.77
N MET D 355 23.04 35.29 -4.43
CA MET D 355 23.45 35.21 -3.02
C MET D 355 23.56 36.63 -2.47
N GLY D 356 22.87 36.90 -1.37
CA GLY D 356 22.92 38.20 -0.72
C GLY D 356 21.66 39.03 -0.92
N ASP D 357 20.76 38.52 -1.74
CA ASP D 357 19.48 39.18 -2.00
C ASP D 357 18.74 39.32 -0.66
N THR D 358 17.97 40.38 -0.51
CA THR D 358 17.17 40.54 0.69
C THR D 358 15.69 40.25 0.41
N ASP D 359 15.33 40.04 -0.85
CA ASP D 359 13.93 39.76 -1.17
C ASP D 359 13.62 38.26 -1.06
N LYS D 360 14.21 37.45 -1.93
CA LYS D 360 14.25 36.00 -1.76
C LYS D 360 15.65 35.63 -1.25
N TYR D 361 15.76 34.99 -0.10
CA TYR D 361 17.07 34.92 0.52
C TYR D 361 17.41 33.60 1.17
N SER D 362 16.70 32.51 0.88
CA SER D 362 16.99 31.23 1.51
C SER D 362 16.38 30.06 0.73
N TRP D 363 17.07 28.93 0.83
CA TRP D 363 16.59 27.66 0.29
C TRP D 363 15.58 26.98 1.19
N ASN D 364 15.33 27.49 2.38
CA ASN D 364 14.35 27.02 3.32
C ASN D 364 12.97 27.59 2.97
N LYS D 365 11.96 26.74 2.94
CA LYS D 365 10.59 27.24 2.96
C LYS D 365 10.31 27.79 4.35
N ALA D 366 9.19 28.49 4.49
CA ALA D 366 8.73 29.09 5.74
C ALA D 366 7.46 28.40 6.22
N PRO D 367 7.59 27.33 6.99
CA PRO D 367 6.41 26.60 7.47
C PRO D 367 5.71 27.48 8.50
N ARG D 368 4.37 27.48 8.43
CA ARG D 368 3.56 28.16 9.44
C ARG D 368 2.45 27.21 9.91
N TYR D 369 2.09 27.36 11.17
CA TYR D 369 1.04 26.70 11.90
C TYR D 369 -0.18 27.63 12.05
N ASP D 370 -1.23 27.30 11.32
CA ASP D 370 -2.47 28.07 11.37
C ASP D 370 -2.13 29.55 11.14
N GLY D 371 -1.20 29.74 10.23
CA GLY D 371 -0.65 31.00 9.83
C GLY D 371 0.22 31.63 10.89
N HIS D 372 0.43 30.97 12.04
CA HIS D 372 1.33 31.58 13.02
C HIS D 372 2.76 31.08 12.87
N ALA D 373 3.72 31.91 13.30
CA ALA D 373 5.10 31.49 13.36
C ALA D 373 5.33 30.81 14.71
N VAL D 374 5.93 29.61 14.63
CA VAL D 374 6.18 28.84 15.83
C VAL D 374 7.63 28.37 15.92
N GLU D 375 8.07 28.15 17.15
CA GLU D 375 9.35 27.53 17.51
C GLU D 375 9.09 26.06 17.85
N THR D 376 9.99 25.18 17.41
CA THR D 376 9.87 23.74 17.70
C THR D 376 11.17 23.29 18.34
N GLY D 377 11.21 22.10 18.94
CA GLY D 377 12.42 21.62 19.59
C GLY D 377 12.22 21.31 21.05
N PRO D 378 13.31 20.99 21.75
CA PRO D 378 13.26 20.61 23.16
C PRO D 378 12.44 21.59 24.00
N LEU D 379 12.65 22.90 23.80
CA LEU D 379 11.90 23.84 24.66
C LEU D 379 10.40 23.73 24.43
N ALA D 380 10.02 23.71 23.16
CA ALA D 380 8.60 23.62 22.84
C ALA D 380 7.97 22.34 23.38
N GLN D 381 8.72 21.23 23.32
CA GLN D 381 8.12 19.95 23.75
C GLN D 381 8.02 19.86 25.26
N MET D 382 8.99 20.45 25.96
CA MET D 382 9.00 20.43 27.42
C MET D 382 7.95 21.41 27.94
N LEU D 383 7.74 22.49 27.18
CA LEU D 383 6.72 23.45 27.56
C LEU D 383 5.33 22.85 27.34
N VAL D 384 5.18 22.09 26.26
CA VAL D 384 3.92 21.40 25.95
C VAL D 384 3.66 20.33 27.01
N ALA D 385 4.65 19.51 27.32
CA ALA D 385 4.58 18.51 28.37
C ALA D 385 4.25 19.11 29.74
N TYR D 386 4.85 20.25 30.08
CA TYR D 386 4.54 20.99 31.28
C TYR D 386 3.05 21.34 31.34
N GLY D 387 2.53 21.95 30.28
CA GLY D 387 1.15 22.36 30.24
C GLY D 387 0.19 21.18 30.25
N HIS D 388 0.73 20.00 30.00
CA HIS D 388 -0.01 18.74 30.06
C HIS D 388 0.14 18.09 31.43
N ASN D 389 0.69 18.84 32.38
CA ASN D 389 0.91 18.36 33.73
C ASN D 389 1.62 17.00 33.67
N HIS D 390 2.54 16.89 32.73
CA HIS D 390 3.26 15.65 32.49
C HIS D 390 3.97 15.17 33.76
N LYS D 391 3.65 13.96 34.16
CA LYS D 391 4.02 13.20 35.33
C LYS D 391 5.45 13.38 35.83
N THR D 392 6.45 13.43 34.97
CA THR D 392 7.85 13.51 35.41
C THR D 392 8.57 14.78 34.99
N ILE D 393 8.13 15.34 33.87
CA ILE D 393 8.78 16.49 33.27
C ILE D 393 8.41 17.78 33.97
N LYS D 394 7.18 17.82 34.50
CA LYS D 394 6.81 19.05 35.23
C LYS D 394 7.69 19.18 36.47
N PRO D 395 7.77 18.20 37.36
CA PRO D 395 8.65 18.36 38.53
C PRO D 395 10.08 18.68 38.13
N THR D 396 10.61 17.90 37.19
CA THR D 396 11.97 18.18 36.71
C THR D 396 12.10 19.63 36.30
N ILE D 397 11.14 20.14 35.54
CA ILE D 397 11.24 21.56 35.17
C ILE D 397 11.24 22.44 36.42
N ASP D 398 10.33 22.13 37.34
CA ASP D 398 10.22 22.98 38.53
C ASP D 398 11.49 22.97 39.34
N ALA D 399 12.09 21.79 39.46
CA ALA D 399 13.34 21.63 40.19
C ALA D 399 14.44 22.52 39.63
N VAL D 400 14.71 22.38 38.34
CA VAL D 400 15.81 23.08 37.69
C VAL D 400 15.82 24.56 38.05
N LEU D 401 14.73 25.26 37.74
CA LEU D 401 14.57 26.68 38.03
C LEU D 401 14.76 26.93 39.52
N GLY D 402 14.36 25.89 40.29
CA GLY D 402 14.63 25.93 41.72
C GLY D 402 16.13 26.09 41.92
N LYS D 403 16.90 25.20 41.32
CA LYS D 403 18.35 25.18 41.51
C LYS D 403 18.96 26.54 41.15
N LEU D 404 18.58 27.06 40.00
CA LEU D 404 19.10 28.31 39.47
C LEU D 404 18.38 29.52 40.06
N ASN D 405 17.36 29.31 40.87
CA ASN D 405 16.58 30.39 41.47
C ASN D 405 16.15 31.40 40.41
N LEU D 406 15.41 30.90 39.42
CA LEU D 406 14.91 31.76 38.35
C LEU D 406 13.39 31.58 38.19
N GLY D 407 12.74 32.60 37.66
CA GLY D 407 11.32 32.54 37.32
C GLY D 407 11.11 31.83 36.00
N PRO D 408 9.88 31.38 35.77
CA PRO D 408 9.50 30.71 34.52
C PRO D 408 9.59 31.63 33.32
N GLU D 409 9.73 32.93 33.58
CA GLU D 409 9.91 33.85 32.46
C GLU D 409 11.27 33.62 31.81
N ALA D 410 12.20 33.14 32.65
CA ALA D 410 13.53 32.84 32.13
C ALA D 410 13.51 31.67 31.15
N LEU D 411 12.40 30.95 31.09
CA LEU D 411 12.33 29.77 30.23
C LEU D 411 12.30 30.19 28.76
N PHE D 412 11.70 31.35 28.50
CA PHE D 412 11.56 31.86 27.15
C PHE D 412 12.72 32.78 26.75
N SER D 413 13.84 32.11 26.54
CA SER D 413 15.09 32.74 26.15
C SER D 413 16.11 31.75 25.61
N THR D 414 17.25 32.27 25.18
CA THR D 414 18.36 31.42 24.76
C THR D 414 18.82 30.52 25.88
N LEU D 415 18.84 31.01 27.12
CA LEU D 415 19.29 30.19 28.23
C LEU D 415 18.35 29.04 28.53
N GLY D 416 17.06 29.29 28.46
CA GLY D 416 15.97 28.37 28.67
C GLY D 416 15.95 27.33 27.56
N ARG D 417 16.20 27.76 26.34
CA ARG D 417 16.27 26.87 25.19
C ARG D 417 17.39 25.85 25.42
N THR D 418 18.51 26.32 25.94
CA THR D 418 19.66 25.46 26.25
C THR D 418 19.38 24.54 27.42
N ALA D 419 18.79 25.12 28.47
CA ALA D 419 18.39 24.30 29.61
C ALA D 419 17.38 23.22 29.22
N ALA D 420 16.41 23.60 28.39
CA ALA D 420 15.38 22.67 27.99
C ALA D 420 16.02 21.47 27.27
N ARG D 421 17.05 21.72 26.48
CA ARG D 421 17.69 20.59 25.76
C ARG D 421 18.18 19.59 26.79
N GLY D 422 18.80 20.09 27.86
CA GLY D 422 19.28 19.28 28.96
C GLY D 422 18.16 18.53 29.66
N ILE D 423 17.04 19.20 29.96
CA ILE D 423 15.96 18.48 30.65
C ILE D 423 15.37 17.37 29.79
N GLN D 424 15.20 17.64 28.49
CA GLN D 424 14.70 16.61 27.59
C GLN D 424 15.57 15.36 27.65
N THR D 425 16.88 15.56 27.61
CA THR D 425 17.88 14.50 27.64
C THR D 425 17.74 13.67 28.91
N LEU D 426 17.64 14.36 30.05
CA LEU D 426 17.56 13.69 31.34
C LEU D 426 16.27 12.89 31.45
N VAL D 427 15.14 13.45 31.03
CA VAL D 427 13.88 12.74 31.28
C VAL D 427 13.74 11.56 30.32
N ILE D 428 14.28 11.69 29.10
CA ILE D 428 14.20 10.57 28.16
C ILE D 428 15.14 9.46 28.64
N ALA D 429 16.33 9.84 29.10
CA ALA D 429 17.30 8.89 29.59
C ALA D 429 16.77 8.11 30.78
N GLN D 430 16.08 8.78 31.70
CA GLN D 430 15.53 8.04 32.83
C GLN D 430 14.38 7.12 32.42
N GLN D 431 13.56 7.55 31.46
CA GLN D 431 12.38 6.80 31.04
C GLN D 431 12.72 5.56 30.21
N MET D 432 13.90 5.55 29.60
CA MET D 432 14.35 4.41 28.81
C MET D 432 14.41 3.13 29.65
N GLU D 433 14.74 3.24 30.95
CA GLU D 433 14.81 2.08 31.83
C GLU D 433 13.49 1.31 31.87
N ASN D 434 12.38 2.05 31.94
CA ASN D 434 11.02 1.53 31.94
C ASN D 434 10.67 0.85 30.61
N TRP D 435 11.00 1.54 29.52
CA TRP D 435 10.74 0.94 28.23
C TRP D 435 11.41 -0.42 28.10
N LEU D 436 12.66 -0.42 28.52
CA LEU D 436 13.53 -1.59 28.46
C LEU D 436 12.97 -2.73 29.30
N ASN D 437 12.42 -2.37 30.48
CA ASN D 437 11.87 -3.47 31.28
C ASN D 437 10.54 -3.93 30.72
N GLU D 438 9.82 -3.00 30.09
CA GLU D 438 8.55 -3.34 29.48
C GLU D 438 8.77 -4.29 28.31
N TYR D 439 9.75 -3.92 27.48
CA TYR D 439 10.09 -4.68 26.29
C TYR D 439 10.52 -6.08 26.69
N GLU D 440 11.47 -6.16 27.61
CA GLU D 440 12.05 -7.41 28.07
C GLU D 440 11.01 -8.36 28.64
N ASN D 441 9.94 -7.81 29.19
CA ASN D 441 8.81 -8.53 29.75
C ASN D 441 7.83 -8.99 28.68
N ASN D 442 7.55 -8.14 27.70
CA ASN D 442 6.69 -8.53 26.59
C ASN D 442 7.26 -9.68 25.77
N ILE D 443 8.60 -9.79 25.66
CA ILE D 443 9.17 -10.82 24.77
C ILE D 443 9.15 -12.20 25.42
N VAL D 444 8.67 -12.32 26.65
CA VAL D 444 8.64 -13.64 27.26
C VAL D 444 7.74 -14.56 26.44
N LYS D 445 6.60 -14.02 26.09
CA LYS D 445 5.56 -14.55 25.25
C LYS D 445 5.47 -13.97 23.85
N ASP D 446 5.85 -12.72 23.59
CA ASP D 446 5.65 -12.20 22.23
C ASP D 446 6.99 -11.96 21.54
N LYS D 447 7.30 -12.84 20.59
CA LYS D 447 8.56 -12.86 19.89
C LYS D 447 8.47 -12.33 18.47
N GLN D 448 7.39 -11.64 18.16
CA GLN D 448 7.24 -11.01 16.86
C GLN D 448 7.87 -9.60 16.83
N ILE D 449 8.64 -9.34 15.78
CA ILE D 449 9.22 -8.01 15.59
C ILE D 449 8.79 -7.35 14.29
N VAL D 450 8.18 -8.12 13.37
CA VAL D 450 7.80 -7.56 12.09
C VAL D 450 6.64 -8.32 11.46
N GLU D 451 5.84 -7.62 10.68
CA GLU D 451 4.80 -8.18 9.84
C GLU D 451 5.12 -7.88 8.37
N ASP D 452 4.82 -8.86 7.51
CA ASP D 452 5.01 -8.68 6.07
C ASP D 452 3.82 -7.98 5.43
N TYR D 453 4.03 -6.77 4.90
CA TYR D 453 2.94 -6.02 4.28
C TYR D 453 3.32 -5.51 2.90
N ALA D 454 2.36 -5.61 1.98
CA ALA D 454 2.49 -5.09 0.62
C ALA D 454 2.14 -3.61 0.56
N VAL D 455 2.73 -2.91 -0.40
CA VAL D 455 2.42 -1.50 -0.60
C VAL D 455 1.17 -1.34 -1.45
N PRO D 456 0.23 -0.51 -1.01
CA PRO D 456 -1.00 -0.31 -1.81
C PRO D 456 -0.71 0.49 -3.07
N THR D 457 -1.56 0.33 -4.09
CA THR D 457 -1.21 0.96 -5.35
C THR D 457 -1.58 2.44 -5.35
N SER D 458 -2.51 2.79 -4.48
CA SER D 458 -3.01 4.13 -4.31
C SER D 458 -3.32 4.41 -2.85
N ALA D 459 -2.59 5.35 -2.26
CA ALA D 459 -2.69 5.68 -0.85
C ALA D 459 -1.95 6.98 -0.50
N ARG D 460 -2.28 7.47 0.68
CA ARG D 460 -1.75 8.66 1.33
C ARG D 460 -1.27 8.31 2.72
N GLY D 461 -0.17 8.92 3.16
CA GLY D 461 0.32 8.69 4.50
C GLY D 461 1.11 9.88 5.01
N VAL D 462 1.11 10.07 6.32
CA VAL D 462 2.00 11.07 6.92
C VAL D 462 2.62 10.46 8.18
N GLY D 463 3.91 10.70 8.36
CA GLY D 463 4.68 10.19 9.49
C GLY D 463 5.13 11.33 10.37
N PHE D 464 4.92 11.21 11.68
CA PHE D 464 5.32 12.27 12.60
C PHE D 464 6.38 11.78 13.58
N ALA D 465 7.38 12.61 13.84
CA ALA D 465 8.28 12.36 14.95
C ALA D 465 8.64 13.70 15.59
N ASP D 466 8.78 13.70 16.91
CA ASP D 466 9.38 14.84 17.59
C ASP D 466 10.79 14.38 18.01
N VAL D 467 11.76 14.92 17.29
CA VAL D 467 13.14 14.44 17.40
C VAL D 467 14.02 15.52 18.02
N SER D 468 15.33 15.39 18.01
CA SER D 468 16.23 16.29 18.72
C SER D 468 15.90 17.77 18.52
N ARG D 469 15.58 18.15 17.28
CA ARG D 469 15.37 19.57 17.05
C ARG D 469 13.91 19.99 16.92
N GLY D 470 12.98 19.05 17.02
CA GLY D 470 11.57 19.33 17.01
C GLY D 470 10.71 18.46 16.12
N GLY D 471 9.63 19.06 15.64
CA GLY D 471 8.59 18.36 14.90
C GLY D 471 8.95 18.10 13.45
N LEU D 472 9.12 16.81 13.16
CA LEU D 472 9.44 16.30 11.85
C LEU D 472 8.22 15.65 11.19
N SER D 473 7.96 15.93 9.93
CA SER D 473 6.86 15.22 9.29
C SER D 473 7.24 14.91 7.84
N HIS D 474 6.85 13.69 7.45
CA HIS D 474 6.97 13.23 6.10
C HIS D 474 5.55 12.91 5.56
N TRP D 475 5.27 13.42 4.39
CA TRP D 475 3.95 13.39 3.76
C TRP D 475 4.00 12.75 2.38
N MET D 476 3.36 11.61 2.14
CA MET D 476 3.48 10.93 0.86
C MET D 476 2.13 10.52 0.25
N THR D 477 2.04 10.71 -1.04
CA THR D 477 0.98 10.16 -1.88
C THR D 477 1.56 9.08 -2.79
N ILE D 478 0.94 7.89 -2.75
CA ILE D 478 1.36 6.80 -3.62
C ILE D 478 0.36 6.67 -4.78
N GLU D 479 0.85 6.57 -6.01
CA GLU D 479 -0.01 6.34 -7.16
C GLU D 479 0.69 5.34 -8.08
N ASP D 480 -0.12 4.40 -8.54
CA ASP D 480 0.31 3.30 -9.40
C ASP D 480 1.48 2.56 -8.75
N GLY D 481 1.43 2.45 -7.43
CA GLY D 481 2.44 1.74 -6.66
C GLY D 481 3.76 2.49 -6.58
N LYS D 482 3.73 3.76 -6.95
CA LYS D 482 4.94 4.57 -7.01
C LYS D 482 4.83 5.78 -6.11
N ILE D 483 5.99 6.35 -5.73
CA ILE D 483 5.91 7.62 -5.02
C ILE D 483 5.45 8.70 -6.01
N ASP D 484 4.27 9.26 -5.74
CA ASP D 484 3.67 10.30 -6.55
C ASP D 484 4.23 11.67 -6.16
N ASN D 485 3.99 12.00 -4.90
CA ASN D 485 4.55 13.18 -4.25
C ASN D 485 5.03 12.81 -2.85
N PHE D 486 6.16 13.40 -2.45
CA PHE D 486 6.74 13.19 -1.15
C PHE D 486 7.27 14.53 -0.63
N GLN D 487 6.87 14.91 0.58
CA GLN D 487 7.33 16.22 1.05
C GLN D 487 7.85 16.08 2.46
N LEU D 488 9.09 16.55 2.66
CA LEU D 488 9.65 16.64 3.99
C LEU D 488 9.42 18.09 4.49
N VAL D 489 9.05 18.18 5.74
CA VAL D 489 8.91 19.38 6.55
C VAL D 489 9.60 19.12 7.88
N VAL D 490 10.76 19.75 8.05
CA VAL D 490 11.74 19.34 9.05
C VAL D 490 11.88 20.35 10.16
N PRO D 491 12.23 19.98 11.39
CA PRO D 491 12.26 20.93 12.50
C PRO D 491 13.09 22.18 12.24
N THR D 492 14.30 22.07 11.67
CA THR D 492 15.04 23.31 11.40
C THR D 492 14.38 24.11 10.28
N THR D 493 13.54 23.53 9.44
CA THR D 493 12.80 24.30 8.45
C THR D 493 11.93 25.33 9.18
N TRP D 494 11.30 24.84 10.26
CA TRP D 494 10.50 25.74 11.06
C TRP D 494 11.38 26.81 11.70
N ASN D 495 12.38 26.35 12.46
CA ASN D 495 13.12 27.28 13.32
C ASN D 495 13.97 28.28 12.55
N LEU D 496 14.56 27.86 11.44
CA LEU D 496 15.51 28.67 10.68
C LEU D 496 15.01 29.04 9.30
N GLY D 497 13.70 28.94 9.10
CA GLY D 497 13.13 29.39 7.84
C GLY D 497 13.19 30.92 7.81
N PRO D 498 12.82 31.45 6.67
CA PRO D 498 12.75 32.90 6.46
C PRO D 498 11.39 33.46 6.81
N ARG D 499 11.14 34.68 6.34
CA ARG D 499 9.86 35.35 6.51
C ARG D 499 8.78 34.76 5.62
N ASP D 500 7.52 34.97 6.00
CA ASP D 500 6.37 34.45 5.26
C ASP D 500 5.74 35.54 4.41
N ASP D 501 4.54 35.31 3.88
CA ASP D 501 3.99 36.27 2.92
C ASP D 501 3.53 37.55 3.60
N LYS D 502 3.40 37.54 4.91
CA LYS D 502 3.13 38.75 5.66
C LYS D 502 4.39 39.31 6.30
N GLY D 503 5.56 38.85 5.87
CA GLY D 503 6.79 39.42 6.39
C GLY D 503 7.10 39.06 7.81
N VAL D 504 6.36 38.13 8.40
CA VAL D 504 6.65 37.70 9.76
C VAL D 504 7.86 36.79 9.78
N PRO D 505 8.86 37.09 10.60
CA PRO D 505 10.08 36.26 10.62
C PRO D 505 9.82 34.90 11.26
N SER D 506 10.66 33.92 10.92
CA SER D 506 10.61 32.63 11.63
C SER D 506 11.27 32.76 12.99
N ALA D 507 11.23 31.73 13.83
CA ALA D 507 11.59 31.85 15.24
C ALA D 507 13.01 32.33 15.53
N ALA D 508 14.02 31.82 14.83
CA ALA D 508 15.40 32.22 15.11
C ALA D 508 15.61 33.68 14.70
N GLU D 509 15.07 34.06 13.56
CA GLU D 509 15.16 35.46 13.08
C GLU D 509 14.55 36.39 14.12
N ALA D 510 13.48 35.91 14.75
CA ALA D 510 12.83 36.76 15.76
C ALA D 510 13.62 36.84 17.03
N ALA D 511 14.21 35.70 17.39
CA ALA D 511 14.89 35.57 18.66
C ALA D 511 16.14 36.46 18.73
N LEU D 512 16.73 36.71 17.58
CA LEU D 512 17.94 37.49 17.43
C LEU D 512 17.69 38.98 17.64
N VAL D 513 16.43 39.36 17.54
CA VAL D 513 16.08 40.76 17.82
C VAL D 513 16.31 41.05 19.31
N GLY D 514 17.03 42.12 19.58
CA GLY D 514 17.37 42.53 20.94
C GLY D 514 18.69 41.99 21.41
N THR D 515 19.41 41.26 20.54
CA THR D 515 20.70 40.72 20.98
C THR D 515 21.76 41.82 21.14
N PRO D 516 22.49 41.80 22.24
CA PRO D 516 23.59 42.75 22.38
C PRO D 516 24.79 42.24 21.59
N VAL D 517 25.60 43.15 21.04
CA VAL D 517 26.87 42.73 20.46
C VAL D 517 28.01 43.52 21.08
N ALA D 518 28.86 42.86 21.84
CA ALA D 518 30.01 43.54 22.45
C ALA D 518 31.07 43.93 21.44
N ASP D 519 31.27 43.11 20.42
CA ASP D 519 32.31 43.30 19.40
C ASP D 519 31.77 42.80 18.06
N PRO D 520 31.44 43.70 17.15
CA PRO D 520 30.80 43.30 15.90
C PRO D 520 31.71 42.46 15.02
N LYS D 521 32.97 42.31 15.37
CA LYS D 521 33.93 41.49 14.64
C LYS D 521 34.03 40.07 15.17
N ARG D 522 33.53 39.86 16.37
CA ARG D 522 33.49 38.55 17.02
C ARG D 522 32.10 38.28 17.61
N PRO D 523 31.19 37.91 16.74
CA PRO D 523 29.77 37.79 17.10
C PRO D 523 29.39 36.59 17.94
N VAL D 524 30.00 36.44 19.10
CA VAL D 524 29.67 35.37 20.03
C VAL D 524 28.19 35.41 20.41
N GLU D 525 27.56 36.58 20.54
CA GLU D 525 26.15 36.63 20.92
C GLU D 525 25.25 36.06 19.85
N ILE D 526 25.52 36.32 18.58
CA ILE D 526 24.68 35.68 17.53
C ILE D 526 24.74 34.17 17.55
N LEU D 527 25.95 33.68 17.76
CA LEU D 527 26.23 32.26 17.83
C LEU D 527 25.50 31.62 19.01
N ARG D 528 25.48 32.31 20.15
CA ARG D 528 24.87 31.75 21.34
C ARG D 528 23.39 31.45 21.10
N THR D 529 22.69 32.42 20.54
CA THR D 529 21.27 32.23 20.22
C THR D 529 21.08 31.27 19.07
N ILE D 530 21.80 31.42 17.96
CA ILE D 530 21.56 30.51 16.83
C ILE D 530 21.88 29.07 17.22
N HIS D 531 23.01 28.85 17.88
CA HIS D 531 23.36 27.52 18.36
C HIS D 531 22.33 26.98 19.36
N SER D 532 21.67 27.82 20.15
CA SER D 532 20.67 27.33 21.10
C SER D 532 19.52 26.65 20.37
N PHE D 533 19.29 26.97 19.10
CA PHE D 533 18.28 26.30 18.30
C PHE D 533 18.79 25.00 17.67
N ASP D 534 20.08 24.74 17.78
CA ASP D 534 20.65 23.52 17.22
C ASP D 534 20.28 23.30 15.75
N PRO D 535 20.61 24.26 14.87
CA PRO D 535 20.20 24.14 13.48
C PRO D 535 20.97 23.09 12.69
N CYS D 536 20.20 22.50 11.76
CA CYS D 536 20.71 21.64 10.72
C CYS D 536 20.10 22.01 9.38
N ILE D 537 20.97 22.45 8.48
CA ILE D 537 20.49 23.00 7.21
C ILE D 537 20.37 21.93 6.16
N ALA D 538 21.05 20.79 6.35
CA ALA D 538 20.83 19.67 5.44
C ALA D 538 19.40 19.20 5.67
N CYS D 539 19.00 19.09 6.93
CA CYS D 539 17.63 18.82 7.33
C CYS D 539 16.66 19.88 6.80
N SER D 540 17.00 21.16 7.03
CA SER D 540 16.00 22.22 6.80
C SER D 540 15.66 22.36 5.32
N THR D 541 16.62 22.18 4.43
CA THR D 541 16.50 22.37 3.00
C THR D 541 16.18 21.07 2.28
N HIS D 542 16.89 19.99 2.58
CA HIS D 542 16.81 18.69 1.92
C HIS D 542 16.79 18.82 0.40
FE1 F3S E . -9.77 -22.97 2.02
FE3 F3S E . -10.31 -22.25 -0.53
FE4 F3S E . -9.07 -20.51 1.14
S1 F3S E . -11.67 -23.42 0.83
S2 F3S E . -9.95 -21.02 3.16
S3 F3S E . -8.25 -22.49 0.40
S4 F3S E . -10.64 -20.01 -0.40
FE1 SF4 F . -8.71 -25.05 10.18
FE2 SF4 F . -7.79 -22.92 11.54
FE3 SF4 F . -8.27 -25.21 12.90
FE4 SF4 F . -6.25 -25.15 11.26
S1 SF4 F . -6.51 -23.89 13.25
S2 SF4 F . -7.80 -26.79 11.35
S3 SF4 F . -6.96 -23.74 9.53
S4 SF4 F . -9.82 -23.75 11.87
FE1 FSX G . -15.28 -21.79 -11.16
FE2 FSX G . -12.93 -20.78 -13.01
FE3 FSX G . -13.57 -23.09 -9.47
FE4 FSX G . -12.72 -23.67 -12.01
O1 FSX G . -11.89 -20.09 -11.27
S2 FSX G . -14.38 -21.03 -9.28
S3 FSX G . -14.81 -24.04 -11.13
S4 FSX G . -11.49 -23.05 -10.26
O24 FSX G . -12.53 -22.52 -13.42
O12 FSX G . -14.72 -20.94 -12.70
S H2S H . -8.42 -30.64 -9.32
NI FNE I . -24.79 -18.66 -13.85
FE FNE I . -27.49 -19.14 -12.89
C1 FNE I . -28.44 -17.67 -12.25
C2 FNE I . -28.41 -20.21 -11.76
C3 FNE I . -28.56 -19.40 -14.31
O1 FNE I . -29.15 -16.83 -12.02
O2 FNE I . -29.21 -20.67 -11.18
O3 FNE I . -29.23 -19.52 -15.24
S4 FNE I . -26.36 -17.60 -14.12
MG MG J . -29.97 -30.73 -15.37
S H2S K . -29.57 -14.08 -7.47
FE1 F3S L . 26.20 -2.61 2.74
FE3 F3S L . 26.73 0.03 3.26
FE4 F3S L . 28.17 -1.93 4.47
S1 F3S L . 24.70 -0.93 2.97
S2 F3S L . 26.65 -3.59 4.72
S3 F3S L . 28.13 -1.48 2.25
S4 F3S L . 27.48 0.03 5.38
FE1 SF4 M . 23.94 -10.75 1.72
FE2 SF4 M . 25.74 -12.50 0.72
FE3 SF4 M . 25.45 -12.27 3.35
FE4 SF4 M . 23.51 -13.46 1.86
S1 SF4 M . 25.57 -14.26 2.25
S2 SF4 M . 23.15 -11.94 3.57
S3 SF4 M . 23.60 -12.17 -0.05
S4 SF4 M . 26.18 -10.65 2.00
FE1 FSX N . 25.66 11.62 4.26
FE2 FSX N . 28.60 12.67 3.82
FE3 FSX N . 26.05 9.51 2.61
FE4 FSX N . 27.14 11.64 1.28
O1 FSX N . 29.22 10.66 4.14
S2 FSX N . 26.33 9.58 4.80
S3 FSX N . 24.98 11.45 2.08
S4 FSX N . 28.03 9.64 1.58
O24 FSX N . 28.08 13.00 2.11
O12 FSX N . 26.93 12.88 4.60
S H2S O . 26.86 7.72 -6.44
NI FNE P . 19.85 17.11 10.83
FE FNE P . 17.06 16.97 11.82
C1 FNE P . 16.76 16.61 13.63
C2 FNE P . 15.49 16.14 11.33
C3 FNE P . 16.25 18.59 11.98
O1 FNE P . 16.58 16.80 14.73
O2 FNE P . 14.42 15.84 11.41
O3 FNE P . 16.02 19.70 11.91
S4 FNE P . 19.02 17.82 12.45
MG MG Q . 10.30 20.12 2.16
S H2S R . 16.19 12.34 18.07
#